data_1FOV
#
_entry.id   1FOV
#
_cell.length_a   1.000
_cell.length_b   1.000
_cell.length_c   1.000
_cell.angle_alpha   90.00
_cell.angle_beta   90.00
_cell.angle_gamma   90.00
#
_symmetry.space_group_name_H-M   'P 1'
#
_entity_poly.entity_id   1
_entity_poly.type   'polypeptide(L)'
_entity_poly.pdbx_seq_one_letter_code
;ANVEIYTKETCPYCHRAKALLSSKGVSFQELPIDGNAAKREEMIKRSGRTTVPQIFIDAQHIGGYDDLYALDARGGLDPL
LK
;
_entity_poly.pdbx_strand_id   A
#
# COMPACT_ATOMS: atom_id res chain seq x y z
N ALA A 1 -3.78 -12.52 -5.07
CA ALA A 1 -3.13 -11.94 -3.89
C ALA A 1 -3.98 -10.77 -3.40
N ASN A 2 -4.20 -10.67 -2.09
CA ASN A 2 -5.01 -9.62 -1.49
C ASN A 2 -4.15 -8.41 -1.17
N VAL A 3 -4.07 -7.42 -2.06
CA VAL A 3 -3.12 -6.32 -1.93
C VAL A 3 -3.86 -5.01 -2.05
N GLU A 4 -3.65 -4.14 -1.07
CA GLU A 4 -4.34 -2.87 -0.98
C GLU A 4 -3.35 -1.78 -0.61
N ILE A 5 -3.56 -0.58 -1.14
CA ILE A 5 -2.73 0.58 -0.86
C ILE A 5 -3.61 1.80 -0.70
N TYR A 6 -3.64 2.39 0.51
CA TYR A 6 -4.31 3.67 0.69
C TYR A 6 -3.44 4.79 0.11
N THR A 7 -4.07 5.83 -0.48
CA THR A 7 -3.37 6.90 -1.20
C THR A 7 -4.07 8.27 -1.07
N LYS A 8 -3.45 9.37 -1.56
CA LYS A 8 -4.08 10.69 -1.70
C LYS A 8 -3.51 11.42 -2.94
N GLU A 9 -4.08 12.59 -3.26
CA GLU A 9 -3.72 13.48 -4.38
C GLU A 9 -2.23 13.76 -4.42
N THR A 10 -1.62 13.93 -3.24
CA THR A 10 -0.27 14.42 -3.08
C THR A 10 0.40 13.50 -2.08
N CYS A 11 0.99 12.42 -2.59
CA CYS A 11 1.62 11.39 -1.80
C CYS A 11 2.77 10.82 -2.63
N PRO A 12 3.98 11.41 -2.56
CA PRO A 12 5.10 11.02 -3.40
C PRO A 12 5.47 9.56 -3.13
N TYR A 13 5.39 9.10 -1.90
CA TYR A 13 5.68 7.72 -1.56
C TYR A 13 4.58 6.77 -2.03
N CYS A 14 3.32 7.23 -2.19
CA CYS A 14 2.30 6.42 -2.84
C CYS A 14 2.70 6.17 -4.28
N HIS A 15 3.03 7.23 -5.00
CA HIS A 15 3.54 7.12 -6.35
C HIS A 15 4.79 6.23 -6.39
N ARG A 16 5.73 6.33 -5.44
CA ARG A 16 6.89 5.44 -5.36
C ARG A 16 6.47 3.98 -5.34
N ALA A 17 5.61 3.59 -4.39
CA ALA A 17 5.19 2.20 -4.26
C ALA A 17 4.45 1.76 -5.51
N LYS A 18 3.46 2.53 -5.99
CA LYS A 18 2.70 2.13 -7.17
C LYS A 18 3.61 1.99 -8.38
N ALA A 19 4.61 2.87 -8.55
CA ALA A 19 5.51 2.78 -9.68
C ALA A 19 6.32 1.48 -9.62
N LEU A 20 6.72 1.03 -8.43
CA LEU A 20 7.39 -0.25 -8.28
C LEU A 20 6.43 -1.38 -8.66
N LEU A 21 5.20 -1.35 -8.13
CA LEU A 21 4.24 -2.42 -8.37
C LEU A 21 3.86 -2.51 -9.84
N SER A 22 3.78 -1.39 -10.56
CA SER A 22 3.54 -1.38 -12.00
C SER A 22 4.79 -1.79 -12.78
N SER A 23 6.01 -1.56 -12.27
CA SER A 23 7.21 -2.13 -12.84
C SER A 23 7.18 -3.66 -12.69
N LYS A 24 6.72 -4.17 -11.54
CA LYS A 24 6.57 -5.61 -11.39
C LYS A 24 5.37 -6.08 -12.22
N GLY A 25 4.40 -5.20 -12.46
CA GLY A 25 3.20 -5.45 -13.24
C GLY A 25 2.22 -6.31 -12.46
N VAL A 26 2.20 -6.17 -11.13
CA VAL A 26 1.32 -6.96 -10.30
C VAL A 26 -0.11 -6.40 -10.36
N SER A 27 -1.05 -7.15 -9.79
CA SER A 27 -2.43 -6.78 -9.63
C SER A 27 -2.60 -6.29 -8.19
N PHE A 28 -3.04 -5.07 -7.96
CA PHE A 28 -3.24 -4.48 -6.62
C PHE A 28 -4.50 -3.60 -6.60
N GLN A 29 -4.99 -3.25 -5.41
CA GLN A 29 -6.11 -2.34 -5.20
C GLN A 29 -5.57 -1.04 -4.63
N GLU A 30 -6.16 0.08 -5.01
CA GLU A 30 -5.85 1.41 -4.51
C GLU A 30 -7.08 1.92 -3.77
N LEU A 31 -6.89 2.67 -2.68
CA LEU A 31 -7.94 3.20 -1.83
C LEU A 31 -7.71 4.69 -1.58
N PRO A 32 -8.46 5.59 -2.25
CA PRO A 32 -8.22 7.02 -2.14
C PRO A 32 -8.75 7.53 -0.81
N ILE A 33 -8.05 8.50 -0.23
CA ILE A 33 -8.49 9.23 0.96
C ILE A 33 -8.99 10.64 0.57
N ASP A 34 -9.07 10.91 -0.72
CA ASP A 34 -9.34 12.18 -1.34
C ASP A 34 -10.81 12.51 -1.18
N GLY A 35 -11.16 13.28 -0.16
CA GLY A 35 -12.55 13.59 0.20
C GLY A 35 -13.17 12.56 1.15
N ASN A 36 -12.43 11.51 1.51
CA ASN A 36 -12.90 10.36 2.30
C ASN A 36 -12.83 10.76 3.78
N ALA A 37 -13.43 9.96 4.65
CA ALA A 37 -13.43 10.08 6.09
C ALA A 37 -13.88 8.74 6.68
N ALA A 38 -14.94 8.11 6.19
CA ALA A 38 -15.44 6.86 6.75
C ALA A 38 -14.46 5.72 6.51
N LYS A 39 -13.85 5.64 5.33
CA LYS A 39 -12.81 4.64 5.07
C LYS A 39 -11.46 5.11 5.62
N ARG A 40 -11.28 6.39 5.90
CA ARG A 40 -10.11 6.85 6.64
C ARG A 40 -10.20 6.34 8.07
N GLU A 41 -11.39 6.32 8.66
CA GLU A 41 -11.65 5.70 9.96
C GLU A 41 -11.39 4.20 9.86
N GLU A 42 -11.81 3.55 8.76
CA GLU A 42 -11.47 2.14 8.49
C GLU A 42 -9.95 1.94 8.60
N MET A 43 -9.16 2.84 7.99
CA MET A 43 -7.71 2.81 8.05
C MET A 43 -7.16 2.94 9.46
N ILE A 44 -7.89 3.56 10.40
CA ILE A 44 -7.45 3.60 11.79
C ILE A 44 -7.46 2.16 12.32
N LYS A 45 -8.61 1.48 12.19
CA LYS A 45 -8.76 0.13 12.70
C LYS A 45 -7.81 -0.83 11.98
N ARG A 46 -7.60 -0.63 10.68
CA ARG A 46 -6.77 -1.50 9.84
C ARG A 46 -5.30 -1.26 10.10
N SER A 47 -4.83 -0.02 9.94
CA SER A 47 -3.40 0.26 9.94
C SER A 47 -2.89 0.59 11.33
N GLY A 48 -3.67 1.33 12.13
CA GLY A 48 -3.18 1.90 13.38
C GLY A 48 -2.15 2.99 13.09
N ARG A 49 -2.37 3.79 12.05
CA ARG A 49 -1.49 4.87 11.62
C ARG A 49 -2.31 6.01 10.99
N THR A 50 -3.10 5.74 9.94
CA THR A 50 -4.06 6.67 9.33
C THR A 50 -3.38 7.63 8.34
N THR A 51 -2.12 7.35 8.00
CA THR A 51 -1.24 8.07 7.10
C THR A 51 -1.05 7.22 5.84
N VAL A 52 -0.40 7.75 4.81
CA VAL A 52 -0.15 6.98 3.58
C VAL A 52 1.24 7.26 2.99
N PRO A 53 1.74 6.43 2.05
CA PRO A 53 1.14 5.19 1.57
C PRO A 53 1.07 4.20 2.71
N GLN A 54 0.07 3.34 2.69
CA GLN A 54 0.05 2.21 3.60
C GLN A 54 -0.43 1.01 2.81
N ILE A 55 0.52 0.12 2.55
CA ILE A 55 0.34 -1.07 1.76
C ILE A 55 0.02 -2.21 2.72
N PHE A 56 -0.81 -3.11 2.23
CA PHE A 56 -1.30 -4.31 2.84
C PHE A 56 -1.02 -5.38 1.80
N ILE A 57 -0.29 -6.44 2.15
CA ILE A 57 0.03 -7.53 1.24
C ILE A 57 -0.54 -8.79 1.90
N ASP A 58 -1.49 -9.46 1.25
CA ASP A 58 -2.24 -10.58 1.79
C ASP A 58 -2.80 -10.23 3.17
N ALA A 59 -3.50 -9.08 3.18
CA ALA A 59 -4.12 -8.40 4.31
C ALA A 59 -3.14 -7.99 5.41
N GLN A 60 -1.85 -8.25 5.24
CA GLN A 60 -0.81 -7.98 6.21
C GLN A 60 -0.35 -6.56 6.01
N HIS A 61 -0.69 -5.68 6.94
CA HIS A 61 -0.31 -4.28 6.92
C HIS A 61 1.22 -4.19 7.01
N ILE A 62 1.86 -3.79 5.92
CA ILE A 62 3.30 -3.64 5.86
C ILE A 62 3.70 -2.32 6.52
N GLY A 63 3.14 -1.21 6.05
CA GLY A 63 3.55 0.14 6.38
C GLY A 63 3.69 0.87 5.05
N GLY A 64 4.68 1.73 4.90
CA GLY A 64 4.79 2.65 3.76
C GLY A 64 5.73 2.16 2.67
N TYR A 65 6.10 3.06 1.76
CA TYR A 65 6.88 2.68 0.58
C TYR A 65 8.20 2.05 0.99
N ASP A 66 8.90 2.62 1.97
CA ASP A 66 10.22 2.11 2.37
C ASP A 66 10.07 0.69 2.94
N ASP A 67 8.98 0.42 3.65
CA ASP A 67 8.66 -0.86 4.29
C ASP A 67 8.35 -1.94 3.23
N LEU A 68 7.53 -1.55 2.25
CA LEU A 68 7.15 -2.30 1.06
C LEU A 68 8.36 -2.60 0.18
N TYR A 69 9.15 -1.57 -0.09
CA TYR A 69 10.27 -1.67 -1.00
C TYR A 69 11.35 -2.54 -0.36
N ALA A 70 11.43 -2.55 0.98
CA ALA A 70 12.25 -3.51 1.71
C ALA A 70 11.71 -4.93 1.55
N LEU A 71 10.39 -5.15 1.65
CA LEU A 71 9.77 -6.45 1.40
C LEU A 71 10.12 -6.95 -0.02
N ASP A 72 10.16 -6.05 -1.00
CA ASP A 72 10.66 -6.33 -2.35
C ASP A 72 12.17 -6.64 -2.35
N ALA A 73 12.94 -5.89 -1.57
CA ALA A 73 14.40 -6.00 -1.51
C ALA A 73 14.86 -7.34 -0.94
N ARG A 74 14.03 -7.96 -0.11
CA ARG A 74 14.24 -9.30 0.43
C ARG A 74 13.65 -10.38 -0.46
N GLY A 75 13.11 -10.02 -1.61
CA GLY A 75 12.50 -10.97 -2.54
C GLY A 75 11.23 -11.60 -1.98
N GLY A 76 10.64 -10.97 -0.96
CA GLY A 76 9.50 -11.50 -0.21
C GLY A 76 8.18 -10.92 -0.67
N LEU A 77 8.20 -9.85 -1.48
CA LEU A 77 7.00 -9.23 -2.02
C LEU A 77 6.42 -10.12 -3.12
N ASP A 78 7.27 -10.54 -4.04
CA ASP A 78 6.94 -11.34 -5.21
C ASP A 78 6.18 -12.63 -4.83
N PRO A 79 6.64 -13.49 -3.90
CA PRO A 79 5.94 -14.74 -3.55
C PRO A 79 4.61 -14.53 -2.83
N LEU A 80 4.29 -13.30 -2.42
CA LEU A 80 2.97 -12.95 -1.92
C LEU A 80 2.11 -12.48 -3.09
N LEU A 81 2.61 -11.56 -3.91
CA LEU A 81 1.88 -10.89 -5.00
C LEU A 81 1.79 -11.64 -6.33
N LYS A 82 2.67 -12.59 -6.63
CA LYS A 82 2.81 -13.18 -7.95
C LYS A 82 2.90 -14.68 -7.82
N ALA A 1 -1.62 -12.32 -4.50
CA ALA A 1 -2.40 -12.14 -3.27
C ALA A 1 -3.28 -10.90 -3.38
N ASN A 2 -4.24 -10.69 -2.47
CA ASN A 2 -4.96 -9.43 -2.39
C ASN A 2 -3.98 -8.42 -1.79
N VAL A 3 -3.70 -7.35 -2.51
CA VAL A 3 -2.76 -6.32 -2.09
C VAL A 3 -3.49 -5.02 -2.19
N GLU A 4 -3.38 -4.21 -1.15
CA GLU A 4 -4.21 -3.04 -0.97
C GLU A 4 -3.34 -1.90 -0.49
N ILE A 5 -3.39 -0.75 -1.17
CA ILE A 5 -2.54 0.39 -0.86
C ILE A 5 -3.39 1.64 -0.71
N TYR A 6 -3.51 2.16 0.51
CA TYR A 6 -4.27 3.38 0.75
C TYR A 6 -3.48 4.58 0.23
N THR A 7 -4.16 5.58 -0.34
CA THR A 7 -3.54 6.71 -1.05
C THR A 7 -4.36 8.01 -0.89
N LYS A 8 -3.93 9.13 -1.48
CA LYS A 8 -4.73 10.36 -1.60
C LYS A 8 -4.29 11.09 -2.88
N GLU A 9 -4.80 12.30 -3.07
CA GLU A 9 -4.46 13.32 -4.05
C GLU A 9 -2.96 13.35 -4.34
N THR A 10 -2.20 13.68 -3.31
CA THR A 10 -0.78 14.00 -3.37
C THR A 10 -0.13 13.23 -2.23
N CYS A 11 0.85 12.40 -2.55
CA CYS A 11 1.56 11.53 -1.63
C CYS A 11 2.77 10.97 -2.37
N PRO A 12 4.00 11.49 -2.17
CA PRO A 12 5.15 11.08 -2.94
C PRO A 12 5.46 9.61 -2.68
N TYR A 13 5.26 9.15 -1.44
CA TYR A 13 5.55 7.78 -1.06
C TYR A 13 4.52 6.83 -1.65
N CYS A 14 3.27 7.26 -1.81
CA CYS A 14 2.24 6.48 -2.50
C CYS A 14 2.68 6.28 -3.95
N HIS A 15 3.04 7.37 -4.64
CA HIS A 15 3.58 7.29 -5.98
C HIS A 15 4.80 6.35 -6.01
N ARG A 16 5.75 6.44 -5.07
CA ARG A 16 6.93 5.57 -5.08
C ARG A 16 6.54 4.10 -4.99
N ALA A 17 5.69 3.73 -4.04
CA ALA A 17 5.20 2.37 -3.92
C ALA A 17 4.46 1.95 -5.19
N LYS A 18 3.60 2.80 -5.77
CA LYS A 18 2.94 2.50 -7.03
C LYS A 18 3.98 2.22 -8.11
N ALA A 19 4.96 3.10 -8.28
CA ALA A 19 5.97 3.00 -9.33
C ALA A 19 6.85 1.76 -9.13
N LEU A 20 6.94 1.22 -7.92
CA LEU A 20 7.57 -0.07 -7.61
C LEU A 20 6.65 -1.22 -8.03
N LEU A 21 5.38 -1.18 -7.63
CA LEU A 21 4.39 -2.20 -7.94
C LEU A 21 4.17 -2.32 -9.45
N SER A 22 4.10 -1.19 -10.15
CA SER A 22 4.01 -1.10 -11.59
C SER A 22 5.31 -1.56 -12.25
N SER A 23 6.45 -1.43 -11.57
CA SER A 23 7.71 -2.02 -11.99
C SER A 23 7.55 -3.53 -11.99
N LYS A 24 6.91 -4.13 -10.97
CA LYS A 24 6.72 -5.57 -10.91
C LYS A 24 5.48 -6.02 -11.70
N GLY A 25 4.69 -5.08 -12.21
CA GLY A 25 3.57 -5.36 -13.10
C GLY A 25 2.44 -6.07 -12.39
N VAL A 26 2.23 -5.75 -11.12
CA VAL A 26 1.36 -6.50 -10.24
C VAL A 26 -0.07 -5.94 -10.27
N SER A 27 -1.05 -6.76 -9.91
CA SER A 27 -2.42 -6.32 -9.72
C SER A 27 -2.59 -6.04 -8.22
N PHE A 28 -2.50 -4.77 -7.85
CA PHE A 28 -2.85 -4.30 -6.52
C PHE A 28 -4.18 -3.53 -6.59
N GLN A 29 -4.81 -3.29 -5.45
CA GLN A 29 -5.94 -2.39 -5.27
C GLN A 29 -5.39 -1.10 -4.68
N GLU A 30 -5.95 0.04 -5.07
CA GLU A 30 -5.69 1.32 -4.43
C GLU A 30 -6.90 1.71 -3.59
N LEU A 31 -6.66 2.36 -2.45
CA LEU A 31 -7.67 2.67 -1.44
C LEU A 31 -7.56 4.15 -1.10
N PRO A 32 -7.93 5.03 -2.03
CA PRO A 32 -7.73 6.45 -1.83
C PRO A 32 -8.67 6.93 -0.72
N ILE A 33 -8.21 7.81 0.15
CA ILE A 33 -9.03 8.51 1.14
C ILE A 33 -9.41 9.91 0.67
N ASP A 34 -8.92 10.32 -0.50
CA ASP A 34 -9.05 11.67 -1.04
C ASP A 34 -10.50 12.11 -1.29
N GLY A 35 -11.40 11.16 -1.47
CA GLY A 35 -12.84 11.34 -1.50
C GLY A 35 -13.54 10.23 -0.72
N ASN A 36 -12.93 9.75 0.36
CA ASN A 36 -13.38 8.60 1.13
C ASN A 36 -13.08 8.84 2.62
N ALA A 37 -13.88 9.69 3.25
CA ALA A 37 -13.82 9.92 4.69
C ALA A 37 -14.23 8.72 5.53
N ALA A 38 -14.91 7.71 4.96
CA ALA A 38 -15.30 6.52 5.69
C ALA A 38 -14.07 5.72 6.08
N LYS A 39 -13.31 5.25 5.09
CA LYS A 39 -12.16 4.39 5.33
C LYS A 39 -10.96 5.20 5.81
N ARG A 40 -11.01 6.53 5.70
CA ARG A 40 -10.04 7.42 6.34
C ARG A 40 -10.01 7.13 7.83
N GLU A 41 -11.18 6.97 8.45
CA GLU A 41 -11.30 6.64 9.87
C GLU A 41 -10.91 5.17 10.09
N GLU A 42 -11.34 4.26 9.22
CA GLU A 42 -11.02 2.85 9.41
C GLU A 42 -9.51 2.62 9.37
N MET A 43 -8.77 3.42 8.58
CA MET A 43 -7.32 3.40 8.48
C MET A 43 -6.63 3.59 9.84
N ILE A 44 -7.33 4.06 10.87
CA ILE A 44 -6.81 4.09 12.23
C ILE A 44 -6.60 2.64 12.65
N LYS A 45 -7.66 1.85 12.89
CA LYS A 45 -7.45 0.48 13.33
C LYS A 45 -6.80 -0.39 12.25
N ARG A 46 -6.99 -0.08 10.97
CA ARG A 46 -6.37 -0.83 9.87
C ARG A 46 -4.86 -0.64 9.92
N SER A 47 -4.36 0.60 9.98
CA SER A 47 -2.92 0.83 9.79
C SER A 47 -2.19 1.13 11.09
N GLY A 48 -2.84 1.78 12.05
CA GLY A 48 -2.19 2.32 13.23
C GLY A 48 -1.28 3.50 12.89
N ARG A 49 -1.57 4.20 11.78
CA ARG A 49 -0.85 5.38 11.33
C ARG A 49 -1.81 6.45 10.86
N THR A 50 -2.74 6.13 9.94
CA THR A 50 -3.74 7.07 9.43
C THR A 50 -3.11 8.06 8.42
N THR A 51 -1.83 7.89 8.15
CA THR A 51 -1.00 8.49 7.12
C THR A 51 -1.18 7.67 5.84
N VAL A 52 -0.55 8.10 4.76
CA VAL A 52 -0.47 7.28 3.55
C VAL A 52 1.00 7.19 3.07
N PRO A 53 1.36 6.20 2.23
CA PRO A 53 0.53 5.06 1.87
C PRO A 53 0.44 4.07 3.04
N GLN A 54 -0.49 3.13 2.95
CA GLN A 54 -0.56 1.99 3.84
C GLN A 54 -0.75 0.78 2.96
N ILE A 55 0.31 -0.02 2.76
CA ILE A 55 0.21 -1.25 1.99
C ILE A 55 -0.25 -2.34 2.94
N PHE A 56 -1.07 -3.23 2.44
CA PHE A 56 -1.59 -4.41 3.08
C PHE A 56 -1.45 -5.55 2.09
N ILE A 57 -1.15 -6.78 2.55
CA ILE A 57 -1.16 -7.98 1.73
C ILE A 57 -1.94 -9.01 2.53
N ASP A 58 -3.04 -9.53 2.00
CA ASP A 58 -3.99 -10.35 2.78
C ASP A 58 -4.30 -9.75 4.15
N ALA A 59 -4.55 -8.44 4.14
CA ALA A 59 -4.89 -7.56 5.26
C ALA A 59 -3.73 -7.33 6.24
N GLN A 60 -2.56 -7.92 6.01
CA GLN A 60 -1.38 -7.75 6.84
C GLN A 60 -0.82 -6.37 6.56
N HIS A 61 -0.93 -5.42 7.50
CA HIS A 61 -0.37 -4.09 7.30
C HIS A 61 1.14 -4.21 7.18
N ILE A 62 1.67 -3.91 6.01
CA ILE A 62 3.10 -3.94 5.73
C ILE A 62 3.74 -2.69 6.33
N GLY A 63 3.24 -1.51 5.96
CA GLY A 63 3.83 -0.22 6.29
C GLY A 63 3.56 0.77 5.17
N GLY A 64 4.52 1.65 4.91
CA GLY A 64 4.56 2.63 3.84
C GLY A 64 5.48 2.15 2.71
N TYR A 65 5.90 3.06 1.81
CA TYR A 65 6.68 2.67 0.62
C TYR A 65 7.95 1.93 0.99
N ASP A 66 8.73 2.45 1.93
CA ASP A 66 10.06 1.92 2.22
C ASP A 66 9.95 0.48 2.75
N ASP A 67 8.88 0.20 3.49
CA ASP A 67 8.56 -1.10 4.08
C ASP A 67 8.21 -2.12 3.01
N LEU A 68 7.39 -1.70 2.06
CA LEU A 68 7.09 -2.42 0.83
C LEU A 68 8.37 -2.73 0.09
N TYR A 69 9.17 -1.69 -0.13
CA TYR A 69 10.31 -1.78 -1.00
C TYR A 69 11.34 -2.73 -0.38
N ALA A 70 11.39 -2.79 0.96
CA ALA A 70 12.13 -3.78 1.72
C ALA A 70 11.55 -5.19 1.56
N LEU A 71 10.23 -5.40 1.55
CA LEU A 71 9.65 -6.70 1.21
C LEU A 71 10.13 -7.16 -0.16
N ASP A 72 10.10 -6.25 -1.13
CA ASP A 72 10.61 -6.52 -2.47
C ASP A 72 12.12 -6.80 -2.47
N ALA A 73 12.88 -6.14 -1.58
CA ALA A 73 14.31 -6.35 -1.39
C ALA A 73 14.61 -7.71 -0.72
N ARG A 74 13.61 -8.36 -0.12
CA ARG A 74 13.70 -9.74 0.34
C ARG A 74 13.39 -10.73 -0.78
N GLY A 75 13.00 -10.24 -1.97
CA GLY A 75 12.45 -11.09 -3.02
C GLY A 75 11.07 -11.62 -2.59
N GLY A 76 10.46 -11.00 -1.58
CA GLY A 76 9.25 -11.50 -0.92
C GLY A 76 7.99 -10.83 -1.44
N LEU A 77 8.11 -9.78 -2.26
CA LEU A 77 6.96 -9.13 -2.87
C LEU A 77 6.39 -10.01 -3.98
N ASP A 78 7.26 -10.50 -4.86
CA ASP A 78 6.91 -11.32 -6.02
C ASP A 78 6.02 -12.50 -5.64
N PRO A 79 6.38 -13.39 -4.70
CA PRO A 79 5.54 -14.56 -4.37
C PRO A 79 4.24 -14.20 -3.65
N LEU A 80 3.98 -12.91 -3.37
CA LEU A 80 2.71 -12.40 -2.87
C LEU A 80 1.94 -11.62 -3.94
N LEU A 81 2.51 -11.44 -5.13
CA LEU A 81 1.91 -10.68 -6.23
C LEU A 81 2.12 -11.40 -7.57
N LYS A 82 2.41 -12.69 -7.50
CA LYS A 82 2.53 -13.54 -8.66
C LYS A 82 1.13 -13.89 -9.14
N ALA A 1 -1.63 -12.86 -4.86
CA ALA A 1 -2.13 -12.81 -3.47
C ALA A 1 -2.83 -11.46 -3.23
N ASN A 2 -3.29 -11.18 -2.00
CA ASN A 2 -4.02 -9.94 -1.71
C ASN A 2 -3.02 -8.79 -1.60
N VAL A 3 -3.16 -7.73 -2.40
CA VAL A 3 -2.29 -6.55 -2.32
C VAL A 3 -3.16 -5.30 -2.34
N GLU A 4 -3.06 -4.50 -1.28
CA GLU A 4 -3.78 -3.26 -1.15
C GLU A 4 -2.82 -2.15 -0.78
N ILE A 5 -3.13 -0.94 -1.26
CA ILE A 5 -2.38 0.26 -0.97
C ILE A 5 -3.37 1.39 -0.78
N TYR A 6 -3.37 1.98 0.41
CA TYR A 6 -4.11 3.18 0.74
C TYR A 6 -3.33 4.39 0.21
N THR A 7 -4.03 5.33 -0.43
CA THR A 7 -3.46 6.43 -1.21
C THR A 7 -4.29 7.72 -1.06
N LYS A 8 -3.96 8.82 -1.73
CA LYS A 8 -4.81 10.02 -1.84
C LYS A 8 -4.39 10.78 -3.08
N GLU A 9 -5.09 11.88 -3.36
CA GLU A 9 -4.88 12.78 -4.49
C GLU A 9 -3.44 13.32 -4.55
N THR A 10 -2.74 13.38 -3.42
CA THR A 10 -1.33 13.72 -3.34
C THR A 10 -0.66 12.71 -2.41
N CYS A 11 0.33 11.96 -2.91
CA CYS A 11 1.09 10.98 -2.15
C CYS A 11 2.34 10.50 -2.92
N PRO A 12 3.52 11.12 -2.71
CA PRO A 12 4.75 10.69 -3.38
C PRO A 12 5.16 9.28 -2.97
N TYR A 13 5.04 8.85 -1.70
CA TYR A 13 5.49 7.50 -1.34
C TYR A 13 4.50 6.47 -1.88
N CYS A 14 3.21 6.79 -2.03
CA CYS A 14 2.29 5.92 -2.75
C CYS A 14 2.79 5.74 -4.16
N HIS A 15 3.05 6.86 -4.84
CA HIS A 15 3.58 6.85 -6.19
C HIS A 15 4.86 6.03 -6.28
N ARG A 16 5.78 6.10 -5.30
CA ARG A 16 6.97 5.25 -5.26
C ARG A 16 6.61 3.78 -5.21
N ALA A 17 5.78 3.36 -4.26
CA ALA A 17 5.39 1.95 -4.16
C ALA A 17 4.68 1.52 -5.44
N LYS A 18 3.80 2.35 -6.01
CA LYS A 18 3.13 2.05 -7.26
C LYS A 18 4.13 1.95 -8.40
N ALA A 19 5.19 2.75 -8.43
CA ALA A 19 6.23 2.62 -9.44
C ALA A 19 6.99 1.30 -9.29
N LEU A 20 7.06 0.73 -8.08
CA LEU A 20 7.60 -0.60 -7.86
C LEU A 20 6.64 -1.63 -8.49
N LEU A 21 5.37 -1.58 -8.07
CA LEU A 21 4.34 -2.53 -8.42
C LEU A 21 4.03 -2.52 -9.92
N SER A 22 3.92 -1.34 -10.49
CA SER A 22 3.66 -1.13 -11.90
C SER A 22 4.89 -1.55 -12.72
N SER A 23 6.11 -1.43 -12.18
CA SER A 23 7.29 -2.01 -12.82
C SER A 23 7.18 -3.53 -12.80
N LYS A 24 6.70 -4.14 -11.70
CA LYS A 24 6.48 -5.59 -11.65
C LYS A 24 5.24 -5.97 -12.47
N GLY A 25 4.47 -4.99 -12.93
CA GLY A 25 3.34 -5.14 -13.85
C GLY A 25 2.20 -5.87 -13.16
N VAL A 26 1.99 -5.62 -11.87
CA VAL A 26 1.09 -6.42 -11.04
C VAL A 26 -0.34 -5.88 -11.03
N SER A 27 -1.23 -6.63 -10.40
CA SER A 27 -2.59 -6.27 -10.06
C SER A 27 -2.59 -6.03 -8.55
N PHE A 28 -2.87 -4.80 -8.14
CA PHE A 28 -2.94 -4.39 -6.75
C PHE A 28 -4.21 -3.54 -6.62
N GLN A 29 -4.65 -3.24 -5.39
CA GLN A 29 -5.86 -2.47 -5.11
C GLN A 29 -5.45 -1.15 -4.50
N GLU A 30 -6.03 -0.05 -5.00
CA GLU A 30 -5.65 1.33 -4.74
C GLU A 30 -6.83 2.00 -4.01
N LEU A 31 -6.68 2.35 -2.73
CA LEU A 31 -7.76 2.78 -1.83
C LEU A 31 -7.65 4.28 -1.50
N PRO A 32 -8.46 5.16 -2.13
CA PRO A 32 -8.30 6.61 -2.02
C PRO A 32 -8.76 7.18 -0.66
N ILE A 33 -7.96 8.09 -0.12
CA ILE A 33 -8.15 8.78 1.15
C ILE A 33 -8.27 10.27 0.84
N ASP A 34 -9.14 10.59 -0.12
CA ASP A 34 -9.53 11.94 -0.50
C ASP A 34 -10.27 12.67 0.64
N GLY A 35 -9.72 12.75 1.84
CA GLY A 35 -10.33 13.32 3.03
C GLY A 35 -11.68 12.69 3.40
N ASN A 36 -11.96 11.45 2.96
CA ASN A 36 -13.30 10.87 3.06
C ASN A 36 -13.38 10.32 4.49
N ALA A 37 -14.38 10.71 5.28
CA ALA A 37 -14.56 10.16 6.62
C ALA A 37 -14.76 8.64 6.61
N ALA A 38 -15.33 8.09 5.52
CA ALA A 38 -15.62 6.67 5.38
C ALA A 38 -14.32 5.87 5.40
N LYS A 39 -13.34 6.28 4.59
CA LYS A 39 -12.03 5.63 4.59
C LYS A 39 -11.16 6.11 5.74
N ARG A 40 -11.45 7.25 6.37
CA ARG A 40 -10.74 7.71 7.55
C ARG A 40 -10.89 6.68 8.64
N GLU A 41 -12.13 6.38 9.06
CA GLU A 41 -12.36 5.46 10.17
C GLU A 41 -11.76 4.07 9.86
N GLU A 42 -11.93 3.61 8.62
CA GLU A 42 -11.34 2.40 8.09
C GLU A 42 -9.83 2.41 8.35
N MET A 43 -9.15 3.45 7.88
CA MET A 43 -7.72 3.51 7.96
C MET A 43 -7.23 3.62 9.40
N ILE A 44 -8.04 4.18 10.29
CA ILE A 44 -7.72 4.25 11.71
C ILE A 44 -7.70 2.82 12.25
N LYS A 45 -8.77 2.03 12.07
CA LYS A 45 -8.76 0.63 12.56
C LYS A 45 -7.65 -0.19 11.91
N ARG A 46 -7.51 -0.10 10.60
CA ARG A 46 -6.68 -0.99 9.81
C ARG A 46 -5.21 -0.60 9.87
N SER A 47 -4.86 0.68 10.03
CA SER A 47 -3.47 1.11 9.99
C SER A 47 -2.97 1.70 11.30
N GLY A 48 -3.84 2.29 12.13
CA GLY A 48 -3.40 3.04 13.31
C GLY A 48 -2.45 4.20 12.98
N ARG A 49 -2.50 4.73 11.75
CA ARG A 49 -1.53 5.69 11.23
C ARG A 49 -2.24 6.87 10.60
N THR A 50 -3.11 6.67 9.61
CA THR A 50 -4.01 7.71 9.10
C THR A 50 -3.25 8.74 8.25
N THR A 51 -2.27 8.23 7.49
CA THR A 51 -1.29 8.85 6.62
C THR A 51 -1.14 7.92 5.43
N VAL A 52 -0.34 8.29 4.45
CA VAL A 52 -0.16 7.42 3.28
C VAL A 52 1.31 7.24 2.91
N PRO A 53 1.66 6.18 2.15
CA PRO A 53 0.79 5.06 1.81
C PRO A 53 0.63 4.13 3.02
N GLN A 54 -0.32 3.20 2.95
CA GLN A 54 -0.44 2.09 3.88
C GLN A 54 -0.57 0.91 2.95
N ILE A 55 0.54 0.22 2.68
CA ILE A 55 0.48 -1.01 1.93
C ILE A 55 0.08 -2.09 2.93
N PHE A 56 -0.71 -3.04 2.44
CA PHE A 56 -1.21 -4.21 3.10
C PHE A 56 -0.98 -5.34 2.10
N ILE A 57 -0.29 -6.39 2.51
CA ILE A 57 0.00 -7.54 1.67
C ILE A 57 -0.52 -8.73 2.46
N ASP A 58 -1.46 -9.49 1.88
CA ASP A 58 -2.14 -10.59 2.55
C ASP A 58 -2.72 -10.18 3.91
N ALA A 59 -3.28 -8.96 3.92
CA ALA A 59 -3.84 -8.22 5.05
C ALA A 59 -2.82 -7.86 6.15
N GLN A 60 -1.54 -8.23 5.98
CA GLN A 60 -0.46 -7.84 6.88
C GLN A 60 -0.20 -6.37 6.58
N HIS A 61 -0.33 -5.51 7.58
CA HIS A 61 -0.14 -4.08 7.41
C HIS A 61 1.35 -3.81 7.29
N ILE A 62 1.85 -3.67 6.07
CA ILE A 62 3.28 -3.61 5.83
C ILE A 62 3.83 -2.27 6.32
N GLY A 63 3.19 -1.16 5.93
CA GLY A 63 3.60 0.16 6.39
C GLY A 63 3.72 1.09 5.20
N GLY A 64 4.83 1.83 5.13
CA GLY A 64 5.07 2.86 4.12
C GLY A 64 5.75 2.27 2.89
N TYR A 65 6.08 3.10 1.88
CA TYR A 65 6.79 2.62 0.69
C TYR A 65 8.07 1.90 1.09
N ASP A 66 8.82 2.44 2.04
CA ASP A 66 10.06 1.85 2.52
C ASP A 66 9.84 0.44 3.08
N ASP A 67 8.70 0.20 3.71
CA ASP A 67 8.35 -1.12 4.25
C ASP A 67 8.03 -2.11 3.12
N LEU A 68 7.26 -1.67 2.13
CA LEU A 68 6.93 -2.44 0.94
C LEU A 68 8.18 -2.77 0.14
N TYR A 69 9.01 -1.76 -0.09
CA TYR A 69 10.26 -1.82 -0.80
C TYR A 69 11.20 -2.79 -0.08
N ALA A 70 11.21 -2.79 1.27
CA ALA A 70 11.92 -3.76 2.05
C ALA A 70 11.39 -5.18 1.81
N LEU A 71 10.06 -5.38 1.85
CA LEU A 71 9.46 -6.68 1.62
C LEU A 71 9.89 -7.23 0.24
N ASP A 72 9.85 -6.39 -0.80
CA ASP A 72 10.36 -6.73 -2.12
C ASP A 72 11.86 -7.00 -2.12
N ALA A 73 12.63 -6.24 -1.34
CA ALA A 73 14.08 -6.45 -1.24
C ALA A 73 14.40 -7.81 -0.59
N ARG A 74 13.52 -8.30 0.28
CA ARG A 74 13.61 -9.65 0.88
C ARG A 74 13.08 -10.69 -0.10
N GLY A 75 12.52 -10.29 -1.24
CA GLY A 75 11.92 -11.20 -2.20
C GLY A 75 10.61 -11.76 -1.68
N GLY A 76 9.98 -11.10 -0.71
CA GLY A 76 8.71 -11.52 -0.16
C GLY A 76 7.53 -10.99 -0.98
N LEU A 77 7.69 -9.85 -1.65
CA LEU A 77 6.61 -9.22 -2.41
C LEU A 77 6.35 -9.99 -3.71
N ASP A 78 7.40 -10.24 -4.49
CA ASP A 78 7.32 -10.90 -5.79
C ASP A 78 6.49 -12.19 -5.76
N PRO A 79 6.77 -13.19 -4.92
CA PRO A 79 5.99 -14.43 -4.87
C PRO A 79 4.63 -14.26 -4.17
N LEU A 80 4.17 -13.04 -3.91
CA LEU A 80 2.81 -12.73 -3.46
C LEU A 80 2.07 -11.95 -4.55
N LEU A 81 2.73 -11.61 -5.66
CA LEU A 81 2.16 -11.04 -6.87
C LEU A 81 2.56 -11.90 -8.09
N LYS A 82 3.15 -13.07 -7.85
CA LYS A 82 3.55 -14.08 -8.81
C LYS A 82 3.37 -15.44 -8.15
N ALA A 1 -1.62 -12.36 -4.12
CA ALA A 1 -2.23 -12.12 -2.82
C ALA A 1 -3.28 -11.03 -2.94
N ASN A 2 -4.13 -10.88 -1.92
CA ASN A 2 -4.95 -9.69 -1.75
C ASN A 2 -4.02 -8.58 -1.29
N VAL A 3 -3.50 -7.80 -2.23
CA VAL A 3 -2.55 -6.73 -1.98
C VAL A 3 -3.31 -5.43 -2.12
N GLU A 4 -3.10 -4.54 -1.16
CA GLU A 4 -3.90 -3.34 -1.03
C GLU A 4 -3.01 -2.18 -0.62
N ILE A 5 -3.31 -0.98 -1.12
CA ILE A 5 -2.57 0.22 -0.82
C ILE A 5 -3.51 1.41 -0.70
N TYR A 6 -3.56 2.01 0.49
CA TYR A 6 -4.27 3.25 0.68
C TYR A 6 -3.44 4.43 0.14
N THR A 7 -4.09 5.40 -0.50
CA THR A 7 -3.43 6.45 -1.27
C THR A 7 -4.20 7.79 -1.21
N LYS A 8 -3.66 8.85 -1.83
CA LYS A 8 -4.35 10.12 -2.09
C LYS A 8 -3.69 10.88 -3.24
N GLU A 9 -4.20 12.09 -3.53
CA GLU A 9 -4.00 13.00 -4.65
C GLU A 9 -2.55 13.30 -4.97
N THR A 10 -1.67 13.15 -4.00
CA THR A 10 -0.29 13.60 -4.11
C THR A 10 0.61 12.48 -3.63
N CYS A 11 0.81 12.37 -2.31
CA CYS A 11 1.49 11.28 -1.63
C CYS A 11 2.64 10.69 -2.47
N PRO A 12 3.80 11.36 -2.57
CA PRO A 12 4.92 10.88 -3.38
C PRO A 12 5.39 9.50 -2.91
N TYR A 13 5.17 9.11 -1.65
CA TYR A 13 5.50 7.76 -1.20
C TYR A 13 4.48 6.76 -1.78
N CYS A 14 3.20 7.11 -1.88
CA CYS A 14 2.20 6.30 -2.57
C CYS A 14 2.61 6.13 -4.03
N HIS A 15 2.99 7.23 -4.69
CA HIS A 15 3.53 7.16 -6.04
C HIS A 15 4.72 6.19 -6.08
N ARG A 16 5.70 6.31 -5.18
CA ARG A 16 6.90 5.46 -5.20
C ARG A 16 6.51 3.98 -5.18
N ALA A 17 5.64 3.58 -4.25
CA ALA A 17 5.16 2.21 -4.20
C ALA A 17 4.48 1.83 -5.51
N LYS A 18 3.47 2.59 -5.95
CA LYS A 18 2.74 2.26 -7.17
C LYS A 18 3.66 2.23 -8.39
N ALA A 19 4.72 3.05 -8.43
CA ALA A 19 5.66 3.08 -9.55
C ALA A 19 6.37 1.74 -9.64
N LEU A 20 6.89 1.24 -8.52
CA LEU A 20 7.53 -0.07 -8.46
C LEU A 20 6.51 -1.15 -8.87
N LEU A 21 5.28 -1.07 -8.36
CA LEU A 21 4.29 -2.11 -8.59
C LEU A 21 3.83 -2.13 -10.04
N SER A 22 3.62 -0.97 -10.67
CA SER A 22 3.26 -0.87 -12.07
C SER A 22 4.46 -1.24 -12.96
N SER A 23 5.69 -0.94 -12.51
CA SER A 23 6.90 -1.37 -13.17
C SER A 23 6.94 -2.89 -13.14
N LYS A 24 6.62 -3.52 -12.00
CA LYS A 24 6.56 -4.97 -11.90
C LYS A 24 5.31 -5.50 -12.60
N GLY A 25 4.33 -4.64 -12.90
CA GLY A 25 3.11 -4.96 -13.62
C GLY A 25 2.10 -5.70 -12.75
N VAL A 26 2.24 -5.63 -11.43
CA VAL A 26 1.48 -6.49 -10.53
C VAL A 26 0.02 -6.07 -10.43
N SER A 27 -0.82 -6.99 -9.97
CA SER A 27 -2.20 -6.71 -9.64
C SER A 27 -2.27 -6.44 -8.15
N PHE A 28 -2.76 -5.25 -7.79
CA PHE A 28 -2.97 -4.77 -6.42
C PHE A 28 -4.35 -4.14 -6.36
N GLN A 29 -4.70 -3.49 -5.25
CA GLN A 29 -5.94 -2.75 -5.06
C GLN A 29 -5.54 -1.42 -4.47
N GLU A 30 -6.14 -0.35 -4.96
CA GLU A 30 -5.86 1.00 -4.53
C GLU A 30 -7.06 1.54 -3.74
N LEU A 31 -6.79 2.18 -2.62
CA LEU A 31 -7.79 2.60 -1.64
C LEU A 31 -7.61 4.11 -1.37
N PRO A 32 -8.07 4.99 -2.28
CA PRO A 32 -7.89 6.43 -2.14
C PRO A 32 -8.62 6.95 -0.91
N ILE A 33 -8.15 8.06 -0.31
CA ILE A 33 -8.76 8.72 0.84
C ILE A 33 -8.86 10.25 0.66
N ASP A 34 -8.85 10.75 -0.58
CA ASP A 34 -9.07 12.16 -0.88
C ASP A 34 -10.53 12.48 -0.60
N GLY A 35 -10.83 13.63 -0.01
CA GLY A 35 -12.18 14.12 0.24
C GLY A 35 -12.97 13.32 1.27
N ASN A 36 -12.46 12.14 1.62
CA ASN A 36 -13.07 11.11 2.42
C ASN A 36 -12.84 11.42 3.91
N ALA A 37 -13.37 10.59 4.80
CA ALA A 37 -13.20 10.65 6.24
C ALA A 37 -13.63 9.31 6.83
N ALA A 38 -14.76 8.75 6.40
CA ALA A 38 -15.20 7.42 6.84
C ALA A 38 -14.11 6.38 6.62
N LYS A 39 -13.57 6.28 5.39
CA LYS A 39 -12.53 5.30 5.09
C LYS A 39 -11.15 5.73 5.61
N ARG A 40 -11.00 6.96 6.13
CA ARG A 40 -9.77 7.40 6.77
C ARG A 40 -9.79 6.90 8.19
N GLU A 41 -10.94 7.02 8.87
CA GLU A 41 -11.15 6.37 10.15
C GLU A 41 -11.03 4.84 10.01
N GLU A 42 -11.43 4.28 8.87
CA GLU A 42 -11.26 2.86 8.59
C GLU A 42 -9.78 2.47 8.69
N MET A 43 -8.88 3.35 8.24
CA MET A 43 -7.44 3.11 8.24
C MET A 43 -6.91 2.90 9.65
N ILE A 44 -7.64 3.36 10.67
CA ILE A 44 -7.26 3.23 12.07
C ILE A 44 -7.44 1.77 12.51
N LYS A 45 -8.53 1.08 12.14
CA LYS A 45 -8.64 -0.34 12.44
C LYS A 45 -7.87 -1.21 11.45
N ARG A 46 -7.75 -0.77 10.19
CA ARG A 46 -7.02 -1.53 9.18
C ARG A 46 -5.52 -1.49 9.46
N SER A 47 -4.95 -0.33 9.80
CA SER A 47 -3.50 -0.10 9.87
C SER A 47 -3.01 0.62 11.13
N GLY A 48 -3.91 1.17 11.94
CA GLY A 48 -3.56 1.95 13.13
C GLY A 48 -3.47 3.44 12.83
N ARG A 49 -3.30 3.86 11.57
CA ARG A 49 -2.97 5.23 11.19
C ARG A 49 -3.74 5.67 9.97
N THR A 50 -4.06 6.96 9.89
CA THR A 50 -4.73 7.72 8.86
C THR A 50 -3.78 8.28 7.78
N THR A 51 -2.47 8.12 7.96
CA THR A 51 -1.42 8.49 6.99
C THR A 51 -1.34 7.46 5.85
N VAL A 52 -0.61 7.79 4.79
CA VAL A 52 -0.44 6.92 3.62
C VAL A 52 0.99 7.05 3.06
N PRO A 53 1.46 6.16 2.18
CA PRO A 53 0.82 4.91 1.78
C PRO A 53 0.72 3.98 2.98
N GLN A 54 -0.25 3.10 2.92
CA GLN A 54 -0.50 2.07 3.91
C GLN A 54 -0.71 0.82 3.07
N ILE A 55 0.38 0.09 2.84
CA ILE A 55 0.36 -1.12 2.03
C ILE A 55 -0.01 -2.29 2.94
N PHE A 56 -0.65 -3.29 2.35
CA PHE A 56 -1.17 -4.50 2.94
C PHE A 56 -0.93 -5.65 1.98
N ILE A 57 -0.66 -6.86 2.49
CA ILE A 57 -0.64 -8.09 1.71
C ILE A 57 -1.31 -9.12 2.60
N ASP A 58 -2.46 -9.66 2.17
CA ASP A 58 -3.33 -10.54 2.95
C ASP A 58 -3.53 -10.05 4.38
N ALA A 59 -3.92 -8.78 4.49
CA ALA A 59 -4.26 -8.05 5.71
C ALA A 59 -3.08 -7.82 6.66
N GLN A 60 -1.87 -8.27 6.31
CA GLN A 60 -0.67 -7.87 7.04
C GLN A 60 -0.38 -6.45 6.59
N HIS A 61 -0.60 -5.49 7.47
CA HIS A 61 -0.24 -4.10 7.26
C HIS A 61 1.28 -4.06 7.19
N ILE A 62 1.82 -3.79 6.01
CA ILE A 62 3.25 -3.85 5.75
C ILE A 62 3.88 -2.61 6.41
N GLY A 63 3.44 -1.43 6.00
CA GLY A 63 4.01 -0.16 6.42
C GLY A 63 3.88 0.83 5.26
N GLY A 64 4.89 1.68 5.11
CA GLY A 64 5.01 2.71 4.09
C GLY A 64 5.77 2.18 2.87
N TYR A 65 6.10 3.06 1.91
CA TYR A 65 6.77 2.67 0.68
C TYR A 65 8.08 1.95 0.98
N ASP A 66 8.89 2.50 1.88
CA ASP A 66 10.19 1.90 2.19
C ASP A 66 10.02 0.51 2.80
N ASP A 67 8.95 0.27 3.54
CA ASP A 67 8.68 -1.04 4.17
C ASP A 67 8.32 -2.08 3.11
N LEU A 68 7.43 -1.70 2.19
CA LEU A 68 7.06 -2.48 1.02
C LEU A 68 8.29 -2.76 0.16
N TYR A 69 9.05 -1.73 -0.15
CA TYR A 69 10.20 -1.86 -1.02
C TYR A 69 11.28 -2.69 -0.30
N ALA A 70 11.33 -2.66 1.04
CA ALA A 70 12.18 -3.52 1.83
C ALA A 70 11.74 -4.97 1.71
N LEU A 71 10.43 -5.27 1.77
CA LEU A 71 9.90 -6.61 1.52
C LEU A 71 10.34 -7.10 0.14
N ASP A 72 10.21 -6.23 -0.86
CA ASP A 72 10.65 -6.49 -2.21
C ASP A 72 12.14 -6.80 -2.26
N ALA A 73 12.94 -6.01 -1.52
CA ALA A 73 14.39 -6.19 -1.45
C ALA A 73 14.78 -7.46 -0.67
N ARG A 74 13.89 -7.98 0.17
CA ARG A 74 14.01 -9.29 0.81
C ARG A 74 13.49 -10.41 -0.08
N GLY A 75 13.13 -10.11 -1.33
CA GLY A 75 12.63 -11.09 -2.28
C GLY A 75 11.28 -11.65 -1.87
N GLY A 76 10.55 -10.98 -0.97
CA GLY A 76 9.30 -11.49 -0.42
C GLY A 76 8.07 -10.84 -1.03
N LEU A 77 8.23 -9.79 -1.85
CA LEU A 77 7.09 -9.16 -2.49
C LEU A 77 6.60 -10.04 -3.64
N ASP A 78 7.49 -10.38 -4.58
CA ASP A 78 7.15 -11.18 -5.75
C ASP A 78 6.41 -12.49 -5.46
N PRO A 79 6.90 -13.36 -4.54
CA PRO A 79 6.22 -14.61 -4.20
C PRO A 79 4.79 -14.44 -3.68
N LEU A 80 4.39 -13.23 -3.24
CA LEU A 80 3.06 -12.92 -2.73
C LEU A 80 2.26 -12.13 -3.76
N LEU A 81 2.80 -11.80 -4.93
CA LEU A 81 2.08 -11.10 -5.99
C LEU A 81 1.98 -11.93 -7.26
N LYS A 82 2.22 -13.24 -7.16
CA LYS A 82 2.42 -14.19 -8.24
C LYS A 82 3.56 -13.80 -9.16
N ALA A 1 -6.80 -13.23 -2.83
CA ALA A 1 -5.67 -12.33 -2.57
C ALA A 1 -6.12 -10.88 -2.69
N ASN A 2 -5.66 -10.05 -1.77
CA ASN A 2 -6.01 -8.67 -1.59
C ASN A 2 -4.68 -7.93 -1.60
N VAL A 3 -4.25 -7.41 -2.75
CA VAL A 3 -3.03 -6.64 -2.82
C VAL A 3 -3.51 -5.22 -2.87
N GLU A 4 -3.47 -4.54 -1.73
CA GLU A 4 -4.13 -3.26 -1.60
C GLU A 4 -3.17 -2.18 -1.17
N ILE A 5 -3.40 -0.94 -1.62
CA ILE A 5 -2.60 0.19 -1.22
C ILE A 5 -3.48 1.42 -1.00
N TYR A 6 -3.54 1.89 0.23
CA TYR A 6 -4.23 3.12 0.60
C TYR A 6 -3.39 4.31 0.13
N THR A 7 -4.05 5.35 -0.39
CA THR A 7 -3.43 6.46 -1.10
C THR A 7 -4.26 7.75 -0.93
N LYS A 8 -3.79 8.92 -1.38
CA LYS A 8 -4.57 10.16 -1.50
C LYS A 8 -4.03 10.96 -2.67
N GLU A 9 -4.68 12.07 -2.99
CA GLU A 9 -4.35 12.96 -4.11
C GLU A 9 -2.94 13.58 -4.00
N THR A 10 -2.34 13.61 -2.81
CA THR A 10 -1.00 14.11 -2.54
C THR A 10 -0.34 13.04 -1.68
N CYS A 11 0.58 12.28 -2.26
CA CYS A 11 1.29 11.21 -1.58
C CYS A 11 2.49 10.78 -2.43
N PRO A 12 3.66 11.43 -2.32
CA PRO A 12 4.83 11.04 -3.08
C PRO A 12 5.25 9.60 -2.76
N TYR A 13 5.08 9.12 -1.52
CA TYR A 13 5.48 7.75 -1.19
C TYR A 13 4.48 6.76 -1.80
N CYS A 14 3.22 7.14 -2.02
CA CYS A 14 2.28 6.31 -2.76
C CYS A 14 2.78 6.15 -4.19
N HIS A 15 3.13 7.27 -4.84
CA HIS A 15 3.72 7.20 -6.17
C HIS A 15 4.95 6.29 -6.16
N ARG A 16 5.86 6.41 -5.19
CA ARG A 16 7.03 5.52 -5.11
C ARG A 16 6.62 4.06 -5.11
N ALA A 17 5.72 3.66 -4.21
CA ALA A 17 5.30 2.26 -4.14
C ALA A 17 4.60 1.86 -5.44
N LYS A 18 3.63 2.62 -5.92
CA LYS A 18 2.89 2.29 -7.13
C LYS A 18 3.81 2.16 -8.33
N ALA A 19 4.83 3.01 -8.43
CA ALA A 19 5.85 2.92 -9.47
C ALA A 19 6.57 1.57 -9.37
N LEU A 20 6.90 1.14 -8.15
CA LEU A 20 7.56 -0.13 -7.92
C LEU A 20 6.67 -1.28 -8.38
N LEU A 21 5.40 -1.25 -7.99
CA LEU A 21 4.44 -2.30 -8.30
C LEU A 21 4.18 -2.38 -9.79
N SER A 22 4.04 -1.23 -10.45
CA SER A 22 3.88 -1.12 -11.89
C SER A 22 5.14 -1.62 -12.61
N SER A 23 6.33 -1.36 -12.05
CA SER A 23 7.61 -1.81 -12.55
C SER A 23 7.75 -3.33 -12.36
N LYS A 24 7.20 -3.91 -11.29
CA LYS A 24 7.11 -5.37 -11.13
C LYS A 24 5.92 -5.94 -11.91
N GLY A 25 5.09 -5.09 -12.52
CA GLY A 25 4.01 -5.49 -13.41
C GLY A 25 2.88 -6.18 -12.64
N VAL A 26 2.75 -5.93 -11.34
CA VAL A 26 1.85 -6.71 -10.51
C VAL A 26 0.41 -6.21 -10.66
N SER A 27 -0.55 -7.03 -10.25
CA SER A 27 -1.96 -6.67 -10.17
C SER A 27 -2.27 -6.35 -8.72
N PHE A 28 -2.58 -5.08 -8.44
CA PHE A 28 -2.85 -4.52 -7.11
C PHE A 28 -4.04 -3.57 -7.20
N GLN A 29 -4.54 -3.12 -6.05
CA GLN A 29 -5.73 -2.29 -5.92
C GLN A 29 -5.32 -1.04 -5.17
N GLU A 30 -5.85 0.09 -5.58
CA GLU A 30 -5.58 1.38 -4.96
C GLU A 30 -6.85 1.80 -4.24
N LEU A 31 -6.69 2.44 -3.09
CA LEU A 31 -7.78 2.89 -2.25
C LEU A 31 -7.54 4.38 -1.98
N PRO A 32 -8.40 5.28 -2.47
CA PRO A 32 -8.24 6.72 -2.29
C PRO A 32 -8.59 7.10 -0.86
N ILE A 33 -8.11 8.25 -0.36
CA ILE A 33 -8.51 8.86 0.90
C ILE A 33 -8.97 10.31 0.69
N ASP A 34 -8.77 10.91 -0.49
CA ASP A 34 -9.41 12.19 -0.81
C ASP A 34 -10.92 11.91 -0.86
N GLY A 35 -11.69 12.58 0.00
CA GLY A 35 -13.11 12.34 0.17
C GLY A 35 -13.41 11.12 1.02
N ASN A 36 -12.59 10.07 0.94
CA ASN A 36 -12.86 8.80 1.62
C ASN A 36 -12.30 8.89 3.05
N ALA A 37 -12.69 9.93 3.79
CA ALA A 37 -12.43 10.03 5.22
C ALA A 37 -13.12 8.90 5.99
N ALA A 38 -14.12 8.26 5.36
CA ALA A 38 -14.76 7.04 5.81
C ALA A 38 -13.69 5.98 6.10
N LYS A 39 -13.03 5.47 5.06
CA LYS A 39 -12.07 4.39 5.26
C LYS A 39 -10.79 4.94 5.89
N ARG A 40 -10.58 6.25 5.94
CA ARG A 40 -9.50 6.83 6.74
C ARG A 40 -9.70 6.52 8.22
N GLU A 41 -10.91 6.67 8.74
CA GLU A 41 -11.18 6.26 10.12
C GLU A 41 -11.03 4.75 10.25
N GLU A 42 -11.48 3.97 9.26
CA GLU A 42 -11.23 2.53 9.26
C GLU A 42 -9.71 2.26 9.29
N MET A 43 -8.92 3.08 8.61
CA MET A 43 -7.48 3.03 8.56
C MET A 43 -6.84 3.29 9.92
N ILE A 44 -7.55 3.84 10.90
CA ILE A 44 -7.04 3.91 12.26
C ILE A 44 -6.91 2.46 12.74
N LYS A 45 -8.00 1.70 12.73
CA LYS A 45 -7.97 0.27 13.08
C LYS A 45 -6.96 -0.47 12.21
N ARG A 46 -7.04 -0.26 10.90
CA ARG A 46 -6.32 -1.05 9.91
C ARG A 46 -4.83 -0.78 9.93
N SER A 47 -4.40 0.47 10.08
CA SER A 47 -2.99 0.82 9.91
C SER A 47 -2.32 1.24 11.22
N GLY A 48 -3.09 1.74 12.19
CA GLY A 48 -2.52 2.38 13.38
C GLY A 48 -1.74 3.65 13.03
N ARG A 49 -1.99 4.28 11.86
CA ARG A 49 -1.24 5.44 11.40
C ARG A 49 -2.13 6.54 10.81
N THR A 50 -2.95 6.23 9.80
CA THR A 50 -3.80 7.09 8.97
C THR A 50 -3.03 7.83 7.87
N THR A 51 -1.71 7.71 7.88
CA THR A 51 -0.78 8.20 6.88
C THR A 51 -0.90 7.31 5.64
N VAL A 52 -0.18 7.65 4.58
CA VAL A 52 -0.15 6.85 3.37
C VAL A 52 1.28 6.81 2.81
N PRO A 53 1.59 5.80 1.96
CA PRO A 53 0.73 4.68 1.61
C PRO A 53 0.61 3.69 2.77
N GLN A 54 -0.37 2.79 2.68
CA GLN A 54 -0.48 1.63 3.56
C GLN A 54 -0.74 0.49 2.63
N ILE A 55 0.28 -0.33 2.40
CA ILE A 55 0.07 -1.57 1.68
C ILE A 55 -0.48 -2.57 2.70
N PHE A 56 -1.40 -3.37 2.22
CA PHE A 56 -2.02 -4.49 2.86
C PHE A 56 -1.87 -5.65 1.87
N ILE A 57 -1.36 -6.78 2.33
CA ILE A 57 -1.19 -7.97 1.51
C ILE A 57 -2.02 -9.05 2.18
N ASP A 58 -3.18 -9.37 1.61
CA ASP A 58 -4.08 -10.39 2.10
C ASP A 58 -4.39 -10.12 3.58
N ALA A 59 -4.80 -8.88 3.85
CA ALA A 59 -5.17 -8.26 5.12
C ALA A 59 -3.98 -7.89 6.01
N GLN A 60 -2.80 -8.39 5.68
CA GLN A 60 -1.59 -8.22 6.47
C GLN A 60 -1.11 -6.79 6.24
N HIS A 61 -1.23 -5.93 7.24
CA HIS A 61 -0.74 -4.56 7.14
C HIS A 61 0.77 -4.60 7.07
N ILE A 62 1.33 -4.27 5.91
CA ILE A 62 2.77 -4.16 5.71
C ILE A 62 3.19 -2.87 6.40
N GLY A 63 2.90 -1.73 5.78
CA GLY A 63 3.45 -0.44 6.17
C GLY A 63 3.48 0.46 4.95
N GLY A 64 4.48 1.31 4.87
CA GLY A 64 4.59 2.37 3.86
C GLY A 64 5.43 1.93 2.66
N TYR A 65 5.81 2.87 1.79
CA TYR A 65 6.65 2.54 0.65
C TYR A 65 7.99 2.02 1.12
N ASP A 66 8.56 2.60 2.17
CA ASP A 66 9.90 2.24 2.61
C ASP A 66 9.89 0.78 3.09
N ASP A 67 8.81 0.33 3.74
CA ASP A 67 8.57 -1.05 4.16
C ASP A 67 8.45 -1.97 2.94
N LEU A 68 7.66 -1.53 1.96
CA LEU A 68 7.31 -2.26 0.74
C LEU A 68 8.54 -2.47 -0.13
N TYR A 69 9.29 -1.40 -0.37
CA TYR A 69 10.49 -1.40 -1.17
C TYR A 69 11.56 -2.28 -0.50
N ALA A 70 11.61 -2.29 0.84
CA ALA A 70 12.46 -3.19 1.60
C ALA A 70 11.99 -4.64 1.46
N LEU A 71 10.68 -4.89 1.53
CA LEU A 71 10.09 -6.21 1.30
C LEU A 71 10.49 -6.72 -0.10
N ASP A 72 10.51 -5.84 -1.10
CA ASP A 72 10.98 -6.17 -2.44
C ASP A 72 12.50 -6.37 -2.50
N ALA A 73 13.26 -5.62 -1.70
CA ALA A 73 14.72 -5.69 -1.65
C ALA A 73 15.18 -7.08 -1.21
N ARG A 74 14.42 -7.72 -0.32
CA ARG A 74 14.65 -9.08 0.15
C ARG A 74 13.95 -10.13 -0.69
N GLY A 75 13.33 -9.73 -1.81
CA GLY A 75 12.62 -10.62 -2.71
C GLY A 75 11.31 -11.12 -2.11
N GLY A 76 10.95 -10.66 -0.92
CA GLY A 76 9.83 -11.17 -0.15
C GLY A 76 8.49 -10.69 -0.71
N LEU A 77 8.50 -9.64 -1.54
CA LEU A 77 7.30 -9.07 -2.15
C LEU A 77 6.75 -9.96 -3.26
N ASP A 78 7.64 -10.52 -4.07
CA ASP A 78 7.30 -11.28 -5.27
C ASP A 78 6.29 -12.40 -4.97
N PRO A 79 6.55 -13.33 -4.03
CA PRO A 79 5.65 -14.42 -3.67
C PRO A 79 4.52 -13.96 -2.76
N LEU A 80 4.26 -12.65 -2.66
CA LEU A 80 3.11 -12.11 -1.95
C LEU A 80 2.17 -11.37 -2.91
N LEU A 81 2.62 -10.97 -4.11
CA LEU A 81 1.82 -10.18 -5.05
C LEU A 81 1.43 -10.97 -6.29
N LYS A 82 1.43 -12.29 -6.19
CA LYS A 82 1.32 -13.26 -7.27
C LYS A 82 2.38 -13.16 -8.36
N ALA A 1 -1.64 -13.23 -3.66
CA ALA A 1 -1.99 -12.46 -2.46
C ALA A 1 -3.01 -11.37 -2.77
N ASN A 2 -3.79 -11.01 -1.77
CA ASN A 2 -4.58 -9.78 -1.77
C ASN A 2 -3.57 -8.65 -1.53
N VAL A 3 -3.72 -7.48 -2.16
CA VAL A 3 -2.93 -6.30 -1.85
C VAL A 3 -3.86 -5.11 -1.74
N GLU A 4 -3.57 -4.22 -0.81
CA GLU A 4 -4.45 -3.14 -0.42
C GLU A 4 -3.53 -1.95 -0.20
N ILE A 5 -3.72 -0.84 -0.94
CA ILE A 5 -2.79 0.28 -0.81
C ILE A 5 -3.51 1.62 -0.71
N TYR A 6 -3.61 2.16 0.50
CA TYR A 6 -4.26 3.45 0.73
C TYR A 6 -3.34 4.60 0.33
N THR A 7 -3.90 5.66 -0.27
CA THR A 7 -3.16 6.76 -0.91
C THR A 7 -3.89 8.12 -0.78
N LYS A 8 -3.38 9.21 -1.37
CA LYS A 8 -4.13 10.49 -1.48
C LYS A 8 -3.90 11.05 -2.89
N GLU A 9 -4.32 12.30 -3.15
CA GLU A 9 -4.03 13.02 -4.40
C GLU A 9 -2.54 13.33 -4.59
N THR A 10 -1.70 13.04 -3.60
CA THR A 10 -0.32 13.48 -3.52
C THR A 10 0.51 12.32 -2.94
N CYS A 11 1.18 12.50 -1.80
CA CYS A 11 1.94 11.51 -1.06
C CYS A 11 3.07 10.92 -1.91
N PRO A 12 4.26 11.57 -1.97
CA PRO A 12 5.38 11.10 -2.78
C PRO A 12 5.77 9.65 -2.47
N TYR A 13 5.74 9.19 -1.22
CA TYR A 13 6.08 7.81 -0.87
C TYR A 13 4.94 6.86 -1.27
N CYS A 14 3.68 7.28 -1.21
CA CYS A 14 2.59 6.50 -1.79
C CYS A 14 2.85 6.32 -3.28
N HIS A 15 3.18 7.41 -3.97
CA HIS A 15 3.51 7.36 -5.38
C HIS A 15 4.73 6.47 -5.63
N ARG A 16 5.77 6.48 -4.78
CA ARG A 16 6.89 5.55 -4.90
C ARG A 16 6.37 4.12 -4.92
N ALA A 17 5.56 3.73 -3.93
CA ALA A 17 5.03 2.36 -3.84
C ALA A 17 4.19 2.03 -5.08
N LYS A 18 3.24 2.90 -5.47
CA LYS A 18 2.42 2.60 -6.63
C LYS A 18 3.27 2.49 -7.90
N ALA A 19 4.26 3.36 -8.07
CA ALA A 19 5.16 3.34 -9.20
C ALA A 19 5.95 2.03 -9.21
N LEU A 20 6.43 1.56 -8.06
CA LEU A 20 7.13 0.28 -7.94
C LEU A 20 6.23 -0.84 -8.46
N LEU A 21 5.01 -0.91 -7.95
CA LEU A 21 4.10 -1.99 -8.29
C LEU A 21 3.69 -1.93 -9.75
N SER A 22 3.52 -0.73 -10.31
CA SER A 22 3.23 -0.54 -11.72
C SER A 22 4.44 -0.90 -12.58
N SER A 23 5.66 -0.65 -12.10
CA SER A 23 6.89 -1.04 -12.79
C SER A 23 6.97 -2.57 -12.85
N LYS A 24 6.54 -3.26 -11.78
CA LYS A 24 6.50 -4.71 -11.75
C LYS A 24 5.19 -5.25 -12.35
N GLY A 25 4.30 -4.35 -12.79
CA GLY A 25 3.11 -4.63 -13.58
C GLY A 25 2.10 -5.44 -12.79
N VAL A 26 2.20 -5.40 -11.46
CA VAL A 26 1.44 -6.31 -10.61
C VAL A 26 -0.02 -5.88 -10.57
N SER A 27 -0.90 -6.78 -10.13
CA SER A 27 -2.29 -6.51 -9.91
C SER A 27 -2.48 -6.26 -8.40
N PHE A 28 -2.94 -5.06 -8.03
CA PHE A 28 -3.14 -4.60 -6.66
C PHE A 28 -4.39 -3.69 -6.61
N GLN A 29 -4.91 -3.38 -5.42
CA GLN A 29 -6.05 -2.47 -5.24
C GLN A 29 -5.53 -1.25 -4.51
N GLU A 30 -6.01 -0.07 -4.91
CA GLU A 30 -5.65 1.23 -4.39
C GLU A 30 -6.87 1.74 -3.62
N LEU A 31 -6.64 2.46 -2.53
CA LEU A 31 -7.68 3.04 -1.70
C LEU A 31 -7.41 4.52 -1.51
N PRO A 32 -7.81 5.34 -2.48
CA PRO A 32 -7.63 6.78 -2.40
C PRO A 32 -8.33 7.32 -1.17
N ILE A 33 -7.79 8.30 -0.45
CA ILE A 33 -8.54 9.02 0.59
C ILE A 33 -9.33 10.13 -0.10
N ASP A 34 -8.83 10.66 -1.22
CA ASP A 34 -9.54 11.55 -2.11
C ASP A 34 -10.83 10.83 -2.52
N GLY A 35 -11.96 11.38 -2.09
CA GLY A 35 -13.31 10.85 -2.34
C GLY A 35 -13.79 9.85 -1.29
N ASN A 36 -12.95 9.55 -0.29
CA ASN A 36 -13.13 8.45 0.66
C ASN A 36 -12.62 8.86 2.05
N ALA A 37 -12.87 10.13 2.41
CA ALA A 37 -12.71 10.67 3.75
C ALA A 37 -13.74 10.01 4.68
N ALA A 38 -13.62 8.70 4.88
CA ALA A 38 -14.56 7.80 5.52
C ALA A 38 -13.80 6.52 5.85
N LYS A 39 -13.24 5.81 4.84
CA LYS A 39 -12.31 4.72 5.19
C LYS A 39 -11.02 5.32 5.76
N ARG A 40 -10.78 6.62 5.59
CA ARG A 40 -9.73 7.34 6.29
C ARG A 40 -9.99 7.22 7.80
N GLU A 41 -11.22 7.49 8.24
CA GLU A 41 -11.66 7.30 9.61
C GLU A 41 -11.44 5.84 10.03
N GLU A 42 -11.84 4.89 9.18
CA GLU A 42 -11.62 3.47 9.41
C GLU A 42 -10.13 3.17 9.62
N MET A 43 -9.24 3.92 8.95
CA MET A 43 -7.81 3.67 8.92
C MET A 43 -7.13 3.76 10.28
N ILE A 44 -7.79 4.30 11.30
CA ILE A 44 -7.28 4.19 12.66
C ILE A 44 -7.28 2.72 13.03
N LYS A 45 -8.41 2.02 12.92
CA LYS A 45 -8.48 0.59 13.18
C LYS A 45 -7.81 -0.21 12.08
N ARG A 46 -7.90 0.22 10.82
CA ARG A 46 -7.32 -0.48 9.69
C ARG A 46 -5.79 -0.50 9.75
N SER A 47 -5.13 0.55 10.24
CA SER A 47 -3.67 0.65 10.12
C SER A 47 -2.96 0.95 11.43
N GLY A 48 -3.67 1.41 12.46
CA GLY A 48 -3.06 1.95 13.67
C GLY A 48 -2.40 3.31 13.46
N ARG A 49 -2.30 3.83 12.24
CA ARG A 49 -1.50 5.01 11.88
C ARG A 49 -2.37 6.17 11.42
N THR A 50 -3.22 5.93 10.41
CA THR A 50 -4.26 6.79 9.83
C THR A 50 -3.68 7.70 8.73
N THR A 51 -2.36 7.73 8.63
CA THR A 51 -1.51 8.32 7.60
C THR A 51 -1.56 7.46 6.34
N VAL A 52 -0.90 7.89 5.28
CA VAL A 52 -0.66 7.05 4.10
C VAL A 52 0.81 7.19 3.65
N PRO A 53 1.37 6.24 2.88
CA PRO A 53 0.72 5.03 2.38
C PRO A 53 0.49 4.01 3.49
N GLN A 54 -0.48 3.12 3.28
CA GLN A 54 -0.67 1.94 4.11
C GLN A 54 -0.78 0.81 3.11
N ILE A 55 0.32 0.08 2.91
CA ILE A 55 0.26 -1.14 2.14
C ILE A 55 -0.09 -2.26 3.11
N PHE A 56 -0.91 -3.18 2.63
CA PHE A 56 -1.26 -4.44 3.20
C PHE A 56 -1.04 -5.47 2.10
N ILE A 57 -0.54 -6.66 2.45
CA ILE A 57 -0.48 -7.79 1.55
C ILE A 57 -0.99 -8.95 2.37
N ASP A 58 -1.84 -9.80 1.80
CA ASP A 58 -2.38 -10.98 2.45
C ASP A 58 -3.08 -10.62 3.78
N ALA A 59 -3.74 -9.45 3.81
CA ALA A 59 -4.37 -8.80 4.96
C ALA A 59 -3.40 -8.39 6.07
N GLN A 60 -2.10 -8.64 5.92
CA GLN A 60 -1.06 -8.21 6.85
C GLN A 60 -0.75 -6.76 6.56
N HIS A 61 -0.90 -5.88 7.53
CA HIS A 61 -0.42 -4.51 7.43
C HIS A 61 1.10 -4.56 7.32
N ILE A 62 1.66 -4.05 6.23
CA ILE A 62 3.09 -4.00 6.00
C ILE A 62 3.63 -2.76 6.72
N GLY A 63 3.26 -1.57 6.25
CA GLY A 63 3.84 -0.31 6.67
C GLY A 63 3.73 0.67 5.51
N GLY A 64 4.86 1.23 5.10
CA GLY A 64 5.00 2.29 4.11
C GLY A 64 5.91 1.85 2.97
N TYR A 65 6.25 2.78 2.07
CA TYR A 65 7.00 2.45 0.86
C TYR A 65 8.31 1.75 1.16
N ASP A 66 9.11 2.23 2.12
CA ASP A 66 10.43 1.62 2.37
C ASP A 66 10.28 0.16 2.78
N ASP A 67 9.23 -0.14 3.54
CA ASP A 67 8.96 -1.48 4.06
C ASP A 67 8.67 -2.44 2.91
N LEU A 68 7.74 -1.99 2.05
CA LEU A 68 7.26 -2.66 0.85
C LEU A 68 8.36 -2.82 -0.18
N TYR A 69 9.08 -1.74 -0.46
CA TYR A 69 10.20 -1.73 -1.38
C TYR A 69 11.27 -2.69 -0.88
N ALA A 70 11.56 -2.70 0.43
CA ALA A 70 12.51 -3.66 0.97
C ALA A 70 11.99 -5.09 0.83
N LEU A 71 10.69 -5.34 1.06
CA LEU A 71 10.08 -6.64 0.85
C LEU A 71 10.28 -7.10 -0.61
N ASP A 72 10.14 -6.19 -1.57
CA ASP A 72 10.43 -6.47 -2.98
C ASP A 72 11.92 -6.66 -3.23
N ALA A 73 12.78 -5.90 -2.55
CA ALA A 73 14.23 -5.99 -2.66
C ALA A 73 14.76 -7.31 -2.12
N ARG A 74 14.02 -7.94 -1.20
CA ARG A 74 14.29 -9.29 -0.71
C ARG A 74 13.92 -10.32 -1.76
N GLY A 75 13.07 -9.97 -2.72
CA GLY A 75 12.46 -10.92 -3.63
C GLY A 75 11.32 -11.64 -2.91
N GLY A 76 10.71 -10.99 -1.91
CA GLY A 76 9.67 -11.56 -1.06
C GLY A 76 8.30 -10.93 -1.30
N LEU A 77 8.21 -9.86 -2.08
CA LEU A 77 6.93 -9.32 -2.55
C LEU A 77 6.36 -10.22 -3.64
N ASP A 78 7.23 -10.65 -4.55
CA ASP A 78 6.90 -11.43 -5.75
C ASP A 78 6.12 -12.69 -5.34
N PRO A 79 6.65 -13.57 -4.46
CA PRO A 79 5.98 -14.82 -4.10
C PRO A 79 4.72 -14.62 -3.25
N LEU A 80 4.45 -13.41 -2.77
CA LEU A 80 3.15 -13.09 -2.17
C LEU A 80 2.19 -12.78 -3.30
N LEU A 81 2.49 -11.79 -4.14
CA LEU A 81 1.58 -11.30 -5.17
C LEU A 81 1.27 -12.37 -6.20
N LYS A 82 2.31 -12.93 -6.81
CA LYS A 82 2.21 -13.95 -7.84
C LYS A 82 1.93 -15.26 -7.14
N ALA A 1 -1.59 -12.35 -3.11
CA ALA A 1 -2.16 -11.66 -1.95
C ALA A 1 -3.21 -10.65 -2.39
N ASN A 2 -4.15 -10.30 -1.50
CA ASN A 2 -4.90 -9.05 -1.58
C ASN A 2 -3.95 -7.94 -1.18
N VAL A 3 -3.37 -7.24 -2.15
CA VAL A 3 -2.43 -6.16 -1.92
C VAL A 3 -3.20 -4.87 -1.97
N GLU A 4 -3.57 -4.38 -0.80
CA GLU A 4 -4.37 -3.21 -0.65
C GLU A 4 -3.46 -2.06 -0.26
N ILE A 5 -3.43 -0.98 -1.04
CA ILE A 5 -2.49 0.11 -0.82
C ILE A 5 -3.20 1.48 -0.79
N TYR A 6 -3.28 2.06 0.41
CA TYR A 6 -3.91 3.35 0.65
C TYR A 6 -3.02 4.50 0.15
N THR A 7 -3.61 5.63 -0.28
CA THR A 7 -2.93 6.72 -0.98
C THR A 7 -3.64 8.07 -0.83
N LYS A 8 -3.13 9.14 -1.48
CA LYS A 8 -3.82 10.42 -1.63
C LYS A 8 -3.33 11.04 -2.95
N GLU A 9 -3.74 12.28 -3.21
CA GLU A 9 -3.62 13.03 -4.47
C GLU A 9 -2.18 13.13 -5.00
N THR A 10 -1.18 13.04 -4.14
CA THR A 10 0.24 13.10 -4.50
C THR A 10 0.98 12.05 -3.68
N CYS A 11 1.33 12.38 -2.43
CA CYS A 11 2.08 11.54 -1.50
C CYS A 11 3.29 10.89 -2.20
N PRO A 12 4.47 11.54 -2.23
CA PRO A 12 5.69 11.06 -2.91
C PRO A 12 6.39 9.90 -2.17
N TYR A 13 5.58 8.95 -1.71
CA TYR A 13 5.86 7.65 -1.12
C TYR A 13 4.76 6.72 -1.66
N CYS A 14 3.50 7.12 -1.55
CA CYS A 14 2.36 6.46 -2.17
C CYS A 14 2.58 6.30 -3.67
N HIS A 15 2.95 7.39 -4.34
CA HIS A 15 3.38 7.38 -5.73
C HIS A 15 4.48 6.34 -5.93
N ARG A 16 5.56 6.42 -5.15
CA ARG A 16 6.74 5.57 -5.31
C ARG A 16 6.38 4.10 -5.30
N ALA A 17 5.56 3.68 -4.33
CA ALA A 17 5.05 2.32 -4.28
C ALA A 17 4.29 1.96 -5.56
N LYS A 18 3.30 2.74 -6.01
CA LYS A 18 2.66 2.44 -7.30
C LYS A 18 3.60 2.48 -8.49
N ALA A 19 4.63 3.31 -8.49
CA ALA A 19 5.60 3.30 -9.57
C ALA A 19 6.28 1.94 -9.62
N LEU A 20 6.70 1.40 -8.47
CA LEU A 20 7.31 0.09 -8.37
C LEU A 20 6.32 -0.97 -8.87
N LEU A 21 5.12 -0.99 -8.29
CA LEU A 21 4.13 -2.02 -8.56
C LEU A 21 3.65 -1.98 -10.00
N SER A 22 3.50 -0.79 -10.60
CA SER A 22 3.13 -0.65 -12.00
C SER A 22 4.33 -1.01 -12.90
N SER A 23 5.57 -0.82 -12.43
CA SER A 23 6.74 -1.29 -13.17
C SER A 23 6.80 -2.83 -13.17
N LYS A 24 6.26 -3.51 -12.14
CA LYS A 24 6.07 -4.96 -12.19
C LYS A 24 4.69 -5.33 -12.77
N GLY A 25 3.79 -4.37 -12.99
CA GLY A 25 2.50 -4.54 -13.63
C GLY A 25 1.56 -5.40 -12.79
N VAL A 26 1.76 -5.43 -11.48
CA VAL A 26 1.10 -6.39 -10.59
C VAL A 26 -0.38 -6.07 -10.36
N SER A 27 -1.14 -7.08 -9.96
CA SER A 27 -2.50 -6.99 -9.47
C SER A 27 -2.46 -6.47 -8.03
N PHE A 28 -2.87 -5.22 -7.83
CA PHE A 28 -3.06 -4.61 -6.51
C PHE A 28 -4.39 -3.86 -6.51
N GLN A 29 -4.84 -3.40 -5.34
CA GLN A 29 -5.99 -2.52 -5.18
C GLN A 29 -5.46 -1.24 -4.55
N GLU A 30 -5.90 -0.11 -5.08
CA GLU A 30 -5.55 1.22 -4.61
C GLU A 30 -6.72 1.70 -3.78
N LEU A 31 -6.42 2.32 -2.63
CA LEU A 31 -7.42 2.81 -1.71
C LEU A 31 -7.23 4.31 -1.58
N PRO A 32 -8.24 5.11 -1.98
CA PRO A 32 -8.09 6.55 -2.02
C PRO A 32 -8.37 7.18 -0.65
N ILE A 33 -7.82 8.36 -0.40
CA ILE A 33 -8.14 9.22 0.74
C ILE A 33 -8.30 10.67 0.22
N ASP A 34 -8.14 10.92 -1.08
CA ASP A 34 -8.51 12.18 -1.68
C ASP A 34 -10.04 12.22 -1.71
N GLY A 35 -10.64 13.01 -0.81
CA GLY A 35 -12.08 13.10 -0.64
C GLY A 35 -12.72 11.81 -0.11
N ASN A 36 -11.96 10.92 0.52
CA ASN A 36 -12.50 9.78 1.26
C ASN A 36 -12.19 9.97 2.73
N ALA A 37 -13.02 9.38 3.59
CA ALA A 37 -13.02 9.54 5.02
C ALA A 37 -13.81 8.41 5.68
N ALA A 38 -14.80 7.82 4.99
CA ALA A 38 -15.45 6.60 5.42
C ALA A 38 -14.42 5.47 5.56
N LYS A 39 -13.57 5.26 4.54
CA LYS A 39 -12.53 4.23 4.57
C LYS A 39 -11.25 4.71 5.25
N ARG A 40 -11.16 6.01 5.55
CA ARG A 40 -10.06 6.55 6.35
C ARG A 40 -10.21 6.08 7.78
N GLU A 41 -11.41 6.12 8.37
CA GLU A 41 -11.59 5.60 9.71
C GLU A 41 -11.45 4.08 9.75
N GLU A 42 -11.77 3.38 8.66
CA GLU A 42 -11.45 1.95 8.55
C GLU A 42 -9.94 1.77 8.67
N MET A 43 -9.15 2.64 8.05
CA MET A 43 -7.70 2.62 8.17
C MET A 43 -7.20 2.83 9.60
N ILE A 44 -8.00 3.43 10.49
CA ILE A 44 -7.66 3.52 11.91
C ILE A 44 -7.64 2.11 12.45
N LYS A 45 -8.75 1.37 12.41
CA LYS A 45 -8.79 0.04 13.01
C LYS A 45 -7.92 -0.96 12.25
N ARG A 46 -7.70 -0.78 10.95
CA ARG A 46 -6.83 -1.61 10.16
C ARG A 46 -5.34 -1.34 10.46
N SER A 47 -4.89 -0.09 10.64
CA SER A 47 -3.46 0.24 10.68
C SER A 47 -2.98 0.96 11.93
N GLY A 48 -3.90 1.62 12.64
CA GLY A 48 -3.63 2.56 13.73
C GLY A 48 -3.01 3.89 13.27
N ARG A 49 -2.70 4.05 11.98
CA ARG A 49 -1.88 5.17 11.50
C ARG A 49 -2.69 6.39 11.09
N THR A 50 -3.43 6.30 9.98
CA THR A 50 -4.12 7.36 9.22
C THR A 50 -3.13 8.07 8.26
N THR A 51 -1.85 7.76 8.38
CA THR A 51 -0.82 8.15 7.44
C THR A 51 -0.97 7.28 6.20
N VAL A 52 -0.22 7.60 5.15
CA VAL A 52 -0.15 6.83 3.93
C VAL A 52 1.26 6.92 3.33
N PRO A 53 1.65 5.99 2.43
CA PRO A 53 0.87 4.82 2.03
C PRO A 53 0.76 3.81 3.17
N GLN A 54 -0.24 2.95 3.07
CA GLN A 54 -0.50 1.83 3.96
C GLN A 54 -0.71 0.63 3.06
N ILE A 55 0.31 -0.21 2.88
CA ILE A 55 0.11 -1.50 2.22
C ILE A 55 -0.38 -2.48 3.28
N PHE A 56 -1.28 -3.35 2.84
CA PHE A 56 -1.79 -4.52 3.50
C PHE A 56 -1.63 -5.63 2.48
N ILE A 57 -1.13 -6.79 2.89
CA ILE A 57 -0.89 -7.92 2.01
C ILE A 57 -1.55 -9.11 2.72
N ASP A 58 -2.66 -9.62 2.18
CA ASP A 58 -3.55 -10.58 2.84
C ASP A 58 -3.81 -10.21 4.30
N ALA A 59 -4.45 -9.06 4.46
CA ALA A 59 -4.87 -8.43 5.70
C ALA A 59 -3.72 -7.93 6.56
N GLN A 60 -2.48 -8.29 6.22
CA GLN A 60 -1.31 -8.09 7.06
C GLN A 60 -0.80 -6.68 6.80
N HIS A 61 -0.97 -5.77 7.76
CA HIS A 61 -0.50 -4.40 7.69
C HIS A 61 1.03 -4.40 7.59
N ILE A 62 1.59 -3.94 6.47
CA ILE A 62 3.02 -3.90 6.23
C ILE A 62 3.61 -2.59 6.76
N GLY A 63 3.23 -1.45 6.20
CA GLY A 63 3.87 -0.17 6.46
C GLY A 63 3.64 0.76 5.28
N GLY A 64 4.67 1.49 4.85
CA GLY A 64 4.65 2.42 3.72
C GLY A 64 5.72 2.06 2.68
N TYR A 65 6.01 2.96 1.73
CA TYR A 65 6.84 2.61 0.57
C TYR A 65 8.21 2.10 0.96
N ASP A 66 8.84 2.67 1.97
CA ASP A 66 10.17 2.23 2.39
C ASP A 66 10.11 0.75 2.83
N ASP A 67 9.08 0.39 3.60
CA ASP A 67 8.85 -0.99 4.02
C ASP A 67 8.53 -1.90 2.83
N LEU A 68 7.76 -1.40 1.86
CA LEU A 68 7.34 -2.13 0.67
C LEU A 68 8.52 -2.38 -0.25
N TYR A 69 9.35 -1.38 -0.44
CA TYR A 69 10.47 -1.43 -1.34
C TYR A 69 11.57 -2.29 -0.72
N ALA A 70 11.71 -2.27 0.60
CA ALA A 70 12.54 -3.22 1.32
C ALA A 70 11.98 -4.63 1.18
N LEU A 71 10.65 -4.82 1.31
CA LEU A 71 10.01 -6.11 1.13
C LEU A 71 10.32 -6.67 -0.26
N ASP A 72 10.24 -5.81 -1.29
CA ASP A 72 10.62 -6.17 -2.64
C ASP A 72 12.10 -6.49 -2.76
N ALA A 73 12.96 -5.77 -2.04
CA ALA A 73 14.41 -5.97 -2.10
C ALA A 73 14.79 -7.34 -1.57
N ARG A 74 14.07 -7.85 -0.55
CA ARG A 74 14.30 -9.21 -0.05
C ARG A 74 13.66 -10.26 -0.93
N GLY A 75 12.98 -9.86 -2.01
CA GLY A 75 12.26 -10.76 -2.89
C GLY A 75 11.04 -11.35 -2.22
N GLY A 76 10.53 -10.71 -1.16
CA GLY A 76 9.41 -11.21 -0.38
C GLY A 76 8.09 -10.55 -0.80
N LEU A 77 8.14 -9.55 -1.68
CA LEU A 77 6.95 -8.97 -2.29
C LEU A 77 6.46 -9.90 -3.40
N ASP A 78 7.37 -10.29 -4.30
CA ASP A 78 7.11 -11.12 -5.47
C ASP A 78 6.23 -12.34 -5.20
N PRO A 79 6.53 -13.22 -4.22
CA PRO A 79 5.73 -14.42 -4.00
C PRO A 79 4.34 -14.10 -3.42
N LEU A 80 4.13 -12.90 -2.87
CA LEU A 80 2.83 -12.42 -2.39
C LEU A 80 2.11 -11.63 -3.50
N LEU A 81 2.72 -11.44 -4.66
CA LEU A 81 2.10 -10.90 -5.86
C LEU A 81 2.24 -11.91 -6.99
N LYS A 82 1.98 -13.16 -6.65
CA LYS A 82 1.83 -14.28 -7.57
C LYS A 82 0.68 -15.13 -7.07
N ALA A 1 -3.55 -13.81 -3.67
CA ALA A 1 -2.91 -12.63 -3.07
C ALA A 1 -3.88 -11.46 -3.04
N ASN A 2 -4.09 -10.86 -1.88
CA ASN A 2 -4.60 -9.49 -1.77
C ASN A 2 -3.37 -8.61 -1.74
N VAL A 3 -3.36 -7.51 -2.49
CA VAL A 3 -2.37 -6.45 -2.39
C VAL A 3 -3.15 -5.18 -2.46
N GLU A 4 -3.59 -4.76 -1.28
CA GLU A 4 -4.30 -3.53 -1.13
C GLU A 4 -3.29 -2.42 -0.84
N ILE A 5 -3.54 -1.21 -1.37
CA ILE A 5 -2.70 -0.07 -1.08
C ILE A 5 -3.54 1.19 -0.90
N TYR A 6 -3.57 1.72 0.32
CA TYR A 6 -4.23 2.99 0.63
C TYR A 6 -3.38 4.13 0.12
N THR A 7 -3.95 5.01 -0.73
CA THR A 7 -3.23 6.09 -1.38
C THR A 7 -4.08 7.36 -1.46
N LYS A 8 -3.48 8.49 -1.84
CA LYS A 8 -4.14 9.81 -1.94
C LYS A 8 -3.38 10.68 -2.94
N GLU A 9 -3.93 11.87 -3.23
CA GLU A 9 -3.48 12.77 -4.28
C GLU A 9 -2.05 13.21 -4.01
N THR A 10 -1.87 14.00 -2.96
CA THR A 10 -0.58 14.48 -2.50
C THR A 10 -0.03 13.40 -1.58
N CYS A 11 0.72 12.45 -2.14
CA CYS A 11 1.38 11.40 -1.39
C CYS A 11 2.59 10.89 -2.20
N PRO A 12 3.78 11.46 -2.00
CA PRO A 12 4.97 11.08 -2.75
C PRO A 12 5.30 9.61 -2.55
N TYR A 13 5.23 9.12 -1.30
CA TYR A 13 5.60 7.74 -1.02
C TYR A 13 4.52 6.79 -1.52
N CYS A 14 3.25 7.20 -1.62
CA CYS A 14 2.23 6.42 -2.28
C CYS A 14 2.61 6.21 -3.73
N HIS A 15 2.82 7.30 -4.47
CA HIS A 15 3.23 7.22 -5.86
C HIS A 15 4.49 6.37 -6.01
N ARG A 16 5.50 6.49 -5.14
CA ARG A 16 6.71 5.67 -5.21
C ARG A 16 6.38 4.18 -5.16
N ALA A 17 5.60 3.73 -4.16
CA ALA A 17 5.20 2.33 -4.06
C ALA A 17 4.34 1.92 -5.26
N LYS A 18 3.32 2.70 -5.62
CA LYS A 18 2.45 2.35 -6.74
C LYS A 18 3.26 2.21 -8.02
N ALA A 19 4.22 3.10 -8.25
CA ALA A 19 5.08 3.06 -9.41
C ALA A 19 5.97 1.81 -9.37
N LEU A 20 6.39 1.34 -8.19
CA LEU A 20 7.14 0.09 -8.06
C LEU A 20 6.25 -1.06 -8.51
N LEU A 21 5.01 -1.11 -8.01
CA LEU A 21 4.10 -2.21 -8.32
C LEU A 21 3.71 -2.21 -9.80
N SER A 22 3.40 -1.04 -10.37
CA SER A 22 3.11 -0.91 -11.79
C SER A 22 4.34 -1.26 -12.62
N SER A 23 5.55 -0.93 -12.15
CA SER A 23 6.79 -1.28 -12.82
C SER A 23 7.02 -2.78 -12.76
N LYS A 24 6.61 -3.46 -11.67
CA LYS A 24 6.67 -4.91 -11.61
C LYS A 24 5.55 -5.56 -12.42
N GLY A 25 4.55 -4.78 -12.85
CA GLY A 25 3.49 -5.23 -13.73
C GLY A 25 2.58 -6.21 -13.00
N VAL A 26 2.26 -5.90 -11.74
CA VAL A 26 1.48 -6.78 -10.87
C VAL A 26 0.02 -6.33 -10.84
N SER A 27 -0.87 -7.22 -10.40
CA SER A 27 -2.24 -6.89 -10.08
C SER A 27 -2.24 -6.45 -8.62
N PHE A 28 -2.96 -5.38 -8.31
CA PHE A 28 -3.09 -4.80 -6.97
C PHE A 28 -4.47 -4.13 -6.88
N GLN A 29 -4.90 -3.75 -5.68
CA GLN A 29 -6.10 -2.98 -5.40
C GLN A 29 -5.63 -1.65 -4.83
N GLU A 30 -6.36 -0.57 -5.09
CA GLU A 30 -6.07 0.76 -4.58
C GLU A 30 -7.25 1.14 -3.69
N LEU A 31 -6.96 1.84 -2.59
CA LEU A 31 -7.92 2.26 -1.60
C LEU A 31 -7.79 3.78 -1.47
N PRO A 32 -8.60 4.53 -2.24
CA PRO A 32 -8.43 5.95 -2.39
C PRO A 32 -8.85 6.68 -1.12
N ILE A 33 -8.18 7.80 -0.85
CA ILE A 33 -8.46 8.72 0.23
C ILE A 33 -8.74 10.12 -0.33
N ASP A 34 -8.65 10.32 -1.65
CA ASP A 34 -9.07 11.53 -2.32
C ASP A 34 -10.56 11.70 -2.15
N GLY A 35 -10.98 12.82 -1.57
CA GLY A 35 -12.38 13.11 -1.42
C GLY A 35 -13.05 12.25 -0.35
N ASN A 36 -12.28 11.70 0.58
CA ASN A 36 -12.71 10.72 1.56
C ASN A 36 -12.33 11.16 2.97
N ALA A 37 -12.91 10.52 3.98
CA ALA A 37 -12.87 10.88 5.38
C ALA A 37 -13.31 9.67 6.21
N ALA A 38 -14.43 9.04 5.86
CA ALA A 38 -14.87 7.82 6.52
C ALA A 38 -13.78 6.73 6.47
N LYS A 39 -13.23 6.45 5.28
CA LYS A 39 -12.17 5.45 5.14
C LYS A 39 -10.81 6.01 5.60
N ARG A 40 -10.72 7.31 5.88
CA ARG A 40 -9.52 7.94 6.40
C ARG A 40 -9.41 7.54 7.87
N GLU A 41 -10.42 7.82 8.70
CA GLU A 41 -10.38 7.44 10.11
C GLU A 41 -10.49 5.92 10.29
N GLU A 42 -11.07 5.18 9.32
CA GLU A 42 -11.10 3.72 9.34
C GLU A 42 -9.69 3.12 9.47
N MET A 43 -8.65 3.83 9.01
CA MET A 43 -7.25 3.48 9.13
C MET A 43 -6.84 3.19 10.58
N ILE A 44 -7.58 3.70 11.56
CA ILE A 44 -7.30 3.51 12.97
C ILE A 44 -7.63 2.06 13.36
N LYS A 45 -8.77 1.48 12.95
CA LYS A 45 -8.98 0.05 13.15
C LYS A 45 -8.17 -0.78 12.15
N ARG A 46 -8.01 -0.31 10.91
CA ARG A 46 -7.34 -1.06 9.85
C ARG A 46 -5.86 -1.25 10.16
N SER A 47 -5.19 -0.21 10.65
CA SER A 47 -3.75 -0.14 10.77
C SER A 47 -3.28 0.46 12.11
N GLY A 48 -4.16 1.04 12.92
CA GLY A 48 -3.76 1.84 14.09
C GLY A 48 -3.31 3.26 13.75
N ARG A 49 -3.32 3.70 12.48
CA ARG A 49 -2.79 4.99 12.07
C ARG A 49 -3.82 5.73 11.19
N THR A 50 -3.39 6.73 10.43
CA THR A 50 -4.17 7.59 9.56
C THR A 50 -3.30 8.17 8.42
N THR A 51 -2.05 7.69 8.29
CA THR A 51 -0.99 8.13 7.40
C THR A 51 -0.74 7.09 6.30
N VAL A 52 -0.14 7.52 5.20
CA VAL A 52 -0.04 6.75 3.94
C VAL A 52 1.39 6.67 3.34
N PRO A 53 1.65 5.77 2.36
CA PRO A 53 0.73 4.73 1.87
C PRO A 53 0.57 3.64 2.91
N GLN A 54 -0.39 2.76 2.71
CA GLN A 54 -0.51 1.58 3.54
C GLN A 54 -0.72 0.38 2.64
N ILE A 55 0.32 -0.41 2.43
CA ILE A 55 0.16 -1.69 1.75
C ILE A 55 -0.37 -2.68 2.78
N PHE A 56 -1.34 -3.49 2.37
CA PHE A 56 -1.82 -4.64 3.09
C PHE A 56 -1.61 -5.80 2.13
N ILE A 57 -0.48 -6.49 2.29
CA ILE A 57 -0.12 -7.66 1.51
C ILE A 57 -0.71 -8.82 2.28
N ASP A 58 -1.72 -9.48 1.72
CA ASP A 58 -2.42 -10.60 2.33
C ASP A 58 -2.90 -10.31 3.74
N ALA A 59 -3.77 -9.30 3.86
CA ALA A 59 -4.44 -8.91 5.09
C ALA A 59 -3.48 -8.47 6.20
N GLN A 60 -2.23 -8.20 5.85
CA GLN A 60 -1.12 -7.94 6.76
C GLN A 60 -0.61 -6.55 6.38
N HIS A 61 -0.85 -5.59 7.27
CA HIS A 61 -0.35 -4.23 7.14
C HIS A 61 1.17 -4.27 7.10
N ILE A 62 1.75 -3.92 5.96
CA ILE A 62 3.17 -3.72 5.80
C ILE A 62 3.52 -2.36 6.41
N GLY A 63 3.15 -1.28 5.70
CA GLY A 63 3.55 0.06 6.07
C GLY A 63 3.64 0.89 4.80
N GLY A 64 4.70 1.71 4.73
CA GLY A 64 4.92 2.71 3.70
C GLY A 64 5.65 2.12 2.51
N TYR A 65 6.08 2.99 1.58
CA TYR A 65 6.93 2.60 0.47
C TYR A 65 8.26 2.07 0.98
N ASP A 66 8.83 2.64 2.03
CA ASP A 66 10.12 2.16 2.56
C ASP A 66 9.98 0.69 2.96
N ASP A 67 8.87 0.38 3.63
CA ASP A 67 8.58 -0.95 4.18
C ASP A 67 8.40 -1.95 3.03
N LEU A 68 7.62 -1.52 2.03
CA LEU A 68 7.30 -2.27 0.82
C LEU A 68 8.53 -2.51 -0.03
N TYR A 69 9.32 -1.48 -0.26
CA TYR A 69 10.51 -1.53 -1.08
C TYR A 69 11.54 -2.40 -0.38
N ALA A 70 11.60 -2.42 0.96
CA ALA A 70 12.40 -3.38 1.70
C ALA A 70 11.91 -4.81 1.50
N LEU A 71 10.59 -5.06 1.59
CA LEU A 71 10.00 -6.36 1.33
C LEU A 71 10.36 -6.84 -0.09
N ASP A 72 10.27 -5.93 -1.06
CA ASP A 72 10.62 -6.18 -2.45
C ASP A 72 12.12 -6.39 -2.62
N ALA A 73 12.95 -5.68 -1.85
CA ALA A 73 14.41 -5.81 -1.87
C ALA A 73 14.83 -7.16 -1.27
N ARG A 74 14.01 -7.74 -0.39
CA ARG A 74 14.19 -9.11 0.07
C ARG A 74 13.82 -10.11 -1.00
N GLY A 75 13.01 -9.70 -1.98
CA GLY A 75 12.38 -10.57 -2.94
C GLY A 75 11.15 -11.23 -2.32
N GLY A 76 10.77 -10.83 -1.10
CA GLY A 76 9.69 -11.43 -0.35
C GLY A 76 8.33 -10.90 -0.78
N LEU A 77 8.29 -9.85 -1.61
CA LEU A 77 7.08 -9.38 -2.26
C LEU A 77 6.68 -10.32 -3.40
N ASP A 78 7.66 -10.83 -4.15
CA ASP A 78 7.48 -11.71 -5.30
C ASP A 78 6.49 -12.87 -5.07
N PRO A 79 6.61 -13.72 -4.03
CA PRO A 79 5.69 -14.84 -3.81
C PRO A 79 4.27 -14.40 -3.43
N LEU A 80 4.05 -13.10 -3.21
CA LEU A 80 2.78 -12.51 -2.79
C LEU A 80 2.20 -11.61 -3.89
N LEU A 81 2.84 -11.53 -5.07
CA LEU A 81 2.34 -10.74 -6.20
C LEU A 81 2.47 -11.42 -7.56
N LYS A 82 2.86 -12.69 -7.56
CA LYS A 82 3.07 -13.47 -8.78
C LYS A 82 2.40 -14.80 -8.55
N ALA A 1 -3.68 -13.98 -2.12
CA ALA A 1 -3.15 -12.69 -2.55
C ALA A 1 -4.21 -11.61 -2.47
N ASN A 2 -3.91 -10.53 -1.75
CA ASN A 2 -4.54 -9.25 -1.75
C ASN A 2 -3.41 -8.25 -1.73
N VAL A 3 -3.43 -7.20 -2.55
CA VAL A 3 -2.51 -6.08 -2.42
C VAL A 3 -3.34 -4.83 -2.45
N GLU A 4 -3.24 -4.07 -1.37
CA GLU A 4 -4.10 -2.96 -1.09
C GLU A 4 -3.23 -1.83 -0.62
N ILE A 5 -3.39 -0.65 -1.23
CA ILE A 5 -2.52 0.48 -0.95
C ILE A 5 -3.37 1.71 -0.69
N TYR A 6 -3.41 2.17 0.56
CA TYR A 6 -4.11 3.39 0.89
C TYR A 6 -3.27 4.58 0.41
N THR A 7 -3.94 5.58 -0.17
CA THR A 7 -3.34 6.70 -0.87
C THR A 7 -4.20 7.97 -0.75
N LYS A 8 -3.78 9.08 -1.36
CA LYS A 8 -4.55 10.33 -1.55
C LYS A 8 -4.05 10.91 -2.87
N GLU A 9 -4.67 11.99 -3.37
CA GLU A 9 -4.40 12.48 -4.74
C GLU A 9 -2.99 13.02 -4.93
N THR A 10 -2.28 13.31 -3.84
CA THR A 10 -0.85 13.60 -3.85
C THR A 10 -0.28 12.85 -2.67
N CYS A 11 0.75 12.05 -2.93
CA CYS A 11 1.45 11.26 -1.93
C CYS A 11 2.72 10.76 -2.61
N PRO A 12 3.88 11.43 -2.46
CA PRO A 12 5.10 11.07 -3.16
C PRO A 12 5.53 9.63 -2.91
N TYR A 13 5.39 9.12 -1.68
CA TYR A 13 5.77 7.75 -1.36
C TYR A 13 4.71 6.76 -1.87
N CYS A 14 3.43 7.14 -1.94
CA CYS A 14 2.45 6.31 -2.61
C CYS A 14 2.86 6.10 -4.06
N HIS A 15 3.15 7.21 -4.76
CA HIS A 15 3.61 7.13 -6.12
C HIS A 15 4.89 6.28 -6.23
N ARG A 16 5.85 6.38 -5.30
CA ARG A 16 7.03 5.50 -5.29
C ARG A 16 6.60 4.03 -5.29
N ALA A 17 5.76 3.61 -4.34
CA ALA A 17 5.30 2.22 -4.27
C ALA A 17 4.54 1.84 -5.53
N LYS A 18 3.54 2.63 -5.94
CA LYS A 18 2.73 2.30 -7.10
C LYS A 18 3.58 2.24 -8.37
N ALA A 19 4.62 3.07 -8.49
CA ALA A 19 5.53 3.01 -9.61
C ALA A 19 6.24 1.66 -9.62
N LEU A 20 6.81 1.25 -8.48
CA LEU A 20 7.52 -0.02 -8.35
C LEU A 20 6.60 -1.17 -8.73
N LEU A 21 5.39 -1.18 -8.16
CA LEU A 21 4.43 -2.25 -8.34
C LEU A 21 3.92 -2.30 -9.78
N SER A 22 3.65 -1.15 -10.41
CA SER A 22 3.23 -1.13 -11.80
C SER A 22 4.38 -1.52 -12.72
N SER A 23 5.63 -1.20 -12.37
CA SER A 23 6.80 -1.67 -13.11
C SER A 23 6.98 -3.18 -12.97
N LYS A 24 6.64 -3.76 -11.82
CA LYS A 24 6.60 -5.21 -11.66
C LYS A 24 5.37 -5.80 -12.37
N GLY A 25 4.43 -4.97 -12.80
CA GLY A 25 3.27 -5.35 -13.60
C GLY A 25 2.16 -5.97 -12.76
N VAL A 26 2.21 -5.80 -11.45
CA VAL A 26 1.34 -6.54 -10.55
C VAL A 26 -0.10 -6.01 -10.61
N SER A 27 -1.04 -6.81 -10.11
CA SER A 27 -2.45 -6.52 -10.05
C SER A 27 -2.83 -6.20 -8.61
N PHE A 28 -3.09 -4.93 -8.31
CA PHE A 28 -3.24 -4.40 -6.94
C PHE A 28 -4.47 -3.49 -6.85
N GLN A 29 -4.86 -3.10 -5.63
CA GLN A 29 -5.99 -2.22 -5.34
C GLN A 29 -5.44 -0.96 -4.67
N GLU A 30 -6.03 0.20 -4.93
CA GLU A 30 -5.69 1.43 -4.23
C GLU A 30 -6.92 1.86 -3.41
N LEU A 31 -6.71 2.55 -2.29
CA LEU A 31 -7.71 2.86 -1.29
C LEU A 31 -7.56 4.34 -0.88
N PRO A 32 -8.23 5.26 -1.59
CA PRO A 32 -7.97 6.68 -1.44
C PRO A 32 -8.54 7.23 -0.12
N ILE A 33 -7.93 8.29 0.39
CA ILE A 33 -8.42 9.12 1.49
C ILE A 33 -8.44 10.58 1.06
N ASP A 34 -8.99 10.80 -0.14
CA ASP A 34 -9.38 12.06 -0.76
C ASP A 34 -10.41 12.78 0.14
N GLY A 35 -11.41 13.46 -0.40
CA GLY A 35 -12.53 13.96 0.38
C GLY A 35 -13.40 12.78 0.86
N ASN A 36 -12.83 11.92 1.69
CA ASN A 36 -13.36 10.62 2.09
C ASN A 36 -12.80 10.27 3.47
N ALA A 37 -13.52 10.63 4.53
CA ALA A 37 -13.23 10.16 5.87
C ALA A 37 -13.47 8.67 6.06
N ALA A 38 -14.30 7.99 5.25
CA ALA A 38 -14.73 6.63 5.53
C ALA A 38 -13.52 5.69 5.53
N LYS A 39 -12.76 5.70 4.45
CA LYS A 39 -11.59 4.83 4.37
C LYS A 39 -10.52 5.27 5.37
N ARG A 40 -10.50 6.54 5.79
CA ARG A 40 -9.51 7.06 6.72
C ARG A 40 -9.81 6.53 8.12
N GLU A 41 -11.06 6.61 8.55
CA GLU A 41 -11.58 6.03 9.78
C GLU A 41 -11.39 4.50 9.75
N GLU A 42 -11.63 3.88 8.59
CA GLU A 42 -11.35 2.46 8.39
C GLU A 42 -9.88 2.17 8.66
N MET A 43 -9.01 3.04 8.15
CA MET A 43 -7.57 2.95 8.29
C MET A 43 -7.13 2.98 9.74
N ILE A 44 -7.96 3.44 10.68
CA ILE A 44 -7.66 3.33 12.10
C ILE A 44 -7.72 1.86 12.48
N LYS A 45 -8.85 1.15 12.29
CA LYS A 45 -8.89 -0.28 12.63
C LYS A 45 -7.88 -1.07 11.80
N ARG A 46 -7.76 -0.76 10.52
CA ARG A 46 -6.89 -1.47 9.60
C ARG A 46 -5.42 -1.27 9.95
N SER A 47 -4.97 -0.04 10.27
CA SER A 47 -3.55 0.28 10.38
C SER A 47 -3.14 0.94 11.71
N GLY A 48 -4.07 1.64 12.36
CA GLY A 48 -3.88 2.53 13.49
C GLY A 48 -3.37 3.92 13.10
N ARG A 49 -2.76 4.04 11.92
CA ARG A 49 -2.01 5.22 11.50
C ARG A 49 -2.88 6.28 10.83
N THR A 50 -3.52 5.93 9.71
CA THR A 50 -4.28 6.81 8.81
C THR A 50 -3.38 7.70 7.93
N THR A 51 -2.11 7.34 7.83
CA THR A 51 -1.12 8.02 7.02
C THR A 51 -1.00 7.29 5.69
N VAL A 52 -0.18 7.81 4.78
CA VAL A 52 -0.06 7.19 3.48
C VAL A 52 1.42 7.14 3.06
N PRO A 53 1.82 6.19 2.19
CA PRO A 53 1.02 5.05 1.80
C PRO A 53 0.86 4.08 2.97
N GLN A 54 -0.21 3.29 2.92
CA GLN A 54 -0.44 2.16 3.81
C GLN A 54 -0.64 0.97 2.90
N ILE A 55 0.43 0.22 2.62
CA ILE A 55 0.31 -1.02 1.88
C ILE A 55 -0.11 -2.10 2.88
N PHE A 56 -0.95 -3.00 2.40
CA PHE A 56 -1.47 -4.19 3.01
C PHE A 56 -1.25 -5.29 1.98
N ILE A 57 -0.61 -6.40 2.32
CA ILE A 57 -0.36 -7.52 1.42
C ILE A 57 -0.81 -8.76 2.16
N ASP A 58 -1.69 -9.54 1.54
CA ASP A 58 -2.44 -10.66 2.10
C ASP A 58 -2.93 -10.31 3.50
N ALA A 59 -3.65 -9.19 3.58
CA ALA A 59 -4.26 -8.55 4.73
C ALA A 59 -3.25 -7.97 5.72
N GLN A 60 -1.97 -8.24 5.55
CA GLN A 60 -0.95 -7.89 6.51
C GLN A 60 -0.58 -6.43 6.30
N HIS A 61 -0.81 -5.58 7.30
CA HIS A 61 -0.42 -4.17 7.26
C HIS A 61 1.11 -4.07 7.17
N ILE A 62 1.64 -3.81 5.98
CA ILE A 62 3.07 -3.76 5.71
C ILE A 62 3.65 -2.47 6.30
N GLY A 63 3.17 -1.30 5.87
CA GLY A 63 3.75 -0.02 6.23
C GLY A 63 3.71 0.93 5.04
N GLY A 64 4.77 1.72 4.87
CA GLY A 64 4.92 2.70 3.81
C GLY A 64 5.74 2.14 2.65
N TYR A 65 6.12 3.00 1.70
CA TYR A 65 6.87 2.56 0.53
C TYR A 65 8.21 1.99 0.95
N ASP A 66 8.90 2.59 1.91
CA ASP A 66 10.20 2.11 2.35
C ASP A 66 10.08 0.66 2.85
N ASP A 67 9.00 0.37 3.57
CA ASP A 67 8.69 -0.94 4.14
C ASP A 67 8.46 -1.96 3.02
N LEU A 68 7.63 -1.59 2.06
CA LEU A 68 7.30 -2.36 0.86
C LEU A 68 8.52 -2.62 0.01
N TYR A 69 9.31 -1.58 -0.24
CA TYR A 69 10.50 -1.65 -1.06
C TYR A 69 11.55 -2.54 -0.38
N ALA A 70 11.63 -2.52 0.96
CA ALA A 70 12.43 -3.48 1.71
C ALA A 70 11.92 -4.90 1.48
N LEU A 71 10.61 -5.13 1.59
CA LEU A 71 9.98 -6.43 1.38
C LEU A 71 10.32 -6.98 -0.01
N ASP A 72 10.21 -6.13 -1.04
CA ASP A 72 10.61 -6.43 -2.41
C ASP A 72 12.10 -6.74 -2.51
N ALA A 73 12.92 -5.95 -1.82
CA ALA A 73 14.37 -6.15 -1.78
C ALA A 73 14.72 -7.47 -1.10
N ARG A 74 13.85 -7.99 -0.24
CA ARG A 74 14.02 -9.29 0.44
C ARG A 74 13.38 -10.40 -0.37
N GLY A 75 12.83 -10.10 -1.56
CA GLY A 75 12.14 -11.05 -2.40
C GLY A 75 10.92 -11.67 -1.70
N GLY A 76 10.39 -11.00 -0.65
CA GLY A 76 9.24 -11.48 0.09
C GLY A 76 7.93 -10.91 -0.46
N LEU A 77 8.03 -9.98 -1.41
CA LEU A 77 6.89 -9.37 -2.09
C LEU A 77 6.37 -10.34 -3.15
N ASP A 78 7.26 -10.79 -4.03
CA ASP A 78 7.00 -11.68 -5.16
C ASP A 78 6.16 -12.91 -4.80
N PRO A 79 6.51 -13.73 -3.79
CA PRO A 79 5.72 -14.91 -3.45
C PRO A 79 4.35 -14.56 -2.84
N LEU A 80 4.01 -13.28 -2.66
CA LEU A 80 2.70 -12.78 -2.29
C LEU A 80 2.04 -11.99 -3.43
N LEU A 81 2.73 -11.77 -4.57
CA LEU A 81 2.23 -11.03 -5.73
C LEU A 81 2.25 -11.83 -7.04
N LYS A 82 2.62 -13.11 -6.98
CA LYS A 82 2.72 -14.01 -8.13
C LYS A 82 3.68 -13.39 -9.14
N ALA A 1 -3.60 -12.43 -5.36
CA ALA A 1 -2.87 -11.82 -4.25
C ALA A 1 -3.79 -10.81 -3.58
N ASN A 2 -4.01 -10.96 -2.28
CA ASN A 2 -4.90 -10.10 -1.53
C ASN A 2 -4.11 -8.86 -1.16
N VAL A 3 -4.20 -7.81 -1.99
CA VAL A 3 -3.35 -6.64 -1.83
C VAL A 3 -4.18 -5.39 -2.00
N GLU A 4 -3.99 -4.46 -1.07
CA GLU A 4 -4.64 -3.17 -1.03
C GLU A 4 -3.56 -2.14 -0.76
N ILE A 5 -3.64 -0.97 -1.37
CA ILE A 5 -2.68 0.10 -1.13
C ILE A 5 -3.44 1.44 -1.03
N TYR A 6 -3.23 2.16 0.08
CA TYR A 6 -3.98 3.37 0.43
C TYR A 6 -3.11 4.58 0.12
N THR A 7 -3.66 5.53 -0.64
CA THR A 7 -2.97 6.70 -1.13
C THR A 7 -3.90 7.92 -1.09
N LYS A 8 -3.42 9.11 -1.46
CA LYS A 8 -4.26 10.30 -1.58
C LYS A 8 -3.77 11.12 -2.78
N GLU A 9 -4.34 12.31 -2.94
CA GLU A 9 -3.89 13.35 -3.85
C GLU A 9 -2.39 13.59 -3.66
N THR A 10 -1.99 13.91 -2.44
CA THR A 10 -0.60 13.97 -2.02
C THR A 10 -0.13 12.57 -1.59
N CYS A 11 1.10 12.49 -1.04
CA CYS A 11 1.84 11.31 -0.60
C CYS A 11 2.78 10.87 -1.73
N PRO A 12 3.96 11.51 -1.88
CA PRO A 12 4.92 11.16 -2.93
C PRO A 12 5.43 9.73 -2.79
N TYR A 13 5.48 9.19 -1.57
CA TYR A 13 5.91 7.81 -1.37
C TYR A 13 4.80 6.87 -1.86
N CYS A 14 3.52 7.25 -1.77
CA CYS A 14 2.41 6.42 -2.22
C CYS A 14 2.52 6.16 -3.71
N HIS A 15 2.76 7.24 -4.48
CA HIS A 15 3.08 7.12 -5.89
C HIS A 15 4.27 6.17 -6.07
N ARG A 16 5.38 6.37 -5.36
CA ARG A 16 6.57 5.55 -5.56
C ARG A 16 6.29 4.06 -5.43
N ALA A 17 5.52 3.65 -4.42
CA ALA A 17 5.12 2.25 -4.27
C ALA A 17 4.23 1.80 -5.43
N LYS A 18 3.16 2.53 -5.78
CA LYS A 18 2.29 2.11 -6.88
C LYS A 18 3.08 1.96 -8.18
N ALA A 19 4.04 2.84 -8.43
CA ALA A 19 4.93 2.74 -9.58
C ALA A 19 5.74 1.45 -9.53
N LEU A 20 6.20 1.06 -8.34
CA LEU A 20 6.94 -0.19 -8.15
C LEU A 20 6.02 -1.37 -8.45
N LEU A 21 4.78 -1.37 -7.95
CA LEU A 21 3.85 -2.47 -8.16
C LEU A 21 3.53 -2.65 -9.65
N SER A 22 3.35 -1.54 -10.38
CA SER A 22 3.13 -1.58 -11.81
C SER A 22 4.38 -2.13 -12.52
N SER A 23 5.58 -1.80 -12.05
CA SER A 23 6.81 -2.34 -12.60
C SER A 23 7.04 -3.81 -12.25
N LYS A 24 6.54 -4.28 -11.10
CA LYS A 24 6.51 -5.70 -10.80
C LYS A 24 5.40 -6.40 -11.60
N GLY A 25 4.47 -5.63 -12.17
CA GLY A 25 3.43 -6.14 -13.05
C GLY A 25 2.47 -7.00 -12.24
N VAL A 26 2.05 -6.50 -11.09
CA VAL A 26 1.18 -7.23 -10.16
C VAL A 26 -0.26 -6.75 -10.25
N SER A 27 -1.17 -7.46 -9.60
CA SER A 27 -2.56 -7.11 -9.41
C SER A 27 -2.74 -6.63 -7.97
N PHE A 28 -3.13 -5.37 -7.76
CA PHE A 28 -3.44 -4.82 -6.44
C PHE A 28 -4.74 -4.02 -6.50
N GLN A 29 -5.34 -3.74 -5.34
CA GLN A 29 -6.43 -2.79 -5.19
C GLN A 29 -5.78 -1.49 -4.77
N GLU A 30 -6.27 -0.38 -5.32
CA GLU A 30 -5.79 0.96 -5.01
C GLU A 30 -6.94 1.71 -4.35
N LEU A 31 -6.65 2.41 -3.25
CA LEU A 31 -7.63 3.05 -2.38
C LEU A 31 -7.27 4.52 -2.28
N PRO A 32 -8.03 5.41 -2.93
CA PRO A 32 -7.84 6.85 -2.77
C PRO A 32 -8.40 7.26 -1.41
N ILE A 33 -7.88 8.34 -0.85
CA ILE A 33 -8.38 8.93 0.39
C ILE A 33 -8.90 10.35 0.13
N ASP A 34 -8.61 10.94 -1.03
CA ASP A 34 -9.08 12.30 -1.32
C ASP A 34 -10.59 12.26 -1.50
N GLY A 35 -11.33 12.93 -0.62
CA GLY A 35 -12.77 12.87 -0.63
C GLY A 35 -13.32 11.51 -0.20
N ASN A 36 -12.51 10.68 0.49
CA ASN A 36 -12.95 9.37 0.99
C ASN A 36 -12.42 9.26 2.44
N ALA A 37 -12.47 10.37 3.19
CA ALA A 37 -11.92 10.46 4.53
C ALA A 37 -12.66 9.58 5.56
N ALA A 38 -13.87 9.08 5.26
CA ALA A 38 -14.50 8.08 6.09
C ALA A 38 -13.60 6.84 6.18
N LYS A 39 -13.09 6.38 5.04
CA LYS A 39 -12.20 5.22 4.99
C LYS A 39 -10.88 5.52 5.68
N ARG A 40 -10.40 6.75 5.58
CA ARG A 40 -9.23 7.21 6.32
C ARG A 40 -9.43 6.98 7.80
N GLU A 41 -10.55 7.41 8.36
CA GLU A 41 -10.78 7.19 9.77
C GLU A 41 -10.99 5.71 10.07
N GLU A 42 -11.55 4.90 9.16
CA GLU A 42 -11.53 3.46 9.33
C GLU A 42 -10.10 2.94 9.37
N MET A 43 -9.21 3.48 8.53
CA MET A 43 -7.79 3.18 8.48
C MET A 43 -7.10 3.38 9.83
N ILE A 44 -7.72 4.02 10.83
CA ILE A 44 -7.20 4.02 12.19
C ILE A 44 -7.26 2.55 12.64
N LYS A 45 -8.43 1.99 12.96
CA LYS A 45 -8.50 0.64 13.48
C LYS A 45 -8.15 -0.41 12.43
N ARG A 46 -8.21 -0.09 11.13
CA ARG A 46 -7.76 -1.00 10.07
C ARG A 46 -6.24 -1.11 10.01
N SER A 47 -5.46 -0.15 10.53
CA SER A 47 -4.00 -0.21 10.37
C SER A 47 -3.19 0.09 11.64
N GLY A 48 -3.83 0.68 12.66
CA GLY A 48 -3.18 1.24 13.83
C GLY A 48 -2.57 2.61 13.55
N ARG A 49 -2.65 3.12 12.32
CA ARG A 49 -1.93 4.30 11.85
C ARG A 49 -2.92 5.40 11.46
N THR A 50 -3.64 5.26 10.33
CA THR A 50 -4.49 6.23 9.61
C THR A 50 -3.67 7.06 8.60
N THR A 51 -2.36 6.89 8.59
CA THR A 51 -1.40 7.68 7.83
C THR A 51 -0.91 6.84 6.66
N VAL A 52 -0.32 7.47 5.65
CA VAL A 52 -0.02 6.83 4.37
C VAL A 52 1.48 7.00 4.04
N PRO A 53 2.05 6.23 3.10
CA PRO A 53 1.43 5.12 2.37
C PRO A 53 1.06 3.96 3.27
N GLN A 54 0.17 3.09 2.79
CA GLN A 54 -0.10 1.81 3.42
C GLN A 54 -0.25 0.76 2.34
N ILE A 55 0.26 -0.44 2.57
CA ILE A 55 -0.01 -1.62 1.75
C ILE A 55 -0.51 -2.65 2.76
N PHE A 56 -1.42 -3.50 2.31
CA PHE A 56 -1.86 -4.69 3.00
C PHE A 56 -1.57 -5.82 2.03
N ILE A 57 -0.98 -6.92 2.49
CA ILE A 57 -0.61 -8.03 1.65
C ILE A 57 -1.02 -9.29 2.42
N ASP A 58 -1.89 -10.13 1.87
CA ASP A 58 -2.56 -11.21 2.57
C ASP A 58 -3.19 -10.68 3.86
N ALA A 59 -3.84 -9.51 3.75
CA ALA A 59 -4.52 -8.77 4.80
C ALA A 59 -3.60 -8.13 5.85
N GLN A 60 -2.30 -8.36 5.76
CA GLN A 60 -1.27 -7.98 6.72
C GLN A 60 -0.88 -6.53 6.45
N HIS A 61 -1.15 -5.59 7.36
CA HIS A 61 -0.72 -4.20 7.19
C HIS A 61 0.80 -4.15 7.19
N ILE A 62 1.40 -3.79 6.06
CA ILE A 62 2.84 -3.66 5.91
C ILE A 62 3.27 -2.28 6.41
N GLY A 63 3.01 -1.20 5.66
CA GLY A 63 3.59 0.11 5.94
C GLY A 63 3.77 0.99 4.69
N GLY A 64 4.83 1.81 4.67
CA GLY A 64 5.09 2.85 3.67
C GLY A 64 5.77 2.32 2.40
N TYR A 65 6.22 3.19 1.50
CA TYR A 65 6.92 2.76 0.28
C TYR A 65 8.30 2.25 0.61
N ASP A 66 8.99 2.91 1.53
CA ASP A 66 10.28 2.47 2.01
C ASP A 66 10.19 1.08 2.68
N ASP A 67 9.08 0.78 3.35
CA ASP A 67 8.81 -0.57 3.87
C ASP A 67 8.57 -1.55 2.71
N LEU A 68 7.71 -1.18 1.77
CA LEU A 68 7.33 -1.99 0.61
C LEU A 68 8.53 -2.32 -0.26
N TYR A 69 9.38 -1.33 -0.49
CA TYR A 69 10.49 -1.47 -1.38
C TYR A 69 11.52 -2.37 -0.70
N ALA A 70 11.69 -2.25 0.62
CA ALA A 70 12.48 -3.20 1.39
C ALA A 70 11.90 -4.61 1.24
N LEU A 71 10.58 -4.80 1.37
CA LEU A 71 9.95 -6.10 1.19
C LEU A 71 10.26 -6.67 -0.20
N ASP A 72 10.12 -5.88 -1.25
CA ASP A 72 10.46 -6.31 -2.60
C ASP A 72 11.96 -6.61 -2.74
N ALA A 73 12.80 -5.87 -2.01
CA ALA A 73 14.25 -6.00 -2.04
C ALA A 73 14.76 -7.25 -1.31
N ARG A 74 13.95 -7.87 -0.43
CA ARG A 74 14.31 -9.19 0.10
C ARG A 74 13.87 -10.31 -0.84
N GLY A 75 13.27 -9.96 -1.99
CA GLY A 75 12.65 -10.94 -2.86
C GLY A 75 11.34 -11.44 -2.27
N GLY A 76 10.71 -10.67 -1.38
CA GLY A 76 9.58 -11.09 -0.59
C GLY A 76 8.28 -10.41 -0.98
N LEU A 77 8.30 -9.47 -1.93
CA LEU A 77 7.05 -8.95 -2.48
C LEU A 77 6.55 -9.94 -3.53
N ASP A 78 7.44 -10.36 -4.43
CA ASP A 78 7.11 -11.21 -5.57
C ASP A 78 6.37 -12.49 -5.19
N PRO A 79 6.80 -13.31 -4.19
CA PRO A 79 6.03 -14.50 -3.84
C PRO A 79 4.66 -14.15 -3.25
N LEU A 80 4.50 -13.00 -2.59
CA LEU A 80 3.22 -12.55 -2.07
C LEU A 80 2.34 -11.92 -3.17
N LEU A 81 2.90 -11.60 -4.33
CA LEU A 81 2.25 -10.91 -5.45
C LEU A 81 2.70 -11.55 -6.77
N LYS A 82 3.70 -10.98 -7.43
CA LYS A 82 4.27 -11.34 -8.73
C LYS A 82 5.49 -10.46 -8.93
N ALA A 1 -1.65 -12.15 -4.67
CA ALA A 1 -2.67 -12.24 -3.63
C ALA A 1 -3.18 -10.82 -3.32
N ASN A 2 -4.02 -10.64 -2.29
CA ASN A 2 -4.70 -9.37 -2.04
C ASN A 2 -3.77 -8.30 -1.47
N VAL A 3 -3.21 -7.47 -2.33
CA VAL A 3 -2.47 -6.28 -1.96
C VAL A 3 -3.41 -5.10 -1.99
N GLU A 4 -3.33 -4.26 -0.96
CA GLU A 4 -4.15 -3.07 -0.84
C GLU A 4 -3.22 -1.90 -0.54
N ILE A 5 -3.47 -0.74 -1.14
CA ILE A 5 -2.63 0.43 -0.92
C ILE A 5 -3.50 1.68 -0.80
N TYR A 6 -3.42 2.35 0.34
CA TYR A 6 -4.23 3.53 0.60
C TYR A 6 -3.45 4.76 0.19
N THR A 7 -4.09 5.67 -0.55
CA THR A 7 -3.42 6.79 -1.22
C THR A 7 -4.28 8.07 -1.14
N LYS A 8 -3.71 9.24 -1.50
CA LYS A 8 -4.41 10.53 -1.54
C LYS A 8 -3.78 11.44 -2.60
N GLU A 9 -4.33 12.65 -2.72
CA GLU A 9 -4.12 13.63 -3.77
C GLU A 9 -2.66 13.98 -4.00
N THR A 10 -1.89 14.07 -2.91
CA THR A 10 -0.48 14.40 -2.94
C THR A 10 0.21 13.42 -2.01
N CYS A 11 0.91 12.47 -2.62
CA CYS A 11 1.52 11.35 -1.95
C CYS A 11 2.69 10.81 -2.77
N PRO A 12 3.86 11.45 -2.72
CA PRO A 12 5.05 10.94 -3.39
C PRO A 12 5.42 9.53 -2.93
N TYR A 13 5.20 9.15 -1.66
CA TYR A 13 5.52 7.80 -1.21
C TYR A 13 4.51 6.79 -1.76
N CYS A 14 3.26 7.19 -2.02
CA CYS A 14 2.32 6.35 -2.76
C CYS A 14 2.91 6.09 -4.15
N HIS A 15 3.28 7.15 -4.86
CA HIS A 15 3.92 7.07 -6.16
C HIS A 15 5.15 6.15 -6.12
N ARG A 16 6.02 6.26 -5.11
CA ARG A 16 7.20 5.40 -4.96
C ARG A 16 6.78 3.93 -4.96
N ALA A 17 5.97 3.51 -3.99
CA ALA A 17 5.59 2.11 -3.85
C ALA A 17 4.84 1.65 -5.10
N LYS A 18 3.88 2.42 -5.60
CA LYS A 18 3.11 2.01 -6.77
C LYS A 18 4.00 1.87 -7.99
N ALA A 19 5.03 2.70 -8.15
CA ALA A 19 5.93 2.59 -9.29
C ALA A 19 6.67 1.24 -9.24
N LEU A 20 7.00 0.73 -8.05
CA LEU A 20 7.53 -0.63 -7.94
C LEU A 20 6.52 -1.62 -8.51
N LEU A 21 5.27 -1.55 -8.04
CA LEU A 21 4.25 -2.54 -8.34
C LEU A 21 3.91 -2.53 -9.84
N SER A 22 3.75 -1.36 -10.43
CA SER A 22 3.49 -1.21 -11.84
C SER A 22 4.68 -1.72 -12.66
N SER A 23 5.92 -1.54 -12.18
CA SER A 23 7.10 -2.11 -12.81
C SER A 23 7.21 -3.62 -12.60
N LYS A 24 6.71 -4.17 -11.49
CA LYS A 24 6.62 -5.60 -11.24
C LYS A 24 5.48 -6.20 -12.06
N GLY A 25 4.64 -5.36 -12.68
CA GLY A 25 3.62 -5.77 -13.61
C GLY A 25 2.53 -6.53 -12.89
N VAL A 26 2.09 -6.01 -11.75
CA VAL A 26 1.07 -6.62 -10.89
C VAL A 26 -0.21 -5.78 -10.91
N SER A 27 -1.25 -6.26 -10.25
CA SER A 27 -2.49 -5.53 -10.03
C SER A 27 -2.87 -5.68 -8.55
N PHE A 28 -2.54 -4.64 -7.81
CA PHE A 28 -2.89 -4.37 -6.41
C PHE A 28 -4.17 -3.54 -6.41
N GLN A 29 -4.83 -3.42 -5.26
CA GLN A 29 -6.02 -2.59 -5.08
C GLN A 29 -5.59 -1.27 -4.49
N GLU A 30 -6.15 -0.17 -4.96
CA GLU A 30 -5.82 1.18 -4.50
C GLU A 30 -7.05 1.80 -3.84
N LEU A 31 -6.87 2.45 -2.69
CA LEU A 31 -7.92 2.92 -1.80
C LEU A 31 -7.74 4.41 -1.49
N PRO A 32 -8.56 5.29 -2.04
CA PRO A 32 -8.36 6.72 -1.88
C PRO A 32 -8.85 7.22 -0.53
N ILE A 33 -8.16 8.20 0.05
CA ILE A 33 -8.63 8.96 1.21
C ILE A 33 -9.17 10.31 0.70
N ASP A 34 -8.83 10.68 -0.54
CA ASP A 34 -9.44 11.80 -1.24
C ASP A 34 -10.89 11.40 -1.51
N GLY A 35 -11.84 12.28 -1.22
CA GLY A 35 -13.26 11.99 -1.40
C GLY A 35 -13.79 10.91 -0.45
N ASN A 36 -13.03 10.52 0.59
CA ASN A 36 -13.35 9.43 1.51
C ASN A 36 -13.31 9.97 2.94
N ALA A 37 -14.27 9.57 3.76
CA ALA A 37 -14.48 10.00 5.13
C ALA A 37 -15.41 8.96 5.75
N ALA A 38 -14.96 7.70 5.65
CA ALA A 38 -15.63 6.50 6.11
C ALA A 38 -14.60 5.37 6.19
N LYS A 39 -13.82 5.09 5.13
CA LYS A 39 -12.68 4.18 5.24
C LYS A 39 -11.42 4.92 5.72
N ARG A 40 -11.50 6.26 5.80
CA ARG A 40 -10.50 7.15 6.35
C ARG A 40 -10.16 6.71 7.76
N GLU A 41 -11.12 6.73 8.68
CA GLU A 41 -10.85 6.38 10.07
C GLU A 41 -10.72 4.88 10.25
N GLU A 42 -11.26 4.07 9.33
CA GLU A 42 -10.98 2.64 9.31
C GLU A 42 -9.47 2.41 9.12
N MET A 43 -8.78 3.29 8.39
CA MET A 43 -7.34 3.25 8.26
C MET A 43 -6.63 3.39 9.60
N ILE A 44 -7.26 3.94 10.64
CA ILE A 44 -6.70 3.89 11.99
C ILE A 44 -6.67 2.43 12.41
N LYS A 45 -7.83 1.77 12.44
CA LYS A 45 -8.00 0.41 12.97
C LYS A 45 -7.30 -0.64 12.10
N ARG A 46 -6.99 -0.33 10.83
CA ARG A 46 -6.19 -1.18 9.97
C ARG A 46 -4.71 -0.83 10.07
N SER A 47 -4.30 0.43 9.83
CA SER A 47 -2.88 0.75 9.68
C SER A 47 -2.19 1.13 10.99
N GLY A 48 -2.94 1.58 12.01
CA GLY A 48 -2.37 2.18 13.21
C GLY A 48 -1.62 3.48 12.90
N ARG A 49 -1.91 4.15 11.77
CA ARG A 49 -1.16 5.31 11.30
C ARG A 49 -2.08 6.44 10.81
N THR A 50 -2.94 6.17 9.82
CA THR A 50 -3.77 7.14 9.10
C THR A 50 -2.97 8.10 8.20
N THR A 51 -1.64 7.94 8.19
CA THR A 51 -0.72 8.56 7.26
C THR A 51 -0.81 7.81 5.94
N VAL A 52 -0.10 8.26 4.91
CA VAL A 52 -0.03 7.53 3.64
C VAL A 52 1.42 7.35 3.17
N PRO A 53 1.68 6.36 2.28
CA PRO A 53 0.77 5.30 1.88
C PRO A 53 0.65 4.28 3.03
N GLN A 54 -0.34 3.39 2.93
CA GLN A 54 -0.44 2.24 3.82
C GLN A 54 -0.61 1.04 2.91
N ILE A 55 0.40 0.16 2.86
CA ILE A 55 0.36 -1.03 2.05
C ILE A 55 0.00 -2.17 3.00
N PHE A 56 -0.77 -3.08 2.48
CA PHE A 56 -1.27 -4.28 3.08
C PHE A 56 -1.08 -5.37 2.04
N ILE A 57 -0.72 -6.59 2.45
CA ILE A 57 -0.46 -7.71 1.56
C ILE A 57 -1.11 -8.90 2.27
N ASP A 58 -2.09 -9.55 1.65
CA ASP A 58 -2.94 -10.54 2.32
C ASP A 58 -3.57 -9.97 3.60
N ALA A 59 -3.92 -8.68 3.53
CA ALA A 59 -4.49 -7.85 4.59
C ALA A 59 -3.55 -7.64 5.80
N GLN A 60 -2.33 -8.17 5.77
CA GLN A 60 -1.32 -7.94 6.79
C GLN A 60 -0.85 -6.51 6.59
N HIS A 61 -0.99 -5.62 7.58
CA HIS A 61 -0.51 -4.25 7.42
C HIS A 61 1.01 -4.28 7.42
N ILE A 62 1.60 -4.06 6.26
CA ILE A 62 3.03 -4.04 6.08
C ILE A 62 3.58 -2.75 6.69
N GLY A 63 3.19 -1.59 6.15
CA GLY A 63 3.72 -0.31 6.57
C GLY A 63 3.54 0.70 5.44
N GLY A 64 4.56 1.51 5.21
CA GLY A 64 4.63 2.54 4.18
C GLY A 64 5.42 2.04 2.96
N TYR A 65 5.82 2.97 2.08
CA TYR A 65 6.61 2.61 0.89
C TYR A 65 7.88 1.90 1.30
N ASP A 66 8.60 2.43 2.29
CA ASP A 66 9.91 1.94 2.69
C ASP A 66 9.79 0.49 3.15
N ASP A 67 8.66 0.12 3.74
CA ASP A 67 8.37 -1.23 4.24
C ASP A 67 8.11 -2.21 3.10
N LEU A 68 7.31 -1.81 2.11
CA LEU A 68 7.13 -2.54 0.84
C LEU A 68 8.50 -2.69 0.19
N TYR A 69 9.20 -1.60 0.00
CA TYR A 69 10.45 -1.58 -0.73
C TYR A 69 11.44 -2.53 -0.05
N ALA A 70 11.45 -2.56 1.29
CA ALA A 70 12.19 -3.53 2.07
C ALA A 70 11.77 -4.98 1.77
N LEU A 71 10.47 -5.29 1.72
CA LEU A 71 9.95 -6.60 1.35
C LEU A 71 10.45 -7.01 -0.04
N ASP A 72 10.36 -6.09 -0.99
CA ASP A 72 10.78 -6.28 -2.37
C ASP A 72 12.28 -6.50 -2.46
N ALA A 73 13.06 -5.79 -1.64
CA ALA A 73 14.49 -6.00 -1.49
C ALA A 73 14.80 -7.34 -0.81
N ARG A 74 13.81 -7.93 -0.14
CA ARG A 74 13.86 -9.28 0.39
C ARG A 74 13.37 -10.32 -0.62
N GLY A 75 12.95 -9.92 -1.82
CA GLY A 75 12.34 -10.79 -2.80
C GLY A 75 10.99 -11.36 -2.34
N GLY A 76 10.48 -10.95 -1.18
CA GLY A 76 9.29 -11.55 -0.57
C GLY A 76 7.99 -10.96 -1.12
N LEU A 77 8.10 -9.96 -2.00
CA LEU A 77 6.98 -9.28 -2.63
C LEU A 77 6.36 -10.18 -3.69
N ASP A 78 7.21 -10.69 -4.60
CA ASP A 78 6.81 -11.40 -5.81
C ASP A 78 5.81 -12.53 -5.52
N PRO A 79 6.09 -13.51 -4.64
CA PRO A 79 5.20 -14.64 -4.41
C PRO A 79 3.92 -14.27 -3.66
N LEU A 80 3.77 -13.02 -3.20
CA LEU A 80 2.53 -12.52 -2.60
C LEU A 80 1.74 -11.67 -3.60
N LEU A 81 2.25 -11.50 -4.83
CA LEU A 81 1.70 -10.65 -5.87
C LEU A 81 1.65 -11.30 -7.24
N LYS A 82 2.03 -12.57 -7.38
CA LYS A 82 2.01 -13.32 -8.63
C LYS A 82 1.68 -14.76 -8.26
N ALA A 1 -1.72 -12.58 -4.10
CA ALA A 1 -2.02 -11.96 -2.80
C ALA A 1 -2.98 -10.80 -3.00
N ASN A 2 -3.98 -10.60 -2.13
CA ASN A 2 -4.84 -9.42 -2.17
C ASN A 2 -4.01 -8.24 -1.66
N VAL A 3 -3.38 -7.50 -2.56
CA VAL A 3 -2.58 -6.35 -2.21
C VAL A 3 -3.48 -5.14 -2.28
N GLU A 4 -3.39 -4.29 -1.26
CA GLU A 4 -4.11 -3.04 -1.18
C GLU A 4 -3.13 -1.93 -0.95
N ILE A 5 -3.47 -0.73 -1.42
CA ILE A 5 -2.69 0.45 -1.18
C ILE A 5 -3.58 1.67 -1.00
N TYR A 6 -3.62 2.18 0.22
CA TYR A 6 -4.37 3.37 0.63
C TYR A 6 -3.55 4.59 0.21
N THR A 7 -4.12 5.52 -0.58
CA THR A 7 -3.41 6.63 -1.20
C THR A 7 -4.26 7.91 -1.26
N LYS A 8 -3.65 9.06 -1.61
CA LYS A 8 -4.33 10.35 -1.79
C LYS A 8 -3.82 10.99 -3.09
N GLU A 9 -4.43 12.12 -3.47
CA GLU A 9 -4.15 12.88 -4.69
C GLU A 9 -2.70 13.38 -4.73
N THR A 10 -2.11 13.60 -3.56
CA THR A 10 -0.77 14.12 -3.37
C THR A 10 -0.17 13.20 -2.32
N CYS A 11 0.79 12.38 -2.74
CA CYS A 11 1.44 11.38 -1.91
C CYS A 11 2.68 10.87 -2.66
N PRO A 12 3.87 11.46 -2.45
CA PRO A 12 5.09 11.05 -3.14
C PRO A 12 5.42 9.59 -2.82
N TYR A 13 5.25 9.15 -1.57
CA TYR A 13 5.59 7.78 -1.21
C TYR A 13 4.56 6.80 -1.77
N CYS A 14 3.28 7.19 -1.91
CA CYS A 14 2.30 6.38 -2.62
C CYS A 14 2.73 6.23 -4.07
N HIS A 15 3.14 7.33 -4.71
CA HIS A 15 3.65 7.27 -6.06
C HIS A 15 4.81 6.29 -6.14
N ARG A 16 5.79 6.35 -5.23
CA ARG A 16 6.92 5.43 -5.23
C ARG A 16 6.45 3.97 -5.17
N ALA A 17 5.56 3.65 -4.24
CA ALA A 17 5.02 2.30 -4.11
C ALA A 17 4.25 1.88 -5.37
N LYS A 18 3.28 2.67 -5.83
CA LYS A 18 2.47 2.32 -7.00
C LYS A 18 3.34 2.20 -8.24
N ALA A 19 4.37 3.03 -8.38
CA ALA A 19 5.32 2.96 -9.47
C ALA A 19 6.06 1.62 -9.39
N LEU A 20 6.56 1.24 -8.22
CA LEU A 20 7.30 -0.01 -8.07
C LEU A 20 6.39 -1.18 -8.44
N LEU A 21 5.17 -1.22 -7.89
CA LEU A 21 4.27 -2.33 -8.09
C LEU A 21 3.80 -2.41 -9.55
N SER A 22 3.50 -1.28 -10.19
CA SER A 22 3.16 -1.27 -11.60
C SER A 22 4.38 -1.66 -12.44
N SER A 23 5.60 -1.30 -12.05
CA SER A 23 6.82 -1.70 -12.74
C SER A 23 7.10 -3.20 -12.56
N LYS A 24 6.66 -3.80 -11.46
CA LYS A 24 6.71 -5.24 -11.22
C LYS A 24 5.55 -5.94 -11.94
N GLY A 25 4.55 -5.20 -12.44
CA GLY A 25 3.49 -5.72 -13.30
C GLY A 25 2.53 -6.58 -12.50
N VAL A 26 2.16 -6.12 -11.31
CA VAL A 26 1.41 -6.93 -10.34
C VAL A 26 -0.09 -6.61 -10.37
N SER A 27 -0.89 -7.44 -9.71
CA SER A 27 -2.29 -7.25 -9.41
C SER A 27 -2.34 -6.52 -8.06
N PHE A 28 -3.05 -5.41 -7.96
CA PHE A 28 -3.21 -4.71 -6.68
C PHE A 28 -4.51 -3.91 -6.70
N GLN A 29 -4.97 -3.48 -5.53
CA GLN A 29 -6.14 -2.65 -5.30
C GLN A 29 -5.64 -1.31 -4.79
N GLU A 30 -6.24 -0.22 -5.25
CA GLU A 30 -5.98 1.12 -4.74
C GLU A 30 -7.18 1.50 -3.89
N LEU A 31 -6.96 2.27 -2.82
CA LEU A 31 -8.02 2.76 -1.95
C LEU A 31 -7.79 4.25 -1.74
N PRO A 32 -8.77 5.11 -2.01
CA PRO A 32 -8.63 6.51 -1.69
C PRO A 32 -8.85 6.73 -0.21
N ILE A 33 -8.03 7.58 0.38
CA ILE A 33 -8.23 8.07 1.74
C ILE A 33 -8.34 9.59 1.77
N ASP A 34 -8.38 10.23 0.59
CA ASP A 34 -8.29 11.67 0.37
C ASP A 34 -9.54 12.38 0.89
N GLY A 35 -9.63 12.49 2.21
CA GLY A 35 -10.68 13.16 2.95
C GLY A 35 -12.03 12.46 2.92
N ASN A 36 -12.14 11.21 2.44
CA ASN A 36 -13.45 10.53 2.36
C ASN A 36 -13.49 10.04 3.81
N ALA A 37 -14.24 10.68 4.69
CA ALA A 37 -14.14 10.43 6.12
C ALA A 37 -14.31 8.96 6.52
N ALA A 38 -15.16 8.20 5.83
CA ALA A 38 -15.38 6.78 6.12
C ALA A 38 -14.09 6.00 5.96
N LYS A 39 -13.45 6.11 4.79
CA LYS A 39 -12.20 5.40 4.53
C LYS A 39 -11.03 6.00 5.32
N ARG A 40 -11.11 7.29 5.67
CA ARG A 40 -10.15 7.95 6.54
C ARG A 40 -10.18 7.27 7.91
N GLU A 41 -11.36 7.10 8.51
CA GLU A 41 -11.57 6.43 9.76
C GLU A 41 -11.23 4.94 9.67
N GLU A 42 -11.62 4.29 8.58
CA GLU A 42 -11.35 2.87 8.36
C GLU A 42 -9.84 2.62 8.26
N MET A 43 -9.07 3.56 7.73
CA MET A 43 -7.64 3.43 7.68
C MET A 43 -7.03 3.39 9.08
N ILE A 44 -7.69 3.98 10.06
CA ILE A 44 -7.31 3.82 11.47
C ILE A 44 -7.61 2.35 11.81
N LYS A 45 -8.84 1.91 11.54
CA LYS A 45 -9.36 0.56 11.77
C LYS A 45 -8.65 -0.55 10.97
N ARG A 46 -7.57 -0.26 10.24
CA ARG A 46 -6.86 -1.26 9.44
C ARG A 46 -5.35 -1.05 9.44
N SER A 47 -4.85 0.18 9.59
CA SER A 47 -3.41 0.43 9.67
C SER A 47 -2.98 1.01 11.01
N GLY A 48 -3.90 1.61 11.76
CA GLY A 48 -3.66 2.42 12.96
C GLY A 48 -2.91 3.72 12.67
N ARG A 49 -2.38 3.90 11.45
CA ARG A 49 -1.47 4.99 11.11
C ARG A 49 -2.21 6.21 10.62
N THR A 50 -3.03 6.06 9.57
CA THR A 50 -3.90 7.11 9.03
C THR A 50 -3.11 8.07 8.09
N THR A 51 -1.81 7.81 7.96
CA THR A 51 -0.81 8.34 7.04
C THR A 51 -0.95 7.61 5.71
N VAL A 52 -0.16 7.99 4.72
CA VAL A 52 -0.07 7.18 3.50
C VAL A 52 1.37 7.04 3.00
N PRO A 53 1.67 6.02 2.17
CA PRO A 53 0.78 4.92 1.83
C PRO A 53 0.65 3.94 2.99
N GLN A 54 -0.35 3.05 2.87
CA GLN A 54 -0.52 1.90 3.71
C GLN A 54 -0.61 0.78 2.70
N ILE A 55 0.48 0.05 2.49
CA ILE A 55 0.42 -1.15 1.69
C ILE A 55 0.04 -2.29 2.65
N PHE A 56 -0.71 -3.25 2.13
CA PHE A 56 -1.13 -4.47 2.77
C PHE A 56 -0.97 -5.60 1.75
N ILE A 57 -0.72 -6.83 2.19
CA ILE A 57 -0.63 -8.01 1.33
C ILE A 57 -1.41 -9.14 2.01
N ASP A 58 -2.57 -9.54 1.47
CA ASP A 58 -3.53 -10.44 2.14
C ASP A 58 -3.85 -9.94 3.55
N ALA A 59 -4.08 -8.63 3.71
CA ALA A 59 -4.42 -7.89 4.92
C ALA A 59 -3.25 -7.65 5.89
N GLN A 60 -2.07 -8.16 5.56
CA GLN A 60 -0.85 -8.05 6.32
C GLN A 60 -0.36 -6.63 6.17
N HIS A 61 -0.55 -5.78 7.17
CA HIS A 61 -0.20 -4.37 7.07
C HIS A 61 1.32 -4.27 6.96
N ILE A 62 1.82 -3.91 5.79
CA ILE A 62 3.24 -3.78 5.51
C ILE A 62 3.73 -2.50 6.19
N GLY A 63 3.15 -1.36 5.83
CA GLY A 63 3.57 -0.05 6.29
C GLY A 63 3.63 0.89 5.10
N GLY A 64 4.74 1.63 5.00
CA GLY A 64 4.95 2.70 4.03
C GLY A 64 5.70 2.18 2.80
N TYR A 65 6.05 3.09 1.87
CA TYR A 65 6.81 2.68 0.69
C TYR A 65 8.11 2.02 1.09
N ASP A 66 8.81 2.55 2.10
CA ASP A 66 10.10 2.01 2.50
C ASP A 66 9.95 0.58 3.03
N ASP A 67 8.83 0.28 3.71
CA ASP A 67 8.54 -1.06 4.21
C ASP A 67 8.32 -2.02 3.03
N LEU A 68 7.49 -1.59 2.07
CA LEU A 68 7.15 -2.36 0.87
C LEU A 68 8.37 -2.59 0.01
N TYR A 69 9.17 -1.55 -0.15
CA TYR A 69 10.34 -1.59 -1.00
C TYR A 69 11.39 -2.46 -0.31
N ALA A 70 11.51 -2.41 1.02
CA ALA A 70 12.32 -3.34 1.78
C ALA A 70 11.84 -4.78 1.57
N LEU A 71 10.52 -5.04 1.61
CA LEU A 71 9.99 -6.36 1.35
C LEU A 71 10.42 -6.86 -0.02
N ASP A 72 10.25 -6.03 -1.06
CA ASP A 72 10.72 -6.32 -2.42
C ASP A 72 12.24 -6.51 -2.46
N ALA A 73 13.01 -5.77 -1.66
CA ALA A 73 14.46 -5.91 -1.60
C ALA A 73 14.86 -7.24 -0.93
N ARG A 74 13.97 -7.83 -0.11
CA ARG A 74 14.14 -9.17 0.46
C ARG A 74 13.51 -10.22 -0.46
N GLY A 75 12.87 -9.82 -1.55
CA GLY A 75 12.17 -10.71 -2.45
C GLY A 75 11.08 -11.47 -1.71
N GLY A 76 10.39 -10.79 -0.78
CA GLY A 76 9.19 -11.31 -0.14
C GLY A 76 7.92 -10.77 -0.79
N LEU A 77 8.07 -9.90 -1.80
CA LEU A 77 6.96 -9.27 -2.52
C LEU A 77 6.51 -10.22 -3.62
N ASP A 78 7.35 -10.42 -4.62
CA ASP A 78 7.09 -11.34 -5.74
C ASP A 78 6.53 -12.69 -5.31
N PRO A 79 7.08 -13.47 -4.37
CA PRO A 79 6.53 -14.78 -4.02
C PRO A 79 5.19 -14.71 -3.26
N LEU A 80 4.62 -13.51 -3.04
CA LEU A 80 3.26 -13.34 -2.56
C LEU A 80 2.37 -12.78 -3.67
N LEU A 81 2.86 -11.86 -4.50
CA LEU A 81 2.09 -11.29 -5.59
C LEU A 81 2.03 -12.20 -6.83
N LYS A 82 2.90 -13.20 -6.93
CA LYS A 82 2.85 -14.25 -7.95
C LYS A 82 2.38 -15.52 -7.29
N ALA A 1 -4.26 -11.56 -5.41
CA ALA A 1 -3.73 -11.59 -4.03
C ALA A 1 -4.21 -10.37 -3.25
N ASN A 2 -4.14 -10.41 -1.91
CA ASN A 2 -4.55 -9.29 -1.08
C ASN A 2 -3.37 -8.33 -1.11
N VAL A 3 -3.40 -7.37 -2.01
CA VAL A 3 -2.42 -6.29 -2.08
C VAL A 3 -3.23 -5.05 -2.21
N GLU A 4 -3.29 -4.29 -1.13
CA GLU A 4 -4.20 -3.19 -1.00
C GLU A 4 -3.40 -1.97 -0.58
N ILE A 5 -3.53 -0.85 -1.28
CA ILE A 5 -2.68 0.30 -1.09
C ILE A 5 -3.52 1.56 -0.92
N TYR A 6 -3.62 2.03 0.31
CA TYR A 6 -4.30 3.27 0.63
C TYR A 6 -3.42 4.44 0.19
N THR A 7 -3.97 5.42 -0.55
CA THR A 7 -3.21 6.57 -1.05
C THR A 7 -4.04 7.86 -1.03
N LYS A 8 -3.46 8.97 -1.48
CA LYS A 8 -4.12 10.25 -1.77
C LYS A 8 -3.65 10.76 -3.12
N GLU A 9 -4.23 11.87 -3.55
CA GLU A 9 -4.17 12.49 -4.88
C GLU A 9 -2.75 12.78 -5.38
N THR A 10 -1.75 12.82 -4.52
CA THR A 10 -0.34 12.86 -4.90
C THR A 10 0.40 11.89 -3.97
N CYS A 11 0.80 12.33 -2.76
CA CYS A 11 1.52 11.56 -1.76
C CYS A 11 2.85 10.98 -2.31
N PRO A 12 4.01 11.63 -2.06
CA PRO A 12 5.30 11.28 -2.70
C PRO A 12 5.98 10.04 -2.08
N TYR A 13 5.19 9.01 -1.80
CA TYR A 13 5.55 7.70 -1.29
C TYR A 13 4.50 6.73 -1.84
N CYS A 14 3.23 7.13 -1.83
CA CYS A 14 2.16 6.42 -2.52
C CYS A 14 2.53 6.23 -3.98
N HIS A 15 2.94 7.32 -4.66
CA HIS A 15 3.44 7.26 -6.02
C HIS A 15 4.57 6.23 -6.15
N ARG A 16 5.59 6.30 -5.28
CA ARG A 16 6.73 5.39 -5.37
C ARG A 16 6.27 3.94 -5.30
N ALA A 17 5.45 3.58 -4.32
CA ALA A 17 4.99 2.21 -4.18
C ALA A 17 4.14 1.80 -5.39
N LYS A 18 3.21 2.63 -5.87
CA LYS A 18 2.42 2.29 -7.05
C LYS A 18 3.33 2.03 -8.24
N ALA A 19 4.31 2.90 -8.49
CA ALA A 19 5.25 2.74 -9.57
C ALA A 19 6.04 1.44 -9.40
N LEU A 20 6.39 1.08 -8.16
CA LEU A 20 7.12 -0.14 -7.86
C LEU A 20 6.29 -1.36 -8.23
N LEU A 21 5.01 -1.37 -7.85
CA LEU A 21 4.09 -2.46 -8.14
C LEU A 21 3.86 -2.57 -9.65
N SER A 22 3.76 -1.43 -10.34
CA SER A 22 3.68 -1.37 -11.78
C SER A 22 4.96 -1.91 -12.42
N SER A 23 6.13 -1.67 -11.81
CA SER A 23 7.41 -2.18 -12.29
C SER A 23 7.44 -3.70 -12.14
N LYS A 24 6.83 -4.26 -11.09
CA LYS A 24 6.70 -5.70 -10.92
C LYS A 24 5.55 -6.26 -11.75
N GLY A 25 4.72 -5.42 -12.38
CA GLY A 25 3.72 -5.85 -13.35
C GLY A 25 2.54 -6.54 -12.66
N VAL A 26 2.26 -6.17 -11.41
CA VAL A 26 1.33 -6.91 -10.57
C VAL A 26 -0.10 -6.35 -10.65
N SER A 27 -1.04 -7.10 -10.13
CA SER A 27 -2.41 -6.70 -9.87
C SER A 27 -2.43 -6.33 -8.39
N PHE A 28 -2.98 -5.17 -8.06
CA PHE A 28 -3.16 -4.69 -6.70
C PHE A 28 -4.45 -3.86 -6.65
N GLN A 29 -4.95 -3.62 -5.45
CA GLN A 29 -6.12 -2.82 -5.14
C GLN A 29 -5.63 -1.49 -4.58
N GLU A 30 -6.23 -0.39 -5.00
CA GLU A 30 -5.86 0.96 -4.59
C GLU A 30 -7.05 1.59 -3.84
N LEU A 31 -6.80 2.32 -2.74
CA LEU A 31 -7.81 2.79 -1.80
C LEU A 31 -7.64 4.29 -1.54
N PRO A 32 -8.24 5.18 -2.33
CA PRO A 32 -8.07 6.61 -2.18
C PRO A 32 -8.67 7.11 -0.86
N ILE A 33 -7.97 8.07 -0.23
CA ILE A 33 -8.45 8.82 0.93
C ILE A 33 -8.50 10.32 0.67
N ASP A 34 -8.30 10.77 -0.57
CA ASP A 34 -8.32 12.16 -0.98
C ASP A 34 -9.74 12.71 -0.83
N GLY A 35 -9.98 13.57 0.17
CA GLY A 35 -11.30 14.11 0.46
C GLY A 35 -12.24 13.13 1.19
N ASN A 36 -11.82 11.87 1.36
CA ASN A 36 -12.55 10.85 2.11
C ASN A 36 -12.18 11.07 3.58
N ALA A 37 -12.93 10.50 4.51
CA ALA A 37 -12.87 10.81 5.93
C ALA A 37 -13.53 9.70 6.75
N ALA A 38 -14.66 9.14 6.29
CA ALA A 38 -15.30 8.00 6.92
C ALA A 38 -14.48 6.72 6.77
N LYS A 39 -13.91 6.45 5.59
CA LYS A 39 -13.00 5.31 5.43
C LYS A 39 -11.57 5.70 5.81
N ARG A 40 -11.24 7.00 5.77
CA ARG A 40 -9.97 7.49 6.30
C ARG A 40 -9.84 7.16 7.78
N GLU A 41 -10.89 7.34 8.58
CA GLU A 41 -10.87 6.94 9.99
C GLU A 41 -11.00 5.41 10.15
N GLU A 42 -11.57 4.69 9.17
CA GLU A 42 -11.52 3.22 9.16
C GLU A 42 -10.06 2.75 9.11
N MET A 43 -9.13 3.57 8.61
CA MET A 43 -7.70 3.29 8.66
C MET A 43 -7.21 2.99 10.07
N ILE A 44 -7.89 3.53 11.07
CA ILE A 44 -7.50 3.42 12.47
C ILE A 44 -7.82 2.00 12.92
N LYS A 45 -8.97 1.45 12.51
CA LYS A 45 -9.34 0.09 12.82
C LYS A 45 -8.61 -0.91 11.94
N ARG A 46 -8.30 -0.55 10.70
CA ARG A 46 -7.60 -1.37 9.72
C ARG A 46 -6.10 -1.50 10.02
N SER A 47 -5.45 -0.43 10.48
CA SER A 47 -4.00 -0.35 10.57
C SER A 47 -3.47 0.18 11.91
N GLY A 48 -4.33 0.76 12.75
CA GLY A 48 -3.95 1.51 13.94
C GLY A 48 -3.64 2.98 13.63
N ARG A 49 -3.58 3.39 12.36
CA ARG A 49 -3.08 4.69 11.90
C ARG A 49 -4.10 5.40 10.99
N THR A 50 -3.68 6.38 10.20
CA THR A 50 -4.51 7.30 9.41
C THR A 50 -3.68 7.85 8.23
N THR A 51 -2.35 7.85 8.34
CA THR A 51 -1.40 8.28 7.33
C THR A 51 -1.30 7.25 6.21
N VAL A 52 -0.76 7.67 5.07
CA VAL A 52 -0.58 6.85 3.87
C VAL A 52 0.79 7.15 3.24
N PRO A 53 1.34 6.29 2.36
CA PRO A 53 0.75 5.05 1.89
C PRO A 53 0.61 4.02 2.99
N GLN A 54 -0.36 3.13 2.82
CA GLN A 54 -0.48 1.94 3.63
C GLN A 54 -0.64 0.81 2.66
N ILE A 55 0.41 0.04 2.45
CA ILE A 55 0.25 -1.20 1.73
C ILE A 55 -0.18 -2.24 2.78
N PHE A 56 -1.00 -3.18 2.36
CA PHE A 56 -1.40 -4.39 3.04
C PHE A 56 -1.06 -5.50 2.05
N ILE A 57 -0.18 -6.46 2.36
CA ILE A 57 0.21 -7.54 1.43
C ILE A 57 -0.03 -8.86 2.16
N ASP A 58 -0.73 -9.79 1.51
CA ASP A 58 -1.28 -11.02 2.06
C ASP A 58 -2.02 -10.72 3.39
N ALA A 59 -2.62 -9.53 3.45
CA ALA A 59 -3.37 -8.88 4.52
C ALA A 59 -2.55 -8.42 5.73
N GLN A 60 -1.21 -8.54 5.73
CA GLN A 60 -0.36 -7.91 6.75
C GLN A 60 -0.33 -6.40 6.45
N HIS A 61 -0.71 -5.52 7.39
CA HIS A 61 -0.47 -4.08 7.25
C HIS A 61 1.04 -3.88 7.26
N ILE A 62 1.58 -3.42 6.14
CA ILE A 62 3.01 -3.25 5.95
C ILE A 62 3.45 -1.96 6.61
N GLY A 63 2.96 -0.83 6.11
CA GLY A 63 3.43 0.49 6.45
C GLY A 63 3.59 1.23 5.15
N GLY A 64 4.69 1.97 4.99
CA GLY A 64 4.85 2.92 3.91
C GLY A 64 5.51 2.29 2.69
N TYR A 65 5.79 3.12 1.67
CA TYR A 65 6.49 2.68 0.47
C TYR A 65 7.77 1.97 0.86
N ASP A 66 8.58 2.58 1.72
CA ASP A 66 9.93 2.11 2.02
C ASP A 66 9.88 0.77 2.76
N ASP A 67 8.78 0.48 3.47
CA ASP A 67 8.53 -0.81 4.13
C ASP A 67 8.26 -1.91 3.09
N LEU A 68 7.31 -1.66 2.17
CA LEU A 68 6.97 -2.56 1.05
C LEU A 68 8.19 -2.74 0.16
N TYR A 69 8.78 -1.64 -0.26
CA TYR A 69 9.98 -1.60 -1.05
C TYR A 69 11.08 -2.45 -0.43
N ALA A 70 11.22 -2.46 0.90
CA ALA A 70 12.17 -3.34 1.54
C ALA A 70 11.81 -4.81 1.35
N LEU A 71 10.54 -5.20 1.49
CA LEU A 71 10.06 -6.55 1.22
C LEU A 71 10.40 -6.91 -0.23
N ASP A 72 10.04 -6.05 -1.18
CA ASP A 72 10.32 -6.24 -2.61
C ASP A 72 11.81 -6.41 -2.84
N ALA A 73 12.63 -5.60 -2.17
CA ALA A 73 14.08 -5.59 -2.31
C ALA A 73 14.74 -6.82 -1.69
N ARG A 74 14.08 -7.50 -0.75
CA ARG A 74 14.49 -8.82 -0.24
C ARG A 74 13.87 -9.95 -1.05
N GLY A 75 13.15 -9.66 -2.13
CA GLY A 75 12.50 -10.66 -2.96
C GLY A 75 11.26 -11.24 -2.28
N GLY A 76 10.85 -10.70 -1.13
CA GLY A 76 9.79 -11.25 -0.33
C GLY A 76 8.41 -10.94 -0.91
N LEU A 77 8.32 -9.96 -1.81
CA LEU A 77 7.07 -9.58 -2.47
C LEU A 77 6.72 -10.55 -3.57
N ASP A 78 7.74 -10.99 -4.31
CA ASP A 78 7.62 -11.78 -5.53
C ASP A 78 6.72 -13.00 -5.27
N PRO A 79 7.00 -13.88 -4.29
CA PRO A 79 6.18 -15.08 -4.05
C PRO A 79 4.80 -14.77 -3.46
N LEU A 80 4.46 -13.50 -3.19
CA LEU A 80 3.16 -13.05 -2.69
C LEU A 80 2.34 -12.33 -3.76
N LEU A 81 2.93 -11.99 -4.92
CA LEU A 81 2.29 -11.29 -6.04
C LEU A 81 2.58 -11.95 -7.41
N LYS A 82 3.20 -13.12 -7.39
CA LYS A 82 3.75 -13.77 -8.57
C LYS A 82 2.61 -14.11 -9.50
N ALA A 1 -3.03 -11.01 -6.89
CA ALA A 1 -2.91 -11.40 -5.48
C ALA A 1 -3.44 -10.26 -4.62
N ASN A 2 -3.79 -10.52 -3.36
CA ASN A 2 -4.57 -9.60 -2.56
C ASN A 2 -3.69 -8.48 -2.06
N VAL A 3 -3.69 -7.36 -2.76
CA VAL A 3 -2.99 -6.17 -2.34
C VAL A 3 -3.97 -5.03 -2.32
N GLU A 4 -3.92 -4.24 -1.24
CA GLU A 4 -4.63 -2.99 -1.09
C GLU A 4 -3.60 -1.95 -0.74
N ILE A 5 -3.69 -0.77 -1.37
CA ILE A 5 -2.75 0.30 -1.13
C ILE A 5 -3.47 1.62 -0.96
N TYR A 6 -3.52 2.13 0.27
CA TYR A 6 -4.17 3.41 0.49
C TYR A 6 -3.26 4.49 -0.05
N THR A 7 -3.84 5.46 -0.75
CA THR A 7 -3.14 6.55 -1.42
C THR A 7 -3.96 7.84 -1.28
N LYS A 8 -3.49 8.98 -1.79
CA LYS A 8 -4.32 10.18 -1.88
C LYS A 8 -3.69 11.10 -2.92
N GLU A 9 -4.33 12.25 -3.13
CA GLU A 9 -3.98 13.37 -4.00
C GLU A 9 -2.53 13.83 -3.86
N THR A 10 -1.92 13.68 -2.68
CA THR A 10 -0.58 14.19 -2.38
C THR A 10 0.23 13.18 -1.58
N CYS A 11 0.93 12.26 -2.25
CA CYS A 11 1.68 11.22 -1.56
C CYS A 11 2.79 10.69 -2.48
N PRO A 12 4.03 11.25 -2.43
CA PRO A 12 5.12 10.78 -3.27
C PRO A 12 5.52 9.34 -2.95
N TYR A 13 5.31 8.86 -1.72
CA TYR A 13 5.55 7.47 -1.36
C TYR A 13 4.47 6.58 -1.96
N CYS A 14 3.25 7.07 -2.16
CA CYS A 14 2.19 6.32 -2.81
C CYS A 14 2.57 6.13 -4.27
N HIS A 15 3.00 7.20 -4.95
CA HIS A 15 3.61 7.10 -6.26
C HIS A 15 4.70 6.04 -6.23
N ARG A 16 5.68 6.12 -5.30
CA ARG A 16 6.80 5.19 -5.26
C ARG A 16 6.31 3.76 -5.17
N ALA A 17 5.47 3.43 -4.18
CA ALA A 17 5.01 2.08 -3.98
C ALA A 17 4.18 1.60 -5.17
N LYS A 18 3.20 2.38 -5.66
CA LYS A 18 2.42 1.96 -6.82
C LYS A 18 3.31 1.77 -8.04
N ALA A 19 4.30 2.64 -8.25
CA ALA A 19 5.25 2.51 -9.34
C ALA A 19 6.12 1.27 -9.17
N LEU A 20 6.34 0.79 -7.95
CA LEU A 20 7.05 -0.47 -7.68
C LEU A 20 6.18 -1.61 -8.22
N LEU A 21 4.92 -1.65 -7.77
CA LEU A 21 3.98 -2.70 -8.14
C LEU A 21 3.66 -2.69 -9.64
N SER A 22 3.61 -1.50 -10.24
CA SER A 22 3.45 -1.31 -11.67
C SER A 22 4.72 -1.78 -12.40
N SER A 23 5.91 -1.59 -11.82
CA SER A 23 7.14 -2.13 -12.37
C SER A 23 7.24 -3.65 -12.16
N LYS A 24 6.39 -4.26 -11.33
CA LYS A 24 6.24 -5.70 -11.24
C LYS A 24 5.12 -6.15 -12.19
N GLY A 25 4.15 -5.28 -12.49
CA GLY A 25 3.06 -5.54 -13.41
C GLY A 25 2.08 -6.50 -12.77
N VAL A 26 1.58 -6.17 -11.58
CA VAL A 26 0.74 -7.06 -10.77
C VAL A 26 -0.69 -6.55 -10.63
N SER A 27 -1.57 -7.41 -10.15
CA SER A 27 -2.92 -7.06 -9.74
C SER A 27 -2.83 -6.52 -8.31
N PHE A 28 -3.25 -5.28 -8.09
CA PHE A 28 -3.44 -4.69 -6.76
C PHE A 28 -4.65 -3.74 -6.80
N GLN A 29 -5.14 -3.26 -5.65
CA GLN A 29 -6.18 -2.23 -5.55
C GLN A 29 -5.58 -1.04 -4.83
N GLU A 30 -6.00 0.18 -5.15
CA GLU A 30 -5.65 1.37 -4.39
C GLU A 30 -6.91 1.99 -3.77
N LEU A 31 -6.69 2.72 -2.69
CA LEU A 31 -7.75 3.27 -1.84
C LEU A 31 -7.44 4.75 -1.59
N PRO A 32 -8.00 5.67 -2.39
CA PRO A 32 -7.80 7.10 -2.18
C PRO A 32 -8.42 7.50 -0.85
N ILE A 33 -7.84 8.47 -0.13
CA ILE A 33 -8.50 9.06 1.03
C ILE A 33 -9.38 10.23 0.55
N ASP A 34 -8.96 10.95 -0.50
CA ASP A 34 -9.65 12.11 -1.05
C ASP A 34 -11.02 11.67 -1.55
N GLY A 35 -12.07 11.98 -0.78
CA GLY A 35 -13.46 11.59 -1.01
C GLY A 35 -14.03 10.81 0.19
N ASN A 36 -13.18 10.22 1.02
CA ASN A 36 -13.55 9.48 2.22
C ASN A 36 -13.75 10.43 3.41
N ALA A 37 -14.07 9.82 4.54
CA ALA A 37 -14.13 10.38 5.87
C ALA A 37 -14.14 9.18 6.81
N ALA A 38 -15.17 8.33 6.78
CA ALA A 38 -15.24 7.15 7.63
C ALA A 38 -14.05 6.22 7.37
N LYS A 39 -13.63 6.05 6.11
CA LYS A 39 -12.47 5.21 5.80
C LYS A 39 -11.14 5.91 6.08
N ARG A 40 -11.13 7.24 6.22
CA ARG A 40 -9.97 7.96 6.72
C ARG A 40 -9.79 7.59 8.18
N GLU A 41 -10.82 7.70 9.01
CA GLU A 41 -10.70 7.31 10.42
C GLU A 41 -10.42 5.80 10.50
N GLU A 42 -10.96 5.02 9.56
CA GLU A 42 -10.73 3.57 9.49
C GLU A 42 -9.27 3.23 9.28
N MET A 43 -8.46 4.15 8.74
CA MET A 43 -7.04 3.90 8.61
C MET A 43 -6.40 3.51 9.94
N ILE A 44 -6.97 3.94 11.07
CA ILE A 44 -6.58 3.51 12.40
C ILE A 44 -6.94 2.03 12.55
N LYS A 45 -8.21 1.69 12.36
CA LYS A 45 -8.78 0.34 12.35
C LYS A 45 -8.24 -0.62 11.28
N ARG A 46 -7.21 -0.26 10.51
CA ARG A 46 -6.68 -1.08 9.43
C ARG A 46 -5.16 -0.96 9.36
N SER A 47 -4.57 0.18 9.71
CA SER A 47 -3.12 0.37 9.66
C SER A 47 -2.52 0.92 10.97
N GLY A 48 -3.37 1.36 11.91
CA GLY A 48 -2.99 2.06 13.13
C GLY A 48 -2.78 3.56 12.95
N ARG A 49 -2.64 4.05 11.72
CA ARG A 49 -2.23 5.42 11.37
C ARG A 49 -3.19 5.99 10.33
N THR A 50 -3.26 7.30 10.11
CA THR A 50 -4.00 7.95 9.02
C THR A 50 -3.07 8.47 7.90
N THR A 51 -1.77 8.20 7.99
CA THR A 51 -0.79 8.48 6.94
C THR A 51 -0.96 7.50 5.79
N VAL A 52 -0.19 7.70 4.71
CA VAL A 52 -0.14 6.84 3.54
C VAL A 52 1.29 6.78 2.99
N PRO A 53 1.62 5.80 2.11
CA PRO A 53 0.77 4.68 1.74
C PRO A 53 0.60 3.72 2.92
N GLN A 54 -0.41 2.89 2.83
CA GLN A 54 -0.60 1.76 3.73
C GLN A 54 -0.78 0.60 2.78
N ILE A 55 0.29 -0.17 2.57
CA ILE A 55 0.21 -1.36 1.74
C ILE A 55 -0.18 -2.51 2.66
N PHE A 56 -1.05 -3.35 2.13
CA PHE A 56 -1.57 -4.57 2.68
C PHE A 56 -1.33 -5.62 1.61
N ILE A 57 -0.74 -6.75 1.96
CA ILE A 57 -0.42 -7.80 1.00
C ILE A 57 -0.87 -9.09 1.66
N ASP A 58 -1.73 -9.89 1.03
CA ASP A 58 -2.40 -11.01 1.67
C ASP A 58 -3.13 -10.58 2.96
N ALA A 59 -3.60 -9.31 2.98
CA ALA A 59 -4.18 -8.55 4.09
C ALA A 59 -3.19 -8.17 5.21
N GLN A 60 -1.94 -8.58 5.10
CA GLN A 60 -0.87 -8.33 6.05
C GLN A 60 -0.45 -6.87 5.92
N HIS A 61 -0.67 -6.05 6.97
CA HIS A 61 -0.29 -4.64 6.95
C HIS A 61 1.22 -4.51 6.99
N ILE A 62 1.82 -4.14 5.85
CA ILE A 62 3.25 -3.99 5.71
C ILE A 62 3.70 -2.72 6.42
N GLY A 63 3.23 -1.56 5.96
CA GLY A 63 3.74 -0.26 6.39
C GLY A 63 3.62 0.71 5.23
N GLY A 64 4.62 1.59 5.08
CA GLY A 64 4.72 2.59 4.01
C GLY A 64 5.55 2.08 2.85
N TYR A 65 5.84 2.94 1.86
CA TYR A 65 6.66 2.54 0.70
C TYR A 65 8.02 2.03 1.15
N ASP A 66 8.59 2.67 2.16
CA ASP A 66 9.91 2.31 2.68
C ASP A 66 9.91 0.87 3.20
N ASP A 67 8.83 0.49 3.89
CA ASP A 67 8.63 -0.85 4.46
C ASP A 67 8.46 -1.87 3.33
N LEU A 68 7.59 -1.55 2.38
CA LEU A 68 7.32 -2.35 1.20
C LEU A 68 8.60 -2.60 0.43
N TYR A 69 9.36 -1.55 0.17
CA TYR A 69 10.48 -1.62 -0.73
C TYR A 69 11.57 -2.50 -0.11
N ALA A 70 11.63 -2.57 1.23
CA ALA A 70 12.46 -3.53 1.96
C ALA A 70 11.90 -4.95 1.85
N LEU A 71 10.58 -5.16 1.95
CA LEU A 71 9.98 -6.48 1.70
C LEU A 71 10.36 -6.97 0.30
N ASP A 72 10.34 -6.09 -0.68
CA ASP A 72 10.78 -6.36 -2.04
C ASP A 72 12.28 -6.56 -2.15
N ALA A 73 13.07 -5.85 -1.36
CA ALA A 73 14.52 -6.02 -1.33
C ALA A 73 14.90 -7.39 -0.77
N ARG A 74 14.07 -7.96 0.11
CA ARG A 74 14.21 -9.34 0.60
C ARG A 74 13.76 -10.33 -0.47
N GLY A 75 13.13 -9.86 -1.54
CA GLY A 75 12.46 -10.70 -2.52
C GLY A 75 11.17 -11.29 -1.95
N GLY A 76 10.79 -10.94 -0.72
CA GLY A 76 9.64 -11.49 0.00
C GLY A 76 8.33 -10.83 -0.42
N LEU A 77 8.39 -9.78 -1.25
CA LEU A 77 7.23 -9.22 -1.90
C LEU A 77 6.77 -10.17 -3.00
N ASP A 78 7.74 -10.66 -3.76
CA ASP A 78 7.50 -11.40 -4.99
C ASP A 78 6.60 -12.62 -4.80
N PRO A 79 6.79 -13.51 -3.80
CA PRO A 79 5.91 -14.68 -3.65
C PRO A 79 4.49 -14.31 -3.26
N LEU A 80 4.23 -13.08 -2.83
CA LEU A 80 2.90 -12.62 -2.43
C LEU A 80 2.21 -11.84 -3.56
N LEU A 81 2.86 -11.66 -4.71
CA LEU A 81 2.36 -10.83 -5.81
C LEU A 81 2.60 -11.36 -7.21
N LYS A 82 3.65 -12.15 -7.43
CA LYS A 82 3.93 -12.85 -8.68
C LYS A 82 3.45 -14.26 -8.42
N ALA A 1 -1.51 -13.17 -3.80
CA ALA A 1 -2.22 -12.81 -2.56
C ALA A 1 -3.15 -11.63 -2.79
N ASN A 2 -3.91 -11.22 -1.77
CA ASN A 2 -4.63 -9.94 -1.79
C ASN A 2 -3.55 -8.87 -1.60
N VAL A 3 -3.63 -7.75 -2.32
CA VAL A 3 -2.81 -6.57 -2.11
C VAL A 3 -3.69 -5.37 -2.26
N GLU A 4 -3.81 -4.59 -1.19
CA GLU A 4 -4.48 -3.31 -1.18
C GLU A 4 -3.43 -2.23 -0.91
N ILE A 5 -3.60 -1.03 -1.47
CA ILE A 5 -2.68 0.09 -1.27
C ILE A 5 -3.43 1.42 -1.13
N TYR A 6 -3.43 1.99 0.07
CA TYR A 6 -4.05 3.29 0.34
C TYR A 6 -3.14 4.42 -0.11
N THR A 7 -3.74 5.46 -0.71
CA THR A 7 -3.12 6.58 -1.42
C THR A 7 -4.05 7.81 -1.33
N LYS A 8 -3.70 8.98 -1.88
CA LYS A 8 -4.56 10.19 -1.85
C LYS A 8 -4.36 11.02 -3.12
N GLU A 9 -4.96 12.22 -3.19
CA GLU A 9 -4.83 13.19 -4.28
C GLU A 9 -3.35 13.45 -4.63
N THR A 10 -2.50 13.44 -3.60
CA THR A 10 -1.07 13.60 -3.65
C THR A 10 -0.50 12.57 -2.67
N CYS A 11 0.78 12.23 -2.80
CA CYS A 11 1.60 11.44 -1.88
C CYS A 11 2.84 10.99 -2.66
N PRO A 12 4.03 11.56 -2.44
CA PRO A 12 5.23 11.21 -3.19
C PRO A 12 5.62 9.74 -2.95
N TYR A 13 5.51 9.26 -1.72
CA TYR A 13 5.92 7.90 -1.38
C TYR A 13 4.91 6.89 -1.95
N CYS A 14 3.65 7.28 -2.12
CA CYS A 14 2.67 6.46 -2.82
C CYS A 14 3.08 6.32 -4.28
N HIS A 15 3.48 7.40 -4.94
CA HIS A 15 4.06 7.31 -6.27
C HIS A 15 5.26 6.36 -6.27
N ARG A 16 6.20 6.48 -5.32
CA ARG A 16 7.35 5.56 -5.24
C ARG A 16 6.90 4.10 -5.20
N ALA A 17 6.00 3.75 -4.27
CA ALA A 17 5.51 2.39 -4.14
C ALA A 17 4.79 1.91 -5.41
N LYS A 18 3.84 2.69 -5.95
CA LYS A 18 3.14 2.27 -7.15
C LYS A 18 4.09 2.17 -8.34
N ALA A 19 5.12 3.01 -8.41
CA ALA A 19 6.13 2.94 -9.45
C ALA A 19 6.94 1.64 -9.34
N LEU A 20 7.09 1.06 -8.14
CA LEU A 20 7.65 -0.28 -8.02
C LEU A 20 6.65 -1.25 -8.64
N LEU A 21 5.43 -1.32 -8.11
CA LEU A 21 4.44 -2.35 -8.46
C LEU A 21 4.14 -2.35 -9.95
N SER A 22 4.00 -1.17 -10.55
CA SER A 22 3.69 -1.03 -11.95
C SER A 22 4.84 -1.51 -12.82
N SER A 23 6.08 -1.46 -12.32
CA SER A 23 7.22 -2.07 -13.02
C SER A 23 7.21 -3.59 -12.86
N LYS A 24 6.67 -4.12 -11.76
CA LYS A 24 6.48 -5.54 -11.56
C LYS A 24 5.26 -6.02 -12.37
N GLY A 25 4.37 -5.12 -12.80
CA GLY A 25 3.23 -5.42 -13.65
C GLY A 25 2.25 -6.31 -12.90
N VAL A 26 1.99 -6.00 -11.63
CA VAL A 26 1.16 -6.84 -10.77
C VAL A 26 -0.26 -6.30 -10.65
N SER A 27 -1.19 -7.17 -10.31
CA SER A 27 -2.54 -6.82 -9.91
C SER A 27 -2.50 -6.46 -8.43
N PHE A 28 -2.84 -5.22 -8.10
CA PHE A 28 -3.08 -4.76 -6.73
C PHE A 28 -4.38 -3.94 -6.78
N GLN A 29 -4.99 -3.71 -5.62
CA GLN A 29 -6.14 -2.82 -5.48
C GLN A 29 -5.58 -1.54 -4.86
N GLU A 30 -6.11 -0.40 -5.26
CA GLU A 30 -5.73 0.89 -4.73
C GLU A 30 -6.94 1.50 -4.02
N LEU A 31 -6.69 2.25 -2.95
CA LEU A 31 -7.71 2.86 -2.11
C LEU A 31 -7.35 4.33 -1.93
N PRO A 32 -8.30 5.26 -2.07
CA PRO A 32 -8.03 6.68 -1.93
C PRO A 32 -8.32 7.22 -0.52
N ILE A 33 -7.77 8.40 -0.22
CA ILE A 33 -8.08 9.23 0.95
C ILE A 33 -8.29 10.67 0.46
N ASP A 34 -8.93 10.77 -0.69
CA ASP A 34 -9.39 11.98 -1.37
C ASP A 34 -10.56 12.62 -0.61
N GLY A 35 -10.32 13.02 0.65
CA GLY A 35 -11.29 13.67 1.52
C GLY A 35 -12.29 12.68 2.10
N ASN A 36 -11.83 11.59 2.72
CA ASN A 36 -12.67 10.59 3.35
C ASN A 36 -13.06 11.00 4.77
N ALA A 37 -13.85 10.12 5.40
CA ALA A 37 -14.29 10.16 6.77
C ALA A 37 -14.78 8.75 7.12
N ALA A 38 -15.69 8.18 6.32
CA ALA A 38 -16.04 6.77 6.43
C ALA A 38 -14.77 5.95 6.23
N LYS A 39 -14.11 6.13 5.08
CA LYS A 39 -12.91 5.36 4.77
C LYS A 39 -11.69 6.00 5.42
N ARG A 40 -11.88 6.93 6.35
CA ARG A 40 -10.80 7.43 7.20
C ARG A 40 -10.70 6.47 8.39
N GLU A 41 -11.78 6.35 9.17
CA GLU A 41 -11.76 5.63 10.44
C GLU A 41 -11.40 4.16 10.24
N GLU A 42 -11.79 3.57 9.10
CA GLU A 42 -11.45 2.18 8.79
C GLU A 42 -9.93 1.97 8.80
N MET A 43 -9.16 2.92 8.27
CA MET A 43 -7.73 2.82 8.22
C MET A 43 -7.07 2.94 9.59
N ILE A 44 -7.77 3.47 10.60
CA ILE A 44 -7.27 3.38 11.97
C ILE A 44 -7.34 1.90 12.35
N LYS A 45 -8.52 1.30 12.24
CA LYS A 45 -8.78 -0.07 12.65
C LYS A 45 -7.91 -1.07 11.89
N ARG A 46 -7.47 -0.72 10.69
CA ARG A 46 -6.62 -1.55 9.85
C ARG A 46 -5.13 -1.22 9.99
N SER A 47 -4.71 0.02 10.22
CA SER A 47 -3.28 0.38 10.18
C SER A 47 -2.74 1.04 11.46
N GLY A 48 -3.62 1.67 12.23
CA GLY A 48 -3.33 2.54 13.36
C GLY A 48 -2.86 3.95 12.98
N ARG A 49 -2.56 4.22 11.70
CA ARG A 49 -1.88 5.46 11.30
C ARG A 49 -2.78 6.61 10.85
N THR A 50 -3.51 6.43 9.75
CA THR A 50 -4.27 7.36 8.92
C THR A 50 -3.40 8.03 7.84
N THR A 51 -2.10 7.69 7.78
CA THR A 51 -1.12 8.29 6.89
C THR A 51 -0.70 7.24 5.85
N VAL A 52 -0.12 7.65 4.72
CA VAL A 52 0.11 6.82 3.52
C VAL A 52 1.56 6.86 3.00
N PRO A 53 2.00 5.96 2.09
CA PRO A 53 1.27 4.83 1.51
C PRO A 53 1.01 3.76 2.55
N GLN A 54 0.08 2.87 2.24
CA GLN A 54 -0.47 1.92 3.19
C GLN A 54 -0.76 0.65 2.43
N ILE A 55 0.26 -0.17 2.29
CA ILE A 55 0.16 -1.47 1.64
C ILE A 55 -0.42 -2.43 2.67
N PHE A 56 -1.27 -3.31 2.19
CA PHE A 56 -2.04 -4.28 2.94
C PHE A 56 -1.96 -5.59 2.14
N ILE A 57 -0.91 -6.39 2.33
CA ILE A 57 -0.73 -7.65 1.60
C ILE A 57 -1.36 -8.71 2.50
N ASP A 58 -2.20 -9.59 1.96
CA ASP A 58 -3.05 -10.50 2.74
C ASP A 58 -3.86 -9.72 3.78
N ALA A 59 -4.09 -8.43 3.54
CA ALA A 59 -4.64 -7.45 4.46
C ALA A 59 -3.85 -7.25 5.76
N GLN A 60 -2.61 -7.75 5.87
CA GLN A 60 -1.73 -7.40 6.97
C GLN A 60 -1.12 -6.04 6.59
N HIS A 61 -1.19 -5.06 7.48
CA HIS A 61 -0.65 -3.74 7.20
C HIS A 61 0.88 -3.81 7.15
N ILE A 62 1.47 -3.59 5.98
CA ILE A 62 2.89 -3.67 5.75
C ILE A 62 3.60 -2.44 6.32
N GLY A 63 3.23 -1.25 5.86
CA GLY A 63 3.95 -0.02 6.15
C GLY A 63 3.92 0.90 4.93
N GLY A 64 4.89 1.82 4.87
CA GLY A 64 5.06 2.80 3.83
C GLY A 64 5.93 2.25 2.70
N TYR A 65 6.36 3.14 1.80
CA TYR A 65 7.13 2.75 0.63
C TYR A 65 8.47 2.15 1.03
N ASP A 66 9.19 2.73 2.00
CA ASP A 66 10.50 2.20 2.39
C ASP A 66 10.36 0.78 2.97
N ASP A 67 9.24 0.54 3.67
CA ASP A 67 8.95 -0.74 4.30
C ASP A 67 8.64 -1.80 3.25
N LEU A 68 7.81 -1.41 2.28
CA LEU A 68 7.41 -2.17 1.10
C LEU A 68 8.61 -2.50 0.22
N TYR A 69 9.43 -1.50 -0.10
CA TYR A 69 10.53 -1.64 -1.01
C TYR A 69 11.58 -2.56 -0.37
N ALA A 70 11.67 -2.59 0.97
CA ALA A 70 12.47 -3.57 1.67
C ALA A 70 11.87 -4.98 1.60
N LEU A 71 10.54 -5.13 1.73
CA LEU A 71 9.91 -6.44 1.53
C LEU A 71 10.26 -6.96 0.13
N ASP A 72 10.25 -6.08 -0.88
CA ASP A 72 10.71 -6.42 -2.22
C ASP A 72 12.21 -6.72 -2.27
N ALA A 73 13.02 -6.08 -1.42
CA ALA A 73 14.46 -6.24 -1.42
C ALA A 73 14.86 -7.63 -0.90
N ARG A 74 14.08 -8.23 0.00
CA ARG A 74 14.29 -9.64 0.40
C ARG A 74 13.69 -10.59 -0.64
N GLY A 75 13.00 -10.07 -1.67
CA GLY A 75 12.30 -10.88 -2.65
C GLY A 75 11.00 -11.45 -2.09
N GLY A 76 10.48 -10.88 -1.00
CA GLY A 76 9.30 -11.38 -0.30
C GLY A 76 8.01 -10.72 -0.79
N LEU A 77 8.10 -9.74 -1.69
CA LEU A 77 6.93 -9.07 -2.24
C LEU A 77 6.36 -9.87 -3.41
N ASP A 78 7.20 -10.24 -4.38
CA ASP A 78 6.78 -10.94 -5.59
C ASP A 78 6.00 -12.23 -5.24
N PRO A 79 6.40 -13.10 -4.30
CA PRO A 79 5.68 -14.35 -4.07
C PRO A 79 4.37 -14.16 -3.30
N LEU A 80 3.94 -12.91 -3.07
CA LEU A 80 2.63 -12.55 -2.56
C LEU A 80 1.85 -11.76 -3.64
N LEU A 81 2.44 -11.50 -4.80
CA LEU A 81 1.83 -10.80 -5.94
C LEU A 81 1.96 -11.64 -7.20
N LYS A 82 2.43 -12.88 -7.09
CA LYS A 82 2.84 -13.75 -8.18
C LYS A 82 3.05 -15.14 -7.63
N ALA A 1 -2.82 -12.42 -5.04
CA ALA A 1 -2.80 -11.92 -3.67
C ALA A 1 -3.38 -10.52 -3.65
N ASN A 2 -4.27 -10.25 -2.72
CA ASN A 2 -4.97 -8.98 -2.53
C ASN A 2 -3.98 -7.99 -1.94
N VAL A 3 -3.54 -7.01 -2.71
CA VAL A 3 -2.59 -6.00 -2.24
C VAL A 3 -3.31 -4.69 -2.19
N GLU A 4 -3.91 -4.43 -1.04
CA GLU A 4 -4.56 -3.18 -0.82
C GLU A 4 -3.52 -2.13 -0.49
N ILE A 5 -3.64 -0.95 -1.10
CA ILE A 5 -2.75 0.17 -0.93
C ILE A 5 -3.57 1.45 -0.79
N TYR A 6 -3.52 2.03 0.40
CA TYR A 6 -4.18 3.29 0.71
C TYR A 6 -3.41 4.43 0.06
N THR A 7 -4.12 5.43 -0.44
CA THR A 7 -3.59 6.49 -1.30
C THR A 7 -4.38 7.79 -1.09
N LYS A 8 -3.89 8.95 -1.58
CA LYS A 8 -4.66 10.20 -1.61
C LYS A 8 -4.08 11.11 -2.69
N GLU A 9 -4.73 12.26 -2.89
CA GLU A 9 -4.53 13.22 -3.97
C GLU A 9 -3.10 13.75 -4.08
N THR A 10 -2.37 13.81 -2.96
CA THR A 10 -0.99 14.25 -2.89
C THR A 10 -0.30 13.23 -2.00
N CYS A 11 0.57 12.41 -2.59
CA CYS A 11 1.27 11.36 -1.88
C CYS A 11 2.43 10.88 -2.76
N PRO A 12 3.59 11.54 -2.74
CA PRO A 12 4.73 11.13 -3.56
C PRO A 12 5.24 9.74 -3.18
N TYR A 13 5.04 9.30 -1.93
CA TYR A 13 5.39 7.95 -1.49
C TYR A 13 4.38 6.95 -2.07
N CYS A 14 3.13 7.34 -2.30
CA CYS A 14 2.16 6.50 -2.99
C CYS A 14 2.60 6.32 -4.44
N HIS A 15 3.04 7.40 -5.10
CA HIS A 15 3.70 7.30 -6.38
C HIS A 15 4.86 6.32 -6.31
N ARG A 16 5.76 6.39 -5.31
CA ARG A 16 6.87 5.45 -5.18
C ARG A 16 6.39 4.00 -5.16
N ALA A 17 5.55 3.63 -4.22
CA ALA A 17 5.13 2.24 -4.08
C ALA A 17 4.37 1.80 -5.33
N LYS A 18 3.42 2.60 -5.83
CA LYS A 18 2.63 2.21 -7.00
C LYS A 18 3.48 2.14 -8.26
N ALA A 19 4.51 2.99 -8.40
CA ALA A 19 5.48 2.86 -9.47
C ALA A 19 6.18 1.52 -9.33
N LEU A 20 6.57 1.11 -8.12
CA LEU A 20 7.23 -0.17 -7.88
C LEU A 20 6.34 -1.32 -8.32
N LEU A 21 5.07 -1.31 -7.89
CA LEU A 21 4.10 -2.35 -8.19
C LEU A 21 3.80 -2.42 -9.69
N SER A 22 3.64 -1.27 -10.33
CA SER A 22 3.48 -1.16 -11.76
C SER A 22 4.72 -1.76 -12.45
N SER A 23 5.91 -1.46 -11.94
CA SER A 23 7.17 -1.92 -12.50
C SER A 23 7.33 -3.42 -12.31
N LYS A 24 6.79 -4.01 -11.24
CA LYS A 24 6.75 -5.46 -11.09
C LYS A 24 5.63 -6.08 -11.94
N GLY A 25 4.68 -5.28 -12.42
CA GLY A 25 3.63 -5.70 -13.33
C GLY A 25 2.60 -6.54 -12.58
N VAL A 26 2.17 -6.05 -11.42
CA VAL A 26 1.33 -6.83 -10.49
C VAL A 26 -0.13 -6.38 -10.51
N SER A 27 -0.99 -7.15 -9.84
CA SER A 27 -2.36 -6.82 -9.52
C SER A 27 -2.33 -6.20 -8.13
N PHE A 28 -2.90 -5.00 -7.96
CA PHE A 28 -3.02 -4.36 -6.66
C PHE A 28 -4.33 -3.56 -6.60
N GLN A 29 -4.72 -3.07 -5.44
CA GLN A 29 -6.00 -2.43 -5.17
C GLN A 29 -5.73 -1.09 -4.50
N GLU A 30 -6.27 -0.03 -5.09
CA GLU A 30 -5.96 1.34 -4.72
C GLU A 30 -7.16 1.88 -3.97
N LEU A 31 -6.94 2.43 -2.77
CA LEU A 31 -7.99 2.95 -1.90
C LEU A 31 -7.78 4.45 -1.74
N PRO A 32 -8.67 5.31 -2.24
CA PRO A 32 -8.51 6.75 -2.13
C PRO A 32 -8.93 7.21 -0.74
N ILE A 33 -8.27 8.23 -0.23
CA ILE A 33 -8.56 8.87 1.04
C ILE A 33 -8.78 10.37 0.82
N ASP A 34 -8.55 10.85 -0.41
CA ASP A 34 -8.91 12.16 -0.91
C ASP A 34 -10.42 12.24 -0.94
N GLY A 35 -11.00 13.10 -0.10
CA GLY A 35 -12.43 13.24 0.12
C GLY A 35 -13.02 12.10 0.95
N ASN A 36 -12.48 10.88 0.84
CA ASN A 36 -12.97 9.71 1.54
C ASN A 36 -12.38 9.69 2.97
N ALA A 37 -12.88 10.59 3.80
CA ALA A 37 -12.62 10.55 5.22
C ALA A 37 -13.24 9.33 5.89
N ALA A 38 -14.23 8.65 5.28
CA ALA A 38 -14.88 7.50 5.91
C ALA A 38 -13.85 6.40 6.14
N LYS A 39 -13.19 5.94 5.07
CA LYS A 39 -12.19 4.89 5.22
C LYS A 39 -10.92 5.43 5.85
N ARG A 40 -10.72 6.74 5.87
CA ARG A 40 -9.64 7.34 6.66
C ARG A 40 -9.81 6.93 8.11
N GLU A 41 -10.99 7.10 8.69
CA GLU A 41 -11.20 6.73 10.09
C GLU A 41 -11.15 5.22 10.27
N GLU A 42 -11.56 4.46 9.25
CA GLU A 42 -11.41 3.01 9.25
C GLU A 42 -9.92 2.62 9.28
N MET A 43 -9.08 3.36 8.56
CA MET A 43 -7.64 3.16 8.47
C MET A 43 -6.95 3.30 9.83
N ILE A 44 -7.59 3.95 10.80
CA ILE A 44 -7.10 3.99 12.18
C ILE A 44 -7.11 2.55 12.66
N LYS A 45 -8.27 1.89 12.64
CA LYS A 45 -8.39 0.49 13.04
C LYS A 45 -7.50 -0.39 12.17
N ARG A 46 -7.50 -0.18 10.87
CA ARG A 46 -6.85 -1.07 9.92
C ARG A 46 -5.33 -0.99 10.03
N SER A 47 -4.74 0.18 10.31
CA SER A 47 -3.29 0.36 10.25
C SER A 47 -2.65 0.78 11.56
N GLY A 48 -3.41 1.36 12.49
CA GLY A 48 -2.88 2.03 13.66
C GLY A 48 -2.11 3.31 13.33
N ARG A 49 -2.16 3.80 12.08
CA ARG A 49 -1.33 4.90 11.58
C ARG A 49 -2.15 5.97 10.87
N THR A 50 -2.98 5.60 9.89
CA THR A 50 -3.81 6.50 9.10
C THR A 50 -2.98 7.24 8.03
N THR A 51 -1.70 6.85 7.88
CA THR A 51 -0.75 7.44 6.95
C THR A 51 -0.87 6.78 5.59
N VAL A 52 -0.15 7.33 4.60
CA VAL A 52 -0.17 6.83 3.23
C VAL A 52 1.23 6.90 2.60
N PRO A 53 1.53 6.04 1.61
CA PRO A 53 0.72 4.90 1.23
C PRO A 53 0.77 3.93 2.39
N GLN A 54 -0.22 3.05 2.51
CA GLN A 54 -0.12 1.94 3.44
C GLN A 54 -0.60 0.69 2.75
N ILE A 55 0.31 -0.27 2.65
CA ILE A 55 0.11 -1.50 1.92
C ILE A 55 -0.30 -2.57 2.94
N PHE A 56 -1.15 -3.46 2.47
CA PHE A 56 -1.69 -4.61 3.14
C PHE A 56 -1.65 -5.74 2.11
N ILE A 57 -0.82 -6.76 2.30
CA ILE A 57 -0.74 -7.90 1.37
C ILE A 57 -1.46 -9.04 2.06
N ASP A 58 -2.62 -9.44 1.53
CA ASP A 58 -3.45 -10.52 2.05
C ASP A 58 -3.70 -10.23 3.54
N ALA A 59 -4.25 -9.05 3.80
CA ALA A 59 -4.57 -8.41 5.08
C ALA A 59 -3.35 -7.99 5.89
N GLN A 60 -2.17 -8.46 5.53
CA GLN A 60 -0.97 -8.32 6.35
C GLN A 60 -0.42 -6.91 6.19
N HIS A 61 -0.46 -6.13 7.27
CA HIS A 61 -0.07 -4.72 7.28
C HIS A 61 1.44 -4.59 7.14
N ILE A 62 1.87 -4.18 5.94
CA ILE A 62 3.27 -3.97 5.61
C ILE A 62 3.74 -2.68 6.29
N GLY A 63 3.03 -1.58 6.06
CA GLY A 63 3.44 -0.23 6.45
C GLY A 63 3.54 0.61 5.19
N GLY A 64 4.57 1.47 5.10
CA GLY A 64 4.72 2.52 4.10
C GLY A 64 5.44 2.06 2.83
N TYR A 65 5.74 3.00 1.92
CA TYR A 65 6.45 2.69 0.69
C TYR A 65 7.76 1.98 1.00
N ASP A 66 8.57 2.52 1.89
CA ASP A 66 9.92 1.99 2.14
C ASP A 66 9.84 0.68 2.93
N ASP A 67 8.72 0.37 3.59
CA ASP A 67 8.47 -0.95 4.18
C ASP A 67 8.25 -1.98 3.06
N LEU A 68 7.38 -1.63 2.10
CA LEU A 68 7.06 -2.42 0.91
C LEU A 68 8.30 -2.66 0.06
N TYR A 69 9.03 -1.60 -0.23
CA TYR A 69 10.25 -1.60 -0.99
C TYR A 69 11.31 -2.46 -0.30
N ALA A 70 11.38 -2.44 1.03
CA ALA A 70 12.23 -3.31 1.82
C ALA A 70 11.76 -4.76 1.73
N LEU A 71 10.45 -5.04 1.82
CA LEU A 71 9.91 -6.39 1.63
C LEU A 71 10.31 -6.93 0.26
N ASP A 72 10.20 -6.10 -0.78
CA ASP A 72 10.61 -6.46 -2.13
C ASP A 72 12.11 -6.69 -2.22
N ALA A 73 12.91 -5.93 -1.48
CA ALA A 73 14.35 -6.14 -1.39
C ALA A 73 14.70 -7.46 -0.69
N ARG A 74 13.83 -7.96 0.19
CA ARG A 74 13.94 -9.29 0.75
C ARG A 74 13.48 -10.38 -0.21
N GLY A 75 12.97 -10.01 -1.38
CA GLY A 75 12.31 -10.93 -2.28
C GLY A 75 11.08 -11.55 -1.60
N GLY A 76 10.44 -10.83 -0.68
CA GLY A 76 9.23 -11.27 0.00
C GLY A 76 7.98 -10.80 -0.72
N LEU A 77 8.06 -9.67 -1.43
CA LEU A 77 6.90 -9.10 -2.12
C LEU A 77 6.60 -9.93 -3.36
N ASP A 78 7.61 -10.16 -4.19
CA ASP A 78 7.48 -10.82 -5.47
C ASP A 78 6.73 -12.15 -5.37
N PRO A 79 7.12 -13.13 -4.54
CA PRO A 79 6.43 -14.42 -4.50
C PRO A 79 5.02 -14.36 -3.87
N LEU A 80 4.62 -13.24 -3.26
CA LEU A 80 3.24 -13.03 -2.84
C LEU A 80 2.43 -12.52 -4.03
N LEU A 81 2.96 -11.53 -4.76
CA LEU A 81 2.28 -10.89 -5.89
C LEU A 81 2.43 -11.64 -7.21
N LYS A 82 3.12 -12.77 -7.23
CA LYS A 82 3.50 -13.50 -8.43
C LYS A 82 3.24 -14.98 -8.27
N ALA A 1 -1.64 -12.99 -4.87
CA ALA A 1 -2.37 -12.91 -3.59
C ALA A 1 -2.97 -11.51 -3.46
N ASN A 2 -3.75 -11.26 -2.41
CA ASN A 2 -4.45 -9.98 -2.24
C ASN A 2 -3.47 -8.89 -1.84
N VAL A 3 -3.44 -7.79 -2.60
CA VAL A 3 -2.62 -6.63 -2.29
C VAL A 3 -3.50 -5.41 -2.36
N GLU A 4 -3.44 -4.59 -1.33
CA GLU A 4 -4.18 -3.36 -1.20
C GLU A 4 -3.23 -2.24 -0.81
N ILE A 5 -3.46 -1.03 -1.32
CA ILE A 5 -2.63 0.13 -1.00
C ILE A 5 -3.50 1.37 -0.86
N TYR A 6 -3.56 1.91 0.36
CA TYR A 6 -4.22 3.18 0.64
C TYR A 6 -3.32 4.30 0.11
N THR A 7 -3.87 5.23 -0.67
CA THR A 7 -3.16 6.36 -1.27
C THR A 7 -4.03 7.62 -1.25
N LYS A 8 -3.49 8.76 -1.66
CA LYS A 8 -4.20 10.01 -1.94
C LYS A 8 -3.66 10.50 -3.27
N GLU A 9 -4.27 11.56 -3.80
CA GLU A 9 -3.97 12.10 -5.12
C GLU A 9 -2.58 12.74 -5.17
N THR A 10 -2.05 13.10 -4.01
CA THR A 10 -0.87 13.93 -3.83
C THR A 10 0.01 13.25 -2.80
N CYS A 11 0.72 12.23 -3.24
CA CYS A 11 1.45 11.30 -2.40
C CYS A 11 2.65 10.77 -3.20
N PRO A 12 3.80 11.46 -3.18
CA PRO A 12 4.97 11.01 -3.93
C PRO A 12 5.43 9.64 -3.46
N TYR A 13 5.25 9.25 -2.20
CA TYR A 13 5.63 7.91 -1.75
C TYR A 13 4.63 6.87 -2.27
N CYS A 14 3.34 7.19 -2.35
CA CYS A 14 2.37 6.31 -3.00
C CYS A 14 2.80 6.08 -4.43
N HIS A 15 3.17 7.15 -5.14
CA HIS A 15 3.68 7.04 -6.48
C HIS A 15 4.96 6.18 -6.52
N ARG A 16 5.92 6.34 -5.60
CA ARG A 16 7.13 5.49 -5.57
C ARG A 16 6.76 4.01 -5.51
N ALA A 17 5.90 3.65 -4.55
CA ALA A 17 5.43 2.27 -4.37
C ALA A 17 4.72 1.78 -5.63
N LYS A 18 3.69 2.50 -6.07
CA LYS A 18 2.87 2.09 -7.21
C LYS A 18 3.68 2.04 -8.49
N ALA A 19 4.74 2.86 -8.63
CA ALA A 19 5.66 2.76 -9.74
C ALA A 19 6.38 1.43 -9.68
N LEU A 20 6.88 0.99 -8.52
CA LEU A 20 7.58 -0.28 -8.39
C LEU A 20 6.61 -1.44 -8.68
N LEU A 21 5.37 -1.37 -8.20
CA LEU A 21 4.38 -2.38 -8.50
C LEU A 21 4.06 -2.42 -9.99
N SER A 22 3.97 -1.27 -10.65
CA SER A 22 3.76 -1.18 -12.08
C SER A 22 4.99 -1.70 -12.85
N SER A 23 6.19 -1.56 -12.29
CA SER A 23 7.42 -2.11 -12.85
C SER A 23 7.45 -3.63 -12.70
N LYS A 24 6.90 -4.17 -11.60
CA LYS A 24 6.69 -5.61 -11.48
C LYS A 24 5.51 -6.03 -12.38
N GLY A 25 4.67 -5.10 -12.83
CA GLY A 25 3.57 -5.33 -13.76
C GLY A 25 2.38 -6.00 -13.09
N VAL A 26 2.24 -5.86 -11.78
CA VAL A 26 1.30 -6.62 -10.97
C VAL A 26 -0.07 -5.94 -10.86
N SER A 27 -1.10 -6.73 -10.57
CA SER A 27 -2.40 -6.23 -10.18
C SER A 27 -2.28 -6.02 -8.67
N PHE A 28 -2.79 -4.89 -8.20
CA PHE A 28 -2.94 -4.54 -6.80
C PHE A 28 -4.21 -3.69 -6.71
N GLN A 29 -4.77 -3.46 -5.51
CA GLN A 29 -5.98 -2.64 -5.34
C GLN A 29 -5.55 -1.33 -4.72
N GLU A 30 -6.15 -0.22 -5.16
CA GLU A 30 -5.90 1.11 -4.62
C GLU A 30 -7.08 1.46 -3.74
N LEU A 31 -6.84 2.19 -2.66
CA LEU A 31 -7.87 2.69 -1.77
C LEU A 31 -7.65 4.18 -1.60
N PRO A 32 -8.60 5.05 -1.99
CA PRO A 32 -8.43 6.48 -1.85
C PRO A 32 -8.54 6.85 -0.38
N ILE A 33 -7.88 7.93 0.03
CA ILE A 33 -8.01 8.56 1.35
C ILE A 33 -8.02 10.09 1.19
N ASP A 34 -8.43 10.58 0.02
CA ASP A 34 -8.58 11.99 -0.33
C ASP A 34 -9.66 12.72 0.52
N GLY A 35 -9.43 12.82 1.82
CA GLY A 35 -10.29 13.49 2.79
C GLY A 35 -11.52 12.67 3.19
N ASN A 36 -11.60 11.39 2.82
CA ASN A 36 -12.85 10.62 2.96
C ASN A 36 -12.79 10.14 4.42
N ALA A 37 -13.57 10.75 5.32
CA ALA A 37 -13.45 10.45 6.74
C ALA A 37 -13.80 8.99 7.06
N ALA A 38 -14.64 8.33 6.25
CA ALA A 38 -14.97 6.94 6.46
C ALA A 38 -13.73 6.06 6.29
N LYS A 39 -13.03 6.16 5.15
CA LYS A 39 -11.85 5.34 4.90
C LYS A 39 -10.68 5.79 5.78
N ARG A 40 -10.68 7.04 6.21
CA ARG A 40 -9.76 7.54 7.22
C ARG A 40 -9.92 6.73 8.51
N GLU A 41 -11.13 6.59 9.06
CA GLU A 41 -11.29 5.78 10.28
C GLU A 41 -11.13 4.29 10.01
N GLU A 42 -11.43 3.81 8.79
CA GLU A 42 -11.09 2.45 8.39
C GLU A 42 -9.58 2.25 8.54
N MET A 43 -8.77 3.25 8.18
CA MET A 43 -7.33 3.17 8.26
C MET A 43 -6.86 3.03 9.70
N ILE A 44 -7.65 3.53 10.65
CA ILE A 44 -7.41 3.39 12.09
C ILE A 44 -7.73 1.96 12.47
N LYS A 45 -8.86 1.39 12.03
CA LYS A 45 -9.16 -0.03 12.23
C LYS A 45 -8.00 -0.87 11.69
N ARG A 46 -7.79 -0.79 10.38
CA ARG A 46 -6.92 -1.62 9.56
C ARG A 46 -5.46 -1.48 9.93
N SER A 47 -5.01 -0.24 10.16
CA SER A 47 -3.59 0.07 10.28
C SER A 47 -3.20 0.88 11.52
N GLY A 48 -4.15 1.23 12.39
CA GLY A 48 -3.90 2.11 13.54
C GLY A 48 -3.50 3.53 13.13
N ARG A 49 -3.62 3.90 11.86
CA ARG A 49 -3.07 5.11 11.27
C ARG A 49 -4.11 5.74 10.35
N THR A 50 -3.69 6.71 9.55
CA THR A 50 -4.46 7.58 8.66
C THR A 50 -3.56 8.11 7.52
N THR A 51 -2.30 7.67 7.47
CA THR A 51 -1.21 8.16 6.66
C THR A 51 -1.00 7.27 5.45
N VAL A 52 -0.08 7.66 4.56
CA VAL A 52 0.06 6.98 3.29
C VAL A 52 1.52 6.82 2.82
N PRO A 53 1.79 5.85 1.92
CA PRO A 53 0.85 4.81 1.54
C PRO A 53 0.67 3.85 2.74
N GLN A 54 -0.38 3.05 2.71
CA GLN A 54 -0.61 1.97 3.66
C GLN A 54 -0.86 0.70 2.87
N ILE A 55 0.18 -0.13 2.73
CA ILE A 55 0.09 -1.39 1.99
C ILE A 55 -0.41 -2.46 2.96
N PHE A 56 -1.21 -3.38 2.42
CA PHE A 56 -1.67 -4.60 3.04
C PHE A 56 -1.43 -5.70 2.02
N ILE A 57 -0.83 -6.82 2.41
CA ILE A 57 -0.76 -8.02 1.57
C ILE A 57 -1.34 -9.15 2.41
N ASP A 58 -2.38 -9.83 1.91
CA ASP A 58 -3.17 -10.84 2.61
C ASP A 58 -3.45 -10.45 4.07
N ALA A 59 -3.90 -9.20 4.24
CA ALA A 59 -4.27 -8.55 5.49
C ALA A 59 -3.09 -8.27 6.43
N GLN A 60 -1.85 -8.56 6.03
CA GLN A 60 -0.65 -8.14 6.75
C GLN A 60 -0.48 -6.65 6.46
N HIS A 61 -0.77 -5.77 7.41
CA HIS A 61 -0.41 -4.36 7.27
C HIS A 61 1.12 -4.31 7.20
N ILE A 62 1.67 -3.75 6.13
CA ILE A 62 3.10 -3.57 5.96
C ILE A 62 3.47 -2.18 6.51
N GLY A 63 3.16 -1.12 5.76
CA GLY A 63 3.61 0.24 6.05
C GLY A 63 3.51 1.06 4.78
N GLY A 64 4.50 1.90 4.51
CA GLY A 64 4.54 2.85 3.40
C GLY A 64 5.56 2.42 2.35
N TYR A 65 5.99 3.34 1.46
CA TYR A 65 6.87 2.97 0.37
C TYR A 65 8.17 2.41 0.88
N ASP A 66 8.74 3.01 1.91
CA ASP A 66 10.01 2.56 2.44
C ASP A 66 9.89 1.13 2.99
N ASP A 67 8.76 0.83 3.64
CA ASP A 67 8.48 -0.47 4.23
C ASP A 67 8.30 -1.52 3.13
N LEU A 68 7.49 -1.19 2.13
CA LEU A 68 7.26 -1.95 0.90
C LEU A 68 8.57 -2.22 0.21
N TYR A 69 9.35 -1.19 -0.02
CA TYR A 69 10.51 -1.29 -0.88
C TYR A 69 11.54 -2.16 -0.15
N ALA A 70 11.63 -2.03 1.18
CA ALA A 70 12.40 -2.96 1.99
C ALA A 70 11.83 -4.38 1.89
N LEU A 71 10.51 -4.59 1.93
CA LEU A 71 9.89 -5.89 1.77
C LEU A 71 10.30 -6.51 0.42
N ASP A 72 10.32 -5.71 -0.65
CA ASP A 72 10.77 -6.12 -1.98
C ASP A 72 12.25 -6.48 -1.97
N ALA A 73 13.05 -5.75 -1.20
CA ALA A 73 14.46 -6.10 -0.99
C ALA A 73 14.60 -7.38 -0.15
N ARG A 74 13.57 -7.76 0.61
CA ARG A 74 13.49 -9.02 1.34
C ARG A 74 13.01 -10.15 0.42
N GLY A 75 12.59 -9.85 -0.80
CA GLY A 75 11.95 -10.82 -1.68
C GLY A 75 10.60 -11.26 -1.11
N GLY A 76 10.00 -10.47 -0.22
CA GLY A 76 8.75 -10.79 0.46
C GLY A 76 7.55 -10.15 -0.24
N LEU A 77 7.74 -9.55 -1.40
CA LEU A 77 6.71 -8.86 -2.17
C LEU A 77 6.38 -9.66 -3.42
N ASP A 78 7.41 -10.00 -4.20
CA ASP A 78 7.31 -10.82 -5.42
C ASP A 78 6.42 -12.05 -5.28
N PRO A 79 6.63 -12.96 -4.31
CA PRO A 79 5.90 -14.23 -4.27
C PRO A 79 4.42 -14.07 -3.91
N LEU A 80 4.00 -12.89 -3.42
CA LEU A 80 2.65 -12.63 -2.98
C LEU A 80 1.87 -11.82 -4.02
N LEU A 81 2.52 -11.27 -5.04
CA LEU A 81 1.84 -10.58 -6.13
C LEU A 81 1.56 -11.50 -7.33
N LYS A 82 1.78 -12.80 -7.15
CA LYS A 82 1.48 -13.85 -8.11
C LYS A 82 -0.02 -13.86 -8.35
N ALA A 1 -1.77 -12.70 -4.44
CA ALA A 1 -2.20 -12.02 -3.20
C ALA A 1 -3.08 -10.84 -3.53
N ASN A 2 -4.11 -10.62 -2.72
CA ASN A 2 -4.87 -9.38 -2.71
C ASN A 2 -3.97 -8.35 -2.06
N VAL A 3 -3.75 -7.23 -2.73
CA VAL A 3 -2.94 -6.14 -2.20
C VAL A 3 -3.79 -4.90 -2.22
N GLU A 4 -3.82 -4.24 -1.07
CA GLU A 4 -4.74 -3.17 -0.79
C GLU A 4 -3.88 -1.97 -0.45
N ILE A 5 -4.01 -0.86 -1.18
CA ILE A 5 -3.07 0.25 -1.07
C ILE A 5 -3.80 1.57 -0.95
N TYR A 6 -3.87 2.10 0.26
CA TYR A 6 -4.48 3.38 0.54
C TYR A 6 -3.55 4.49 0.03
N THR A 7 -4.08 5.51 -0.63
CA THR A 7 -3.34 6.63 -1.21
C THR A 7 -4.14 7.96 -1.08
N LYS A 8 -3.57 9.10 -1.48
CA LYS A 8 -4.24 10.39 -1.65
C LYS A 8 -3.76 10.96 -2.98
N GLU A 9 -4.36 12.08 -3.42
CA GLU A 9 -4.08 12.69 -4.72
C GLU A 9 -2.65 13.24 -4.81
N THR A 10 -2.07 13.67 -3.69
CA THR A 10 -0.66 14.00 -3.56
C THR A 10 0.09 12.70 -3.20
N CYS A 11 0.92 12.71 -2.15
CA CYS A 11 1.56 11.57 -1.51
C CYS A 11 2.72 11.03 -2.36
N PRO A 12 3.94 11.55 -2.20
CA PRO A 12 5.08 11.13 -3.00
C PRO A 12 5.38 9.64 -2.79
N TYR A 13 5.20 9.13 -1.58
CA TYR A 13 5.48 7.74 -1.26
C TYR A 13 4.41 6.82 -1.84
N CYS A 14 3.18 7.29 -2.04
CA CYS A 14 2.15 6.53 -2.72
C CYS A 14 2.61 6.29 -4.16
N HIS A 15 3.03 7.37 -4.83
CA HIS A 15 3.62 7.26 -6.17
C HIS A 15 4.80 6.30 -6.17
N ARG A 16 5.74 6.40 -5.21
CA ARG A 16 6.88 5.50 -5.14
C ARG A 16 6.43 4.04 -5.11
N ALA A 17 5.54 3.68 -4.19
CA ALA A 17 5.07 2.30 -4.09
C ALA A 17 4.38 1.88 -5.39
N LYS A 18 3.40 2.64 -5.88
CA LYS A 18 2.67 2.23 -7.09
C LYS A 18 3.61 2.08 -8.29
N ALA A 19 4.65 2.93 -8.40
CA ALA A 19 5.65 2.81 -9.45
C ALA A 19 6.39 1.48 -9.32
N LEU A 20 6.84 1.15 -8.10
CA LEU A 20 7.56 -0.08 -7.81
C LEU A 20 6.71 -1.29 -8.19
N LEU A 21 5.43 -1.28 -7.79
CA LEU A 21 4.49 -2.36 -8.01
C LEU A 21 4.15 -2.52 -9.49
N SER A 22 3.88 -1.42 -10.18
CA SER A 22 3.56 -1.46 -11.60
C SER A 22 4.80 -1.85 -12.40
N SER A 23 6.01 -1.56 -11.92
CA SER A 23 7.23 -2.09 -12.52
C SER A 23 7.25 -3.61 -12.38
N LYS A 24 6.85 -4.16 -11.23
CA LYS A 24 6.76 -5.61 -11.08
C LYS A 24 5.53 -6.16 -11.80
N GLY A 25 4.66 -5.31 -12.34
CA GLY A 25 3.55 -5.72 -13.19
C GLY A 25 2.48 -6.44 -12.38
N VAL A 26 2.38 -6.13 -11.09
CA VAL A 26 1.51 -6.86 -10.17
C VAL A 26 0.06 -6.39 -10.32
N SER A 27 -0.86 -7.09 -9.67
CA SER A 27 -2.23 -6.66 -9.48
C SER A 27 -2.33 -6.13 -8.07
N PHE A 28 -2.92 -4.94 -7.88
CA PHE A 28 -3.24 -4.41 -6.57
C PHE A 28 -4.61 -3.69 -6.65
N GLN A 29 -5.12 -3.26 -5.51
CA GLN A 29 -6.38 -2.55 -5.31
C GLN A 29 -6.02 -1.29 -4.57
N GLU A 30 -6.43 -0.14 -5.09
CA GLU A 30 -6.01 1.15 -4.57
C GLU A 30 -7.20 1.93 -4.02
N LEU A 31 -6.98 2.60 -2.89
CA LEU A 31 -8.04 3.21 -2.08
C LEU A 31 -7.77 4.69 -1.87
N PRO A 32 -8.62 5.61 -2.35
CA PRO A 32 -8.48 7.03 -2.06
C PRO A 32 -8.78 7.27 -0.59
N ILE A 33 -8.09 8.23 0.04
CA ILE A 33 -8.40 8.72 1.39
C ILE A 33 -8.60 10.24 1.37
N ASP A 34 -8.24 10.91 0.28
CA ASP A 34 -8.56 12.29 -0.01
C ASP A 34 -10.07 12.35 -0.17
N GLY A 35 -10.75 13.27 0.52
CA GLY A 35 -12.21 13.37 0.53
C GLY A 35 -12.89 12.29 1.37
N ASN A 36 -12.44 11.04 1.26
CA ASN A 36 -13.06 9.85 1.85
C ASN A 36 -12.61 9.77 3.30
N ALA A 37 -13.38 10.38 4.20
CA ALA A 37 -13.20 10.17 5.62
C ALA A 37 -13.54 8.75 6.08
N ALA A 38 -14.56 8.12 5.49
CA ALA A 38 -15.13 6.87 5.98
C ALA A 38 -14.07 5.80 6.19
N LYS A 39 -13.32 5.52 5.14
CA LYS A 39 -12.25 4.53 5.18
C LYS A 39 -10.92 5.10 5.67
N ARG A 40 -10.78 6.41 5.78
CA ARG A 40 -9.62 7.05 6.46
C ARG A 40 -9.74 6.87 7.98
N GLU A 41 -10.95 6.86 8.50
CA GLU A 41 -11.25 6.49 9.87
C GLU A 41 -11.05 4.99 10.03
N GLU A 42 -11.52 4.19 9.08
CA GLU A 42 -11.28 2.75 9.11
C GLU A 42 -9.77 2.46 9.03
N MET A 43 -9.00 3.30 8.33
CA MET A 43 -7.55 3.23 8.27
C MET A 43 -6.90 3.43 9.65
N ILE A 44 -7.58 4.01 10.63
CA ILE A 44 -7.10 4.00 12.01
C ILE A 44 -7.10 2.54 12.44
N LYS A 45 -8.27 1.92 12.37
CA LYS A 45 -8.57 0.59 12.89
C LYS A 45 -7.73 -0.47 12.19
N ARG A 46 -7.40 -0.27 10.92
CA ARG A 46 -6.68 -1.19 10.08
C ARG A 46 -5.18 -0.92 10.05
N SER A 47 -4.72 0.33 9.99
CA SER A 47 -3.29 0.62 9.82
C SER A 47 -2.61 1.05 11.11
N GLY A 48 -3.36 1.65 12.05
CA GLY A 48 -2.82 2.31 13.22
C GLY A 48 -1.88 3.45 12.85
N ARG A 49 -2.12 4.18 11.75
CA ARG A 49 -1.26 5.25 11.25
C ARG A 49 -2.05 6.42 10.62
N THR A 50 -2.95 6.16 9.66
CA THR A 50 -3.76 7.11 8.89
C THR A 50 -2.98 8.00 7.92
N THR A 51 -1.69 7.74 7.81
CA THR A 51 -0.79 8.26 6.80
C THR A 51 -1.02 7.39 5.56
N VAL A 52 -0.37 7.70 4.46
CA VAL A 52 -0.33 6.78 3.32
C VAL A 52 1.05 6.81 2.65
N PRO A 53 1.42 5.79 1.85
CA PRO A 53 0.63 4.60 1.56
C PRO A 53 0.49 3.69 2.78
N GLN A 54 -0.52 2.83 2.74
CA GLN A 54 -0.71 1.72 3.65
C GLN A 54 -0.93 0.55 2.73
N ILE A 55 0.11 -0.24 2.52
CA ILE A 55 -0.03 -1.49 1.80
C ILE A 55 -0.42 -2.54 2.82
N PHE A 56 -1.31 -3.42 2.39
CA PHE A 56 -1.79 -4.60 3.03
C PHE A 56 -1.65 -5.70 1.99
N ILE A 57 -1.17 -6.90 2.36
CA ILE A 57 -1.02 -8.02 1.43
C ILE A 57 -1.69 -9.23 2.08
N ASP A 58 -2.83 -9.70 1.54
CA ASP A 58 -3.67 -10.71 2.17
C ASP A 58 -3.91 -10.40 3.65
N ALA A 59 -4.30 -9.14 3.91
CA ALA A 59 -4.59 -8.51 5.19
C ALA A 59 -3.35 -8.18 6.04
N GLN A 60 -2.16 -8.60 5.62
CA GLN A 60 -0.94 -8.36 6.36
C GLN A 60 -0.57 -6.90 6.18
N HIS A 61 -0.76 -6.07 7.22
CA HIS A 61 -0.46 -4.65 7.14
C HIS A 61 1.05 -4.50 7.09
N ILE A 62 1.58 -4.17 5.91
CA ILE A 62 3.00 -4.04 5.68
C ILE A 62 3.47 -2.74 6.33
N GLY A 63 2.93 -1.60 5.88
CA GLY A 63 3.43 -0.29 6.24
C GLY A 63 3.28 0.60 5.01
N GLY A 64 4.24 1.49 4.80
CA GLY A 64 4.27 2.46 3.72
C GLY A 64 5.28 2.04 2.63
N TYR A 65 5.71 2.98 1.80
CA TYR A 65 6.58 2.66 0.67
C TYR A 65 7.90 2.09 1.18
N ASP A 66 8.52 2.69 2.19
CA ASP A 66 9.88 2.33 2.58
C ASP A 66 9.87 0.90 3.17
N ASP A 67 8.74 0.48 3.74
CA ASP A 67 8.45 -0.86 4.24
C ASP A 67 8.32 -1.84 3.07
N LEU A 68 7.43 -1.52 2.12
CA LEU A 68 7.11 -2.31 0.93
C LEU A 68 8.34 -2.51 0.05
N TYR A 69 9.05 -1.43 -0.20
CA TYR A 69 10.28 -1.39 -0.96
C TYR A 69 11.31 -2.30 -0.27
N ALA A 70 11.40 -2.29 1.07
CA ALA A 70 12.28 -3.19 1.79
C ALA A 70 11.81 -4.66 1.72
N LEU A 71 10.51 -4.94 1.70
CA LEU A 71 9.97 -6.27 1.45
C LEU A 71 10.46 -6.81 0.09
N ASP A 72 10.28 -6.02 -0.97
CA ASP A 72 10.73 -6.36 -2.32
C ASP A 72 12.27 -6.42 -2.41
N ALA A 73 12.97 -5.66 -1.55
CA ALA A 73 14.42 -5.67 -1.43
C ALA A 73 14.94 -6.93 -0.74
N ARG A 74 14.06 -7.77 -0.20
CA ARG A 74 14.37 -9.10 0.31
C ARG A 74 13.94 -10.19 -0.69
N GLY A 75 13.30 -9.81 -1.81
CA GLY A 75 12.69 -10.79 -2.70
C GLY A 75 11.42 -11.39 -2.09
N GLY A 76 10.84 -10.72 -1.09
CA GLY A 76 9.69 -11.23 -0.36
C GLY A 76 8.37 -10.77 -0.95
N LEU A 77 8.37 -9.97 -2.00
CA LEU A 77 7.16 -9.44 -2.60
C LEU A 77 6.67 -10.33 -3.74
N ASP A 78 7.54 -10.77 -4.65
CA ASP A 78 7.19 -11.73 -5.70
C ASP A 78 6.41 -12.97 -5.23
N PRO A 79 6.81 -13.70 -4.18
CA PRO A 79 6.08 -14.89 -3.74
C PRO A 79 4.69 -14.55 -3.14
N LEU A 80 4.35 -13.27 -2.98
CA LEU A 80 3.04 -12.81 -2.57
C LEU A 80 2.27 -12.31 -3.80
N LEU A 81 2.84 -11.35 -4.54
CA LEU A 81 2.19 -10.59 -5.61
C LEU A 81 2.31 -11.21 -7.00
N LYS A 82 2.61 -12.51 -7.05
CA LYS A 82 2.84 -13.26 -8.28
C LYS A 82 1.58 -13.28 -9.12
N ALA A 1 -3.01 -13.69 -3.23
CA ALA A 1 -2.56 -12.50 -2.49
C ALA A 1 -3.39 -11.28 -2.87
N ASN A 2 -3.62 -10.38 -1.93
CA ASN A 2 -4.41 -9.17 -2.03
C ASN A 2 -3.59 -7.99 -1.53
N VAL A 3 -3.08 -7.14 -2.43
CA VAL A 3 -2.49 -5.87 -1.99
C VAL A 3 -3.65 -4.95 -1.59
N GLU A 4 -3.36 -3.93 -0.81
CA GLU A 4 -4.34 -2.91 -0.48
C GLU A 4 -3.49 -1.68 -0.18
N ILE A 5 -3.56 -0.64 -1.01
CA ILE A 5 -2.63 0.48 -0.91
C ILE A 5 -3.33 1.84 -0.80
N TYR A 6 -3.24 2.46 0.37
CA TYR A 6 -4.01 3.66 0.68
C TYR A 6 -3.23 4.90 0.25
N THR A 7 -3.85 5.74 -0.59
CA THR A 7 -3.17 6.88 -1.23
C THR A 7 -4.09 8.11 -1.30
N LYS A 8 -3.59 9.26 -1.72
CA LYS A 8 -4.31 10.55 -1.69
C LYS A 8 -4.01 11.38 -2.93
N GLU A 9 -4.58 12.59 -3.00
CA GLU A 9 -4.36 13.54 -4.10
C GLU A 9 -2.88 13.92 -4.25
N THR A 10 -2.14 13.93 -3.15
CA THR A 10 -0.69 14.06 -3.08
C THR A 10 -0.22 12.99 -2.10
N CYS A 11 0.99 12.46 -2.33
CA CYS A 11 1.75 11.51 -1.53
C CYS A 11 2.84 10.95 -2.45
N PRO A 12 4.03 11.56 -2.53
CA PRO A 12 5.09 11.11 -3.43
C PRO A 12 5.51 9.68 -3.13
N TYR A 13 5.44 9.24 -1.86
CA TYR A 13 5.79 7.89 -1.48
C TYR A 13 4.72 6.91 -1.96
N CYS A 14 3.45 7.34 -2.00
CA CYS A 14 2.36 6.52 -2.52
C CYS A 14 2.57 6.29 -3.99
N HIS A 15 2.91 7.35 -4.72
CA HIS A 15 3.36 7.24 -6.10
C HIS A 15 4.51 6.23 -6.17
N ARG A 16 5.57 6.36 -5.36
CA ARG A 16 6.70 5.44 -5.43
C ARG A 16 6.26 3.98 -5.28
N ALA A 17 5.45 3.65 -4.27
CA ALA A 17 5.02 2.28 -4.07
C ALA A 17 4.15 1.79 -5.23
N LYS A 18 3.11 2.54 -5.63
CA LYS A 18 2.26 2.10 -6.75
C LYS A 18 3.06 1.98 -8.03
N ALA A 19 4.01 2.89 -8.26
CA ALA A 19 4.89 2.85 -9.42
C ALA A 19 5.72 1.58 -9.37
N LEU A 20 6.27 1.20 -8.21
CA LEU A 20 7.06 -0.01 -8.05
C LEU A 20 6.23 -1.23 -8.46
N LEU A 21 5.00 -1.31 -7.94
CA LEU A 21 4.12 -2.43 -8.20
C LEU A 21 3.74 -2.50 -9.68
N SER A 22 3.52 -1.36 -10.33
CA SER A 22 3.29 -1.34 -11.77
C SER A 22 4.58 -1.67 -12.53
N SER A 23 5.77 -1.36 -12.03
CA SER A 23 7.02 -1.80 -12.64
C SER A 23 7.13 -3.32 -12.55
N LYS A 24 6.68 -3.92 -11.44
CA LYS A 24 6.60 -5.36 -11.31
C LYS A 24 5.41 -5.93 -12.08
N GLY A 25 4.47 -5.10 -12.52
CA GLY A 25 3.31 -5.53 -13.28
C GLY A 25 2.41 -6.42 -12.43
N VAL A 26 2.43 -6.28 -11.11
CA VAL A 26 1.62 -7.13 -10.24
C VAL A 26 0.16 -6.71 -10.32
N SER A 27 -0.73 -7.55 -9.78
CA SER A 27 -2.12 -7.22 -9.58
C SER A 27 -2.22 -6.63 -8.17
N PHE A 28 -2.76 -5.43 -8.04
CA PHE A 28 -2.87 -4.74 -6.76
C PHE A 28 -4.09 -3.81 -6.71
N GLN A 29 -4.44 -3.31 -5.53
CA GLN A 29 -5.66 -2.55 -5.29
C GLN A 29 -5.28 -1.32 -4.52
N GLU A 30 -5.78 -0.18 -4.96
CA GLU A 30 -5.48 1.12 -4.36
C GLU A 30 -6.75 1.71 -3.75
N LEU A 31 -6.58 2.48 -2.67
CA LEU A 31 -7.65 2.95 -1.81
C LEU A 31 -7.50 4.44 -1.58
N PRO A 32 -8.17 5.27 -2.41
CA PRO A 32 -8.08 6.71 -2.31
C PRO A 32 -8.72 7.18 -1.01
N ILE A 33 -8.02 8.01 -0.24
CA ILE A 33 -8.49 8.59 1.03
C ILE A 33 -8.89 10.06 0.81
N ASP A 34 -8.84 10.55 -0.43
CA ASP A 34 -9.05 11.95 -0.77
C ASP A 34 -10.55 12.27 -0.69
N GLY A 35 -10.91 13.41 -0.09
CA GLY A 35 -12.29 13.85 -0.03
C GLY A 35 -13.19 12.83 0.67
N ASN A 36 -12.65 12.13 1.67
CA ASN A 36 -13.23 10.96 2.32
C ASN A 36 -12.92 11.01 3.82
N ALA A 37 -13.55 10.13 4.60
CA ALA A 37 -13.35 10.00 6.03
C ALA A 37 -13.88 8.66 6.54
N ALA A 38 -14.94 8.09 5.96
CA ALA A 38 -15.35 6.72 6.24
C ALA A 38 -14.20 5.74 6.01
N LYS A 39 -13.61 5.75 4.82
CA LYS A 39 -12.48 4.87 4.49
C LYS A 39 -11.19 5.32 5.19
N ARG A 40 -11.17 6.50 5.82
CA ARG A 40 -10.07 6.97 6.65
C ARG A 40 -10.19 6.29 8.02
N GLU A 41 -11.36 6.32 8.66
CA GLU A 41 -11.56 5.62 9.93
C GLU A 41 -11.44 4.10 9.74
N GLU A 42 -11.72 3.58 8.54
CA GLU A 42 -11.40 2.19 8.21
C GLU A 42 -9.89 2.01 8.34
N MET A 43 -9.09 2.87 7.71
CA MET A 43 -7.65 2.80 7.83
C MET A 43 -7.16 2.99 9.28
N ILE A 44 -7.90 3.68 10.14
CA ILE A 44 -7.61 3.70 11.58
C ILE A 44 -7.80 2.29 12.14
N LYS A 45 -8.94 1.64 11.90
CA LYS A 45 -9.18 0.27 12.36
C LYS A 45 -8.12 -0.70 11.84
N ARG A 46 -7.66 -0.51 10.61
CA ARG A 46 -6.83 -1.45 9.89
C ARG A 46 -5.34 -1.21 10.07
N SER A 47 -4.89 0.02 10.31
CA SER A 47 -3.46 0.35 10.41
C SER A 47 -3.09 1.04 11.74
N GLY A 48 -4.09 1.59 12.45
CA GLY A 48 -3.92 2.48 13.60
C GLY A 48 -3.42 3.88 13.20
N ARG A 49 -2.88 4.02 11.98
CA ARG A 49 -2.14 5.18 11.50
C ARG A 49 -3.04 6.20 10.82
N THR A 50 -3.54 5.85 9.63
CA THR A 50 -4.24 6.66 8.64
C THR A 50 -3.33 7.65 7.90
N THR A 51 -2.04 7.63 8.20
CA THR A 51 -0.98 8.30 7.49
C THR A 51 -0.74 7.52 6.20
N VAL A 52 0.15 8.04 5.36
CA VAL A 52 0.42 7.43 4.06
C VAL A 52 1.94 7.30 3.79
N PRO A 53 2.34 6.40 2.86
CA PRO A 53 1.51 5.36 2.25
C PRO A 53 1.14 4.31 3.31
N GLN A 54 0.11 3.52 3.05
CA GLN A 54 -0.20 2.36 3.87
C GLN A 54 -0.47 1.22 2.93
N ILE A 55 0.54 0.39 2.70
CA ILE A 55 0.40 -0.85 1.95
C ILE A 55 0.04 -1.94 2.95
N PHE A 56 -0.76 -2.88 2.47
CA PHE A 56 -1.14 -4.14 3.06
C PHE A 56 -0.94 -5.19 1.97
N ILE A 57 -0.61 -6.42 2.33
CA ILE A 57 -0.62 -7.56 1.43
C ILE A 57 -1.24 -8.68 2.27
N ASP A 58 -2.40 -9.19 1.89
CA ASP A 58 -3.07 -10.30 2.54
C ASP A 58 -3.41 -9.94 4.00
N ALA A 59 -3.87 -8.71 4.20
CA ALA A 59 -4.24 -8.05 5.45
C ALA A 59 -3.05 -7.61 6.31
N GLN A 60 -1.85 -8.02 5.95
CA GLN A 60 -0.60 -7.79 6.65
C GLN A 60 -0.25 -6.33 6.41
N HIS A 61 -0.51 -5.45 7.38
CA HIS A 61 -0.14 -4.04 7.27
C HIS A 61 1.38 -3.98 7.13
N ILE A 62 1.89 -3.67 5.94
CA ILE A 62 3.31 -3.66 5.64
C ILE A 62 3.95 -2.43 6.27
N GLY A 63 3.44 -1.24 5.93
CA GLY A 63 4.06 0.03 6.25
C GLY A 63 3.94 0.95 5.05
N GLY A 64 4.98 1.74 4.78
CA GLY A 64 5.06 2.73 3.72
C GLY A 64 5.92 2.21 2.55
N TYR A 65 6.25 3.08 1.59
CA TYR A 65 6.97 2.67 0.39
C TYR A 65 8.28 2.00 0.72
N ASP A 66 9.04 2.53 1.68
CA ASP A 66 10.35 1.98 2.01
C ASP A 66 10.20 0.56 2.56
N ASP A 67 9.15 0.32 3.34
CA ASP A 67 8.85 -0.99 3.94
C ASP A 67 8.50 -2.00 2.86
N LEU A 68 7.64 -1.57 1.93
CA LEU A 68 7.16 -2.33 0.80
C LEU A 68 8.30 -2.68 -0.13
N TYR A 69 9.04 -1.67 -0.58
CA TYR A 69 10.13 -1.87 -1.50
C TYR A 69 11.18 -2.75 -0.81
N ALA A 70 11.39 -2.61 0.50
CA ALA A 70 12.27 -3.51 1.22
C ALA A 70 11.73 -4.95 1.25
N LEU A 71 10.43 -5.16 1.48
CA LEU A 71 9.83 -6.49 1.42
C LEU A 71 10.07 -7.11 0.04
N ASP A 72 9.84 -6.34 -1.02
CA ASP A 72 10.09 -6.78 -2.39
C ASP A 72 11.56 -7.08 -2.61
N ALA A 73 12.44 -6.25 -2.06
CA ALA A 73 13.89 -6.40 -2.13
C ALA A 73 14.33 -7.69 -1.44
N ARG A 74 13.60 -8.12 -0.41
CA ARG A 74 13.86 -9.36 0.31
C ARG A 74 13.43 -10.57 -0.52
N GLY A 75 12.61 -10.38 -1.56
CA GLY A 75 11.99 -11.49 -2.26
C GLY A 75 10.71 -11.93 -1.55
N GLY A 76 10.07 -11.02 -0.81
CA GLY A 76 8.84 -11.32 -0.07
C GLY A 76 7.58 -10.80 -0.77
N LEU A 77 7.71 -10.03 -1.85
CA LEU A 77 6.58 -9.63 -2.68
C LEU A 77 6.30 -10.73 -3.70
N ASP A 78 7.34 -11.20 -4.38
CA ASP A 78 7.26 -12.08 -5.54
C ASP A 78 6.55 -13.41 -5.21
N PRO A 79 6.79 -14.13 -4.08
CA PRO A 79 6.06 -15.36 -3.78
C PRO A 79 4.57 -15.13 -3.49
N LEU A 80 4.15 -13.88 -3.30
CA LEU A 80 2.77 -13.54 -3.00
C LEU A 80 2.09 -12.98 -4.25
N LEU A 81 2.72 -12.03 -4.94
CA LEU A 81 2.15 -11.21 -6.00
C LEU A 81 2.78 -11.42 -7.38
N LYS A 82 3.67 -12.41 -7.51
CA LYS A 82 4.37 -12.78 -8.72
C LYS A 82 5.14 -11.63 -9.33
N ALA A 1 -2.23 -12.87 -3.13
CA ALA A 1 -2.67 -12.11 -1.95
C ALA A 1 -3.70 -11.07 -2.35
N ASN A 2 -4.44 -10.51 -1.37
CA ASN A 2 -4.98 -9.17 -1.52
C ASN A 2 -3.77 -8.26 -1.36
N VAL A 3 -3.63 -7.28 -2.23
CA VAL A 3 -2.54 -6.32 -2.15
C VAL A 3 -3.18 -4.97 -2.23
N GLU A 4 -3.51 -4.48 -1.05
CA GLU A 4 -4.35 -3.33 -0.88
C GLU A 4 -3.46 -2.14 -0.49
N ILE A 5 -3.52 -1.04 -1.25
CA ILE A 5 -2.59 0.08 -1.09
C ILE A 5 -3.34 1.40 -0.90
N TYR A 6 -3.41 1.87 0.35
CA TYR A 6 -4.11 3.11 0.67
C TYR A 6 -3.26 4.29 0.20
N THR A 7 -3.89 5.36 -0.31
CA THR A 7 -3.21 6.52 -0.91
C THR A 7 -4.06 7.81 -0.77
N LYS A 8 -3.52 9.00 -1.08
CA LYS A 8 -4.28 10.25 -1.23
C LYS A 8 -3.76 10.95 -2.49
N GLU A 9 -4.41 12.06 -2.88
CA GLU A 9 -4.23 12.72 -4.17
C GLU A 9 -2.77 13.07 -4.47
N THR A 10 -2.03 13.50 -3.46
CA THR A 10 -0.60 13.66 -3.53
C THR A 10 -0.01 13.05 -2.26
N CYS A 11 1.17 12.44 -2.41
CA CYS A 11 1.86 11.60 -1.45
C CYS A 11 3.07 11.04 -2.22
N PRO A 12 4.31 11.55 -2.02
CA PRO A 12 5.45 11.17 -2.86
C PRO A 12 5.79 9.69 -2.68
N TYR A 13 5.53 9.15 -1.49
CA TYR A 13 5.75 7.75 -1.17
C TYR A 13 4.69 6.88 -1.83
N CYS A 14 3.44 7.33 -1.91
CA CYS A 14 2.38 6.62 -2.62
C CYS A 14 2.75 6.50 -4.09
N HIS A 15 3.18 7.62 -4.68
CA HIS A 15 3.72 7.64 -6.03
C HIS A 15 4.85 6.61 -6.16
N ARG A 16 5.88 6.64 -5.29
CA ARG A 16 6.98 5.67 -5.37
C ARG A 16 6.48 4.22 -5.30
N ALA A 17 5.65 3.88 -4.31
CA ALA A 17 5.21 2.51 -4.12
C ALA A 17 4.34 2.05 -5.28
N LYS A 18 3.32 2.81 -5.68
CA LYS A 18 2.48 2.41 -6.82
C LYS A 18 3.31 2.32 -8.10
N ALA A 19 4.28 3.22 -8.28
CA ALA A 19 5.19 3.13 -9.41
C ALA A 19 5.98 1.83 -9.36
N LEU A 20 6.40 1.38 -8.16
CA LEU A 20 7.13 0.13 -8.02
C LEU A 20 6.26 -1.01 -8.55
N LEU A 21 5.00 -1.05 -8.10
CA LEU A 21 4.09 -2.13 -8.41
C LEU A 21 3.72 -2.14 -9.89
N SER A 22 3.45 -0.97 -10.49
CA SER A 22 3.14 -0.89 -11.91
C SER A 22 4.39 -1.16 -12.76
N SER A 23 5.59 -0.84 -12.28
CA SER A 23 6.83 -1.23 -12.95
C SER A 23 7.05 -2.73 -12.82
N LYS A 24 6.69 -3.36 -11.69
CA LYS A 24 6.73 -4.80 -11.58
C LYS A 24 5.55 -5.43 -12.34
N GLY A 25 4.53 -4.66 -12.72
CA GLY A 25 3.40 -5.09 -13.51
C GLY A 25 2.43 -5.95 -12.70
N VAL A 26 2.42 -5.81 -11.38
CA VAL A 26 1.64 -6.71 -10.54
C VAL A 26 0.18 -6.24 -10.47
N SER A 27 -0.72 -7.18 -10.21
CA SER A 27 -2.13 -6.96 -9.91
C SER A 27 -2.24 -6.57 -8.43
N PHE A 28 -2.68 -5.34 -8.15
CA PHE A 28 -2.93 -4.85 -6.80
C PHE A 28 -4.26 -4.05 -6.79
N GLN A 29 -4.71 -3.57 -5.63
CA GLN A 29 -5.90 -2.75 -5.39
C GLN A 29 -5.43 -1.51 -4.66
N GLU A 30 -6.03 -0.35 -4.93
CA GLU A 30 -5.72 0.89 -4.21
C GLU A 30 -6.94 1.37 -3.43
N LEU A 31 -6.70 2.09 -2.35
CA LEU A 31 -7.73 2.51 -1.39
C LEU A 31 -7.57 4.00 -1.07
N PRO A 32 -8.09 4.88 -1.94
CA PRO A 32 -7.88 6.31 -1.82
C PRO A 32 -8.55 6.88 -0.57
N ILE A 33 -7.97 7.92 0.01
CA ILE A 33 -8.53 8.75 1.07
C ILE A 33 -8.50 10.23 0.66
N ASP A 34 -8.31 10.53 -0.62
CA ASP A 34 -8.50 11.84 -1.18
C ASP A 34 -9.99 12.17 -1.08
N GLY A 35 -10.34 13.33 -0.51
CA GLY A 35 -11.73 13.77 -0.35
C GLY A 35 -12.62 12.73 0.33
N ASN A 36 -12.08 11.88 1.21
CA ASN A 36 -12.77 10.72 1.73
C ASN A 36 -12.33 10.43 3.17
N ALA A 37 -12.90 11.14 4.15
CA ALA A 37 -12.74 10.77 5.56
C ALA A 37 -13.44 9.45 5.86
N ALA A 38 -14.51 9.13 5.13
CA ALA A 38 -15.40 8.02 5.46
C ALA A 38 -14.63 6.70 5.57
N LYS A 39 -13.90 6.34 4.51
CA LYS A 39 -13.05 5.15 4.49
C LYS A 39 -11.65 5.44 5.06
N ARG A 40 -11.32 6.70 5.36
CA ARG A 40 -10.10 6.99 6.12
C ARG A 40 -10.17 6.40 7.51
N GLU A 41 -11.30 6.57 8.21
CA GLU A 41 -11.38 6.06 9.59
C GLU A 41 -11.28 4.53 9.61
N GLU A 42 -11.74 3.85 8.55
CA GLU A 42 -11.59 2.40 8.39
C GLU A 42 -10.11 2.00 8.48
N MET A 43 -9.23 2.84 7.92
CA MET A 43 -7.80 2.63 7.92
C MET A 43 -7.21 2.60 9.34
N ILE A 44 -7.92 3.12 10.35
CA ILE A 44 -7.52 3.06 11.75
C ILE A 44 -7.51 1.59 12.17
N LYS A 45 -8.63 0.86 12.21
CA LYS A 45 -8.61 -0.53 12.66
C LYS A 45 -7.71 -1.41 11.78
N ARG A 46 -7.54 -1.06 10.52
CA ARG A 46 -6.65 -1.77 9.61
C ARG A 46 -5.18 -1.57 10.00
N SER A 47 -4.71 -0.35 10.33
CA SER A 47 -3.28 -0.07 10.46
C SER A 47 -2.80 0.45 11.81
N GLY A 48 -3.71 1.05 12.57
CA GLY A 48 -3.43 1.82 13.77
C GLY A 48 -2.89 3.22 13.44
N ARG A 49 -2.80 3.66 12.18
CA ARG A 49 -2.07 4.86 11.76
C ARG A 49 -2.91 5.87 10.97
N THR A 50 -3.53 5.46 9.87
CA THR A 50 -4.27 6.24 8.87
C THR A 50 -3.40 7.18 8.01
N THR A 51 -2.09 6.96 8.05
CA THR A 51 -1.10 7.56 7.16
C THR A 51 -1.15 6.86 5.81
N VAL A 52 -0.38 7.30 4.83
CA VAL A 52 -0.26 6.57 3.56
C VAL A 52 1.20 6.68 3.03
N PRO A 53 1.63 5.86 2.07
CA PRO A 53 0.92 4.69 1.57
C PRO A 53 0.84 3.63 2.67
N GLN A 54 -0.12 2.73 2.52
CA GLN A 54 -0.21 1.58 3.40
C GLN A 54 -0.49 0.38 2.53
N ILE A 55 0.53 -0.42 2.30
CA ILE A 55 0.37 -1.69 1.63
C ILE A 55 -0.14 -2.67 2.68
N PHE A 56 -1.01 -3.57 2.27
CA PHE A 56 -1.58 -4.63 3.05
C PHE A 56 -1.49 -5.88 2.20
N ILE A 57 -0.78 -6.92 2.66
CA ILE A 57 -0.59 -8.16 1.92
C ILE A 57 -1.33 -9.24 2.70
N ASP A 58 -2.56 -9.56 2.32
CA ASP A 58 -3.46 -10.40 3.12
C ASP A 58 -3.52 -9.90 4.57
N ALA A 59 -4.07 -8.70 4.72
CA ALA A 59 -4.40 -8.00 5.97
C ALA A 59 -3.19 -7.45 6.72
N GLN A 60 -2.01 -7.91 6.34
CA GLN A 60 -0.71 -7.64 6.92
C GLN A 60 -0.30 -6.22 6.53
N HIS A 61 -0.53 -5.22 7.40
CA HIS A 61 -0.10 -3.86 7.13
C HIS A 61 1.42 -3.85 7.08
N ILE A 62 1.98 -3.63 5.89
CA ILE A 62 3.41 -3.58 5.67
C ILE A 62 3.92 -2.26 6.25
N GLY A 63 3.49 -1.14 5.67
CA GLY A 63 3.94 0.19 6.04
C GLY A 63 3.99 1.05 4.78
N GLY A 64 4.97 1.95 4.73
CA GLY A 64 5.12 2.96 3.69
C GLY A 64 5.88 2.43 2.49
N TYR A 65 6.36 3.34 1.62
CA TYR A 65 7.15 2.95 0.47
C TYR A 65 8.46 2.31 0.87
N ASP A 66 9.15 2.85 1.89
CA ASP A 66 10.42 2.28 2.36
C ASP A 66 10.23 0.82 2.75
N ASP A 67 9.14 0.56 3.47
CA ASP A 67 8.78 -0.77 3.98
C ASP A 67 8.50 -1.71 2.80
N LEU A 68 7.69 -1.25 1.85
CA LEU A 68 7.32 -1.99 0.65
C LEU A 68 8.53 -2.30 -0.22
N TYR A 69 9.34 -1.29 -0.49
CA TYR A 69 10.47 -1.39 -1.36
C TYR A 69 11.53 -2.29 -0.71
N ALA A 70 11.65 -2.26 0.61
CA ALA A 70 12.46 -3.22 1.34
C ALA A 70 11.86 -4.63 1.24
N LEU A 71 10.54 -4.81 1.38
CA LEU A 71 9.88 -6.11 1.21
C LEU A 71 10.19 -6.68 -0.17
N ASP A 72 10.09 -5.86 -1.21
CA ASP A 72 10.45 -6.25 -2.56
C ASP A 72 11.94 -6.54 -2.69
N ALA A 73 12.78 -5.70 -2.07
CA ALA A 73 14.23 -5.91 -2.05
C ALA A 73 14.58 -7.22 -1.35
N ARG A 74 13.76 -7.66 -0.39
CA ARG A 74 13.95 -8.89 0.37
C ARG A 74 13.62 -10.08 -0.51
N GLY A 75 12.87 -9.87 -1.60
CA GLY A 75 12.27 -10.92 -2.40
C GLY A 75 11.05 -11.48 -1.68
N GLY A 76 10.43 -10.70 -0.77
CA GLY A 76 9.27 -11.12 -0.01
C GLY A 76 7.96 -10.60 -0.60
N LEU A 77 8.01 -9.65 -1.53
CA LEU A 77 6.81 -9.14 -2.21
C LEU A 77 6.39 -10.11 -3.30
N ASP A 78 7.34 -10.52 -4.15
CA ASP A 78 7.12 -11.34 -5.36
C ASP A 78 6.20 -12.56 -5.08
N PRO A 79 6.49 -13.43 -4.09
CA PRO A 79 5.70 -14.65 -3.87
C PRO A 79 4.34 -14.37 -3.22
N LEU A 80 3.97 -13.10 -3.00
CA LEU A 80 2.68 -12.71 -2.47
C LEU A 80 1.85 -12.00 -3.54
N LEU A 81 2.41 -11.76 -4.73
CA LEU A 81 1.73 -11.08 -5.83
C LEU A 81 1.36 -12.02 -6.97
N LYS A 82 1.57 -13.33 -6.82
CA LYS A 82 1.35 -14.34 -7.85
C LYS A 82 0.83 -15.59 -7.18
#